data_9CW0
#
_entry.id   9CW0
#
_cell.length_a   116.430
_cell.length_b   51.778
_cell.length_c   163.126
_cell.angle_alpha   90.00
_cell.angle_beta   90.00
_cell.angle_gamma   90.00
#
_symmetry.space_group_name_H-M   'P 1 21 1'
#
loop_
_entity.id
_entity.type
_entity.pdbx_description
1 polymer 'Nitric oxide synthase, brain'
2 non-polymer 'PROTOPORPHYRIN IX CONTAINING FE'
3 non-polymer 5,6,7,8-TETRAHYDROBIOPTERIN
4 non-polymer (6M)-6-{5-[(3,3-difluoroazetidin-1-yl)methyl]-2,3-difluorophenyl}-4-methylpyridin-2-amine
5 non-polymer GLYCEROL
6 non-polymer 'ZINC ION'
7 water water
#
_entity_poly.entity_id   1
_entity_poly.type   'polypeptide(L)'
_entity_poly.pdbx_seq_one_letter_code
;CPRFLKVKNWETEVVLTDTLHLKSTLETGCTEYICMGSIMHPSQHARRPEDVATKDQLFPLAKEFIDQYYSSIKRFGSKA
HMERLEEVNKEIDTTSTYQLKDTELIYGAKHAWRNASRCVGRIQWSKLQVFDARDCTTAHGMFNYICNHVKYATNKGNLR
SAITIFPQRTDGKHDFRVWNSQLIRYAGYKQPDGSTLGDPANVQFTEICIQQGWKPPRGRFDVLPLLLQANGNDPELFQI
PPELVLEVPIRHPKFEWFKDLGLKWYGLPAVSNMLLEIGGLEFSACPFSGWYMGTEIGVRDYCDNSRYNILEEVAKKMNL
DMRKTSSLWKDQALVEINIAVLYSFQSDKVTIVDHHSATESFIKHMENEYRCRGGCPADWVWIVPPMSGSITPVFHQEML
NYRLTPSFEYQPDPWNTHVWKLV
;
_entity_poly.pdbx_strand_id   A,B,C,D
#
loop_
_chem_comp.id
_chem_comp.type
_chem_comp.name
_chem_comp.formula
A1A0D non-polymer (6M)-6-{5-[(3,3-difluoroazetidin-1-yl)methyl]-2,3-difluorophenyl}-4-methylpyridin-2-amine 'C16 H15 F4 N3'
GOL non-polymer GLYCEROL 'C3 H8 O3'
H4B non-polymer 5,6,7,8-TETRAHYDROBIOPTERIN 'C9 H15 N5 O3'
HEM non-polymer 'PROTOPORPHYRIN IX CONTAINING FE' 'C34 H32 Fe N4 O4'
ZN non-polymer 'ZINC ION' 'Zn 2'
#
# COMPACT_ATOMS: atom_id res chain seq x y z
N ARG A 3 21.35 41.57 -18.74
CA ARG A 3 19.99 41.23 -19.13
C ARG A 3 19.72 39.73 -18.90
N PHE A 4 20.78 38.97 -18.67
CA PHE A 4 20.69 37.54 -18.37
C PHE A 4 21.77 37.21 -17.35
N LEU A 5 21.41 36.39 -16.36
CA LEU A 5 22.39 35.84 -15.42
C LEU A 5 22.31 34.32 -15.49
N LYS A 6 23.45 33.65 -15.43
CA LYS A 6 23.46 32.20 -15.53
C LYS A 6 23.77 31.59 -14.18
N VAL A 7 23.10 30.48 -13.87
CA VAL A 7 23.38 29.67 -12.69
C VAL A 7 23.65 28.25 -13.16
N LYS A 8 24.65 27.63 -12.56
CA LYS A 8 25.11 26.32 -12.95
C LYS A 8 24.92 25.35 -11.79
N ASN A 9 24.53 24.12 -12.09
CA ASN A 9 24.60 23.04 -11.12
C ASN A 9 25.92 22.32 -11.37
N TRP A 10 26.80 22.33 -10.37
CA TRP A 10 28.14 21.75 -10.53
C TRP A 10 28.13 20.23 -10.46
N GLU A 11 27.02 19.62 -10.07
CA GLU A 11 26.88 18.17 -10.09
C GLU A 11 26.41 17.66 -11.45
N THR A 12 25.40 18.31 -12.04
CA THR A 12 24.81 17.88 -13.29
C THR A 12 25.33 18.65 -14.51
N GLU A 13 25.98 19.78 -14.33
CA GLU A 13 26.39 20.72 -15.38
C GLU A 13 25.21 21.48 -16.00
N VAL A 14 23.97 21.23 -15.56
CA VAL A 14 22.84 21.99 -16.06
C VAL A 14 23.08 23.47 -15.79
N VAL A 15 22.76 24.31 -16.78
CA VAL A 15 22.88 25.75 -16.65
C VAL A 15 21.52 26.39 -16.93
N LEU A 16 21.05 27.23 -16.01
CA LEU A 16 19.79 27.94 -16.15
C LEU A 16 20.05 29.44 -16.29
N THR A 17 19.18 30.12 -17.03
CA THR A 17 19.34 31.53 -17.37
C THR A 17 18.28 32.34 -16.66
N ASP A 18 18.69 33.26 -15.81
CA ASP A 18 17.75 34.00 -14.97
C ASP A 18 17.52 35.37 -15.61
N THR A 19 16.28 35.60 -16.03
CA THR A 19 15.82 36.92 -16.43
C THR A 19 14.88 37.54 -15.40
N LEU A 20 14.34 36.71 -14.50
CA LEU A 20 13.33 37.18 -13.56
C LEU A 20 13.89 38.23 -12.62
N HIS A 21 15.19 38.14 -12.29
CA HIS A 21 15.80 39.08 -11.35
C HIS A 21 15.70 40.52 -11.81
N LEU A 22 15.52 40.76 -13.11
CA LEU A 22 15.31 42.12 -13.58
C LEU A 22 14.05 42.73 -12.98
N LYS A 23 13.10 41.91 -12.53
CA LYS A 23 11.85 42.41 -11.96
C LYS A 23 11.93 42.62 -10.46
N SER A 24 13.07 42.38 -9.84
CA SER A 24 13.17 42.67 -8.41
C SER A 24 13.30 44.17 -8.21
N THR A 25 12.74 44.67 -7.12
CA THR A 25 12.73 46.10 -6.85
C THR A 25 13.13 46.45 -5.43
N LEU A 26 13.23 45.47 -4.53
CA LEU A 26 13.54 45.71 -3.13
C LEU A 26 14.88 45.06 -2.81
N GLU A 27 15.50 45.55 -1.72
CA GLU A 27 16.90 45.28 -1.47
C GLU A 27 17.15 43.89 -0.88
N THR A 28 18.28 43.29 -1.26
CA THR A 28 18.76 42.05 -0.68
C THR A 28 19.56 42.27 0.59
N GLY A 29 20.15 43.44 0.77
CA GLY A 29 21.04 43.68 1.87
C GLY A 29 22.51 43.68 1.50
N CYS A 30 22.87 43.09 0.36
CA CYS A 30 24.24 43.18 -0.13
C CYS A 30 24.49 44.51 -0.80
N THR A 31 25.77 44.82 -0.98
CA THR A 31 26.21 45.89 -1.84
C THR A 31 27.12 45.30 -2.90
N GLU A 32 27.54 46.14 -3.84
CA GLU A 32 28.43 45.65 -4.89
C GLU A 32 29.76 45.16 -4.35
N TYR A 33 30.16 45.62 -3.17
CA TYR A 33 31.47 45.29 -2.62
C TYR A 33 31.40 44.43 -1.37
N ILE A 34 30.22 44.10 -0.86
CA ILE A 34 30.16 43.18 0.28
C ILE A 34 28.90 42.36 0.20
N CYS A 35 29.05 41.05 0.41
CA CYS A 35 27.92 40.14 0.37
C CYS A 35 27.44 39.88 1.78
N MET A 36 26.13 40.03 2.00
CA MET A 36 25.50 39.79 3.30
C MET A 36 24.59 38.57 3.25
N GLY A 37 24.92 37.62 2.35
CA GLY A 37 24.11 36.44 2.12
C GLY A 37 23.78 35.64 3.36
N SER A 38 24.60 35.69 4.41
CA SER A 38 24.35 34.89 5.60
C SER A 38 23.84 35.74 6.78
N ILE A 39 23.59 37.02 6.57
CA ILE A 39 22.92 37.83 7.58
C ILE A 39 21.45 37.42 7.63
N MET A 40 20.94 37.14 8.84
CA MET A 40 19.59 36.61 8.92
C MET A 40 18.53 37.68 8.65
N HIS A 41 18.71 38.88 9.22
CA HIS A 41 17.80 40.01 9.04
C HIS A 41 18.62 41.20 8.55
N PRO A 42 18.81 41.35 7.24
CA PRO A 42 19.69 42.44 6.77
C PRO A 42 19.15 43.84 7.08
N ASP A 51 5.37 53.52 10.60
CA ASP A 51 5.71 53.29 9.19
C ASP A 51 4.53 52.67 8.43
N VAL A 52 3.74 53.51 7.79
CA VAL A 52 2.71 53.05 6.85
C VAL A 52 2.88 53.83 5.55
N ALA A 53 2.68 53.14 4.44
CA ALA A 53 2.90 53.75 3.13
C ALA A 53 1.97 54.93 2.92
N THR A 54 2.52 56.04 2.45
CA THR A 54 1.71 57.20 2.12
C THR A 54 0.97 56.98 0.81
N LYS A 55 0.11 57.94 0.46
CA LYS A 55 -0.68 57.84 -0.75
C LYS A 55 0.21 57.67 -1.98
N ASP A 56 1.21 58.55 -2.12
CA ASP A 56 2.08 58.50 -3.28
C ASP A 56 2.95 57.26 -3.29
N GLN A 57 3.36 56.79 -2.12
CA GLN A 57 4.09 55.53 -2.05
C GLN A 57 3.21 54.36 -2.49
N LEU A 58 1.92 54.40 -2.16
CA LEU A 58 1.10 53.22 -2.37
C LEU A 58 0.71 53.05 -3.84
N PHE A 59 0.48 54.16 -4.56
CA PHE A 59 0.03 54.14 -5.94
C PHE A 59 0.89 53.20 -6.79
N PRO A 60 2.19 53.44 -6.93
CA PRO A 60 2.96 52.58 -7.86
C PRO A 60 3.11 51.15 -7.37
N LEU A 61 3.11 50.91 -6.06
CA LEU A 61 3.13 49.54 -5.58
C LEU A 61 1.85 48.80 -5.98
N ALA A 62 0.70 49.45 -5.78
CA ALA A 62 -0.57 48.85 -6.19
C ALA A 62 -0.58 48.58 -7.69
N LYS A 63 -0.18 49.58 -8.48
CA LYS A 63 -0.19 49.39 -9.93
C LYS A 63 0.67 48.20 -10.34
N GLU A 64 1.91 48.16 -9.86
CA GLU A 64 2.81 47.05 -10.18
C GLU A 64 2.14 45.72 -9.87
N PHE A 65 1.50 45.60 -8.71
CA PHE A 65 0.85 44.34 -8.37
C PHE A 65 -0.36 44.05 -9.26
N ILE A 66 -1.18 45.06 -9.54
CA ILE A 66 -2.35 44.82 -10.37
C ILE A 66 -1.92 44.46 -11.79
N ASP A 67 -0.95 45.20 -12.33
CA ASP A 67 -0.34 44.84 -13.61
C ASP A 67 0.11 43.39 -13.59
N GLN A 68 0.85 42.99 -12.56
CA GLN A 68 1.35 41.63 -12.48
C GLN A 68 0.20 40.63 -12.40
N TYR A 69 -0.83 40.95 -11.63
CA TYR A 69 -1.98 40.05 -11.55
C TYR A 69 -2.65 39.90 -12.93
N TYR A 70 -2.84 41.01 -13.64
CA TYR A 70 -3.56 40.91 -14.90
C TYR A 70 -2.70 40.31 -15.98
N SER A 71 -1.39 40.54 -15.91
CA SER A 71 -0.46 39.81 -16.77
C SER A 71 -0.54 38.31 -16.52
N SER A 72 -0.65 37.91 -15.23
CA SER A 72 -0.63 36.49 -14.92
C SER A 72 -1.84 35.76 -15.50
N ILE A 73 -3.00 36.41 -15.51
CA ILE A 73 -4.22 35.82 -16.05
C ILE A 73 -4.43 36.22 -17.50
N LYS A 74 -3.39 36.71 -18.17
CA LYS A 74 -3.45 36.99 -19.61
C LYS A 74 -4.58 37.96 -19.95
N ARG A 75 -4.72 38.99 -19.11
CA ARG A 75 -5.69 40.06 -19.35
C ARG A 75 -5.03 41.42 -19.26
N PHE A 76 -3.71 41.48 -19.47
CA PHE A 76 -3.00 42.75 -19.36
C PHE A 76 -3.50 43.71 -20.43
N GLY A 77 -3.75 44.95 -20.04
CA GLY A 77 -4.30 45.93 -20.95
C GLY A 77 -5.78 45.80 -21.19
N SER A 78 -6.45 44.84 -20.55
CA SER A 78 -7.87 44.63 -20.78
C SER A 78 -8.69 45.75 -20.12
N LYS A 79 -9.96 45.82 -20.55
CA LYS A 79 -10.90 46.74 -19.91
C LYS A 79 -10.99 46.46 -18.41
N ALA A 80 -11.05 45.19 -18.02
CA ALA A 80 -11.08 44.83 -16.60
C ALA A 80 -9.79 45.23 -15.90
N HIS A 81 -8.64 45.06 -16.57
CA HIS A 81 -7.38 45.52 -15.99
C HIS A 81 -7.40 47.02 -15.76
N MET A 82 -7.77 47.78 -16.80
CA MET A 82 -7.78 49.24 -16.72
C MET A 82 -8.78 49.75 -15.69
N GLU A 83 -9.98 49.17 -15.64
CA GLU A 83 -10.97 49.66 -14.67
C GLU A 83 -10.53 49.33 -13.25
N ARG A 84 -9.97 48.14 -13.05
CA ARG A 84 -9.43 47.79 -11.74
C ARG A 84 -8.39 48.80 -11.27
N LEU A 85 -7.45 49.12 -12.17
CA LEU A 85 -6.44 50.14 -11.87
C LEU A 85 -7.08 51.46 -11.45
N GLU A 86 -8.06 51.91 -12.22
CA GLU A 86 -8.77 53.13 -11.89
C GLU A 86 -9.49 53.00 -10.56
N GLU A 87 -10.15 51.85 -10.34
CA GLU A 87 -10.84 51.62 -9.08
C GLU A 87 -9.85 51.64 -7.92
N VAL A 88 -8.65 51.06 -8.09
CA VAL A 88 -7.66 51.04 -7.02
C VAL A 88 -7.17 52.46 -6.74
N ASN A 89 -6.85 53.22 -7.78
CA ASN A 89 -6.42 54.60 -7.61
C ASN A 89 -7.46 55.43 -6.90
N LYS A 90 -8.75 55.17 -7.20
CA LYS A 90 -9.83 55.87 -6.51
C LYS A 90 -9.78 55.59 -5.01
N GLU A 91 -9.70 54.32 -4.62
CA GLU A 91 -9.66 53.97 -3.20
C GLU A 91 -8.44 54.57 -2.52
N ILE A 92 -7.27 54.44 -3.13
CA ILE A 92 -6.08 55.07 -2.56
C ILE A 92 -6.31 56.57 -2.40
N ASP A 93 -6.75 57.23 -3.48
CA ASP A 93 -7.01 58.66 -3.46
C ASP A 93 -7.98 59.05 -2.35
N THR A 94 -9.02 58.24 -2.12
CA THR A 94 -10.06 58.62 -1.15
C THR A 94 -9.74 58.15 0.26
N THR A 95 -9.28 56.91 0.42
CA THR A 95 -9.15 56.27 1.72
C THR A 95 -7.70 56.06 2.14
N SER A 96 -6.74 56.48 1.32
CA SER A 96 -5.31 56.29 1.54
C SER A 96 -4.88 54.83 1.52
N THR A 97 -5.79 53.93 1.14
CA THR A 97 -5.48 52.50 1.06
C THR A 97 -6.42 51.91 0.01
N TYR A 98 -6.34 50.59 -0.16
CA TYR A 98 -7.32 49.93 -1.01
C TYR A 98 -7.54 48.51 -0.52
N GLN A 99 -8.50 47.84 -1.13
CA GLN A 99 -8.91 46.49 -0.76
C GLN A 99 -8.68 45.55 -1.93
N LEU A 100 -7.92 44.49 -1.71
CA LEU A 100 -7.78 43.44 -2.71
C LEU A 100 -9.11 42.72 -2.94
N LYS A 101 -9.40 42.45 -4.21
CA LYS A 101 -10.37 41.42 -4.56
C LYS A 101 -9.90 40.07 -4.02
N ASP A 102 -10.84 39.15 -3.86
CA ASP A 102 -10.51 37.81 -3.38
C ASP A 102 -9.49 37.13 -4.29
N THR A 103 -9.72 37.22 -5.61
CA THR A 103 -8.81 36.63 -6.58
C THR A 103 -7.40 37.17 -6.40
N GLU A 104 -7.29 38.48 -6.18
CA GLU A 104 -6.00 39.10 -6.00
C GLU A 104 -5.36 38.63 -4.71
N LEU A 105 -6.14 38.56 -3.64
CA LEU A 105 -5.65 38.05 -2.37
C LEU A 105 -5.09 36.64 -2.53
N ILE A 106 -5.83 35.75 -3.20
CA ILE A 106 -5.33 34.39 -3.39
C ILE A 106 -4.06 34.39 -4.21
N TYR A 107 -4.05 35.15 -5.31
CA TYR A 107 -2.87 35.27 -6.16
C TYR A 107 -1.68 35.82 -5.38
N GLY A 108 -1.91 36.88 -4.61
CA GLY A 108 -0.82 37.50 -3.87
C GLY A 108 -0.23 36.56 -2.84
N ALA A 109 -1.10 35.84 -2.11
CA ALA A 109 -0.60 34.94 -1.07
C ALA A 109 0.19 33.79 -1.66
N LYS A 110 -0.31 33.20 -2.76
CA LYS A 110 0.42 32.14 -3.42
C LYS A 110 1.75 32.62 -3.95
N HIS A 111 1.80 33.85 -4.46
CA HIS A 111 3.04 34.35 -5.03
C HIS A 111 4.03 34.79 -3.96
N ALA A 112 3.56 35.25 -2.80
CA ALA A 112 4.49 35.49 -1.72
C ALA A 112 5.18 34.21 -1.30
N TRP A 113 4.45 33.10 -1.30
CA TRP A 113 5.07 31.81 -1.08
C TRP A 113 6.02 31.47 -2.22
N ARG A 114 5.55 31.65 -3.46
CA ARG A 114 6.37 31.38 -4.63
C ARG A 114 7.66 32.17 -4.60
N ASN A 115 7.62 33.37 -4.00
CA ASN A 115 8.77 34.27 -3.97
C ASN A 115 9.62 34.12 -2.72
N ALA A 116 9.26 33.21 -1.80
CA ALA A 116 10.00 33.06 -0.56
C ALA A 116 11.33 32.37 -0.84
N SER A 117 12.38 33.16 -1.03
CA SER A 117 13.63 32.58 -1.48
CA SER A 117 13.68 32.64 -1.43
C SER A 117 14.18 31.55 -0.49
N ARG A 118 13.81 31.62 0.78
CA ARG A 118 14.32 30.72 1.80
C ARG A 118 13.49 29.46 1.96
N CYS A 119 12.46 29.24 1.15
CA CYS A 119 11.57 28.11 1.34
C CYS A 119 11.90 27.00 0.34
N VAL A 120 12.26 25.83 0.85
CA VAL A 120 12.56 24.70 -0.03
C VAL A 120 11.31 23.96 -0.50
N GLY A 121 10.13 24.29 0.05
CA GLY A 121 8.94 23.54 -0.25
C GLY A 121 8.11 24.17 -1.35
N ARG A 122 8.70 25.07 -2.14
CA ARG A 122 7.89 25.90 -3.02
C ARG A 122 7.36 25.18 -4.25
N ILE A 123 7.73 23.92 -4.49
CA ILE A 123 7.10 23.19 -5.58
C ILE A 123 5.60 23.12 -5.38
N GLN A 124 5.14 23.26 -4.14
CA GLN A 124 3.74 23.20 -3.73
C GLN A 124 3.02 24.55 -3.80
N TRP A 125 3.72 25.62 -4.22
CA TRP A 125 3.22 26.98 -4.02
C TRP A 125 1.83 27.19 -4.61
N SER A 126 1.53 26.57 -5.75
CA SER A 126 0.24 26.85 -6.38
C SER A 126 -0.90 26.11 -5.70
N LYS A 127 -0.61 25.20 -4.78
CA LYS A 127 -1.62 24.40 -4.10
C LYS A 127 -1.77 24.91 -2.66
N LEU A 128 -2.32 26.11 -2.52
CA LEU A 128 -2.34 26.78 -1.23
C LEU A 128 -3.77 27.19 -0.95
N GLN A 129 -4.28 26.76 0.20
CA GLN A 129 -5.65 27.10 0.59
C GLN A 129 -5.63 28.44 1.30
N VAL A 130 -6.33 29.43 0.76
CA VAL A 130 -6.26 30.80 1.25
C VAL A 130 -7.56 31.09 1.99
N PHE A 131 -7.46 31.35 3.30
CA PHE A 131 -8.61 31.66 4.12
C PHE A 131 -8.64 33.16 4.34
N ASP A 132 -9.61 33.82 3.72
CA ASP A 132 -9.77 35.26 3.81
C ASP A 132 -10.42 35.58 5.15
N ALA A 133 -9.65 36.15 6.07
CA ALA A 133 -10.19 36.58 7.37
C ALA A 133 -10.19 38.10 7.49
N ARG A 134 -10.29 38.81 6.37
CA ARG A 134 -10.22 40.25 6.45
C ARG A 134 -11.47 40.88 7.07
N ASP A 135 -12.54 40.11 7.32
CA ASP A 135 -13.69 40.66 8.03
C ASP A 135 -13.56 40.54 9.54
N CYS A 136 -12.49 39.92 10.02
CA CYS A 136 -12.29 39.70 11.45
C CYS A 136 -12.10 41.03 12.16
N THR A 137 -12.66 41.14 13.38
CA THR A 137 -12.56 42.36 14.15
C THR A 137 -12.06 42.16 15.58
N THR A 138 -12.04 40.93 16.10
CA THR A 138 -11.69 40.72 17.50
C THR A 138 -10.77 39.52 17.63
N ALA A 139 -10.12 39.43 18.80
CA ALA A 139 -9.22 38.31 19.08
C ALA A 139 -9.99 36.99 19.12
N HIS A 140 -11.22 37.00 19.66
CA HIS A 140 -12.06 35.83 19.58
C HIS A 140 -12.30 35.42 18.13
N GLY A 141 -12.53 36.39 17.25
CA GLY A 141 -12.69 36.06 15.85
C GLY A 141 -11.44 35.44 15.26
N MET A 142 -10.27 36.01 15.57
CA MET A 142 -9.01 35.44 15.10
C MET A 142 -8.82 34.01 15.61
N PHE A 143 -9.17 33.76 16.87
CA PHE A 143 -9.09 32.41 17.41
C PHE A 143 -9.93 31.46 16.60
N ASN A 144 -11.17 31.87 16.29
CA ASN A 144 -12.04 31.03 15.47
C ASN A 144 -11.41 30.73 14.11
N TYR A 145 -10.90 31.77 13.42
CA TYR A 145 -10.26 31.57 12.13
C TYR A 145 -9.04 30.63 12.25
N ILE A 146 -8.22 30.83 13.27
CA ILE A 146 -7.02 30.02 13.43
C ILE A 146 -7.38 28.57 13.75
N CYS A 147 -8.39 28.34 14.60
CA CYS A 147 -8.83 26.98 14.88
C CYS A 147 -9.27 26.28 13.61
N ASN A 148 -10.02 27.00 12.75
CA ASN A 148 -10.47 26.42 11.49
C ASN A 148 -9.27 26.17 10.57
N HIS A 149 -8.33 27.11 10.53
CA HIS A 149 -7.07 26.89 9.81
C HIS A 149 -6.41 25.60 10.29
N VAL A 150 -6.25 25.43 11.60
CA VAL A 150 -5.50 24.28 12.11
C VAL A 150 -6.19 22.98 11.73
N LYS A 151 -7.51 22.91 11.94
CA LYS A 151 -8.26 21.69 11.66
C LYS A 151 -8.19 21.36 10.18
N TYR A 152 -8.32 22.37 9.32
CA TYR A 152 -8.27 22.13 7.88
C TYR A 152 -6.87 21.72 7.46
N ALA A 153 -5.86 22.44 7.92
CA ALA A 153 -4.49 22.16 7.51
C ALA A 153 -4.02 20.79 8.02
N THR A 154 -4.42 20.45 9.26
CA THR A 154 -3.95 19.21 9.87
C THR A 154 -4.59 18.01 9.18
N ASN A 155 -5.90 18.06 8.95
CA ASN A 155 -6.60 17.09 8.10
C ASN A 155 -6.26 15.66 8.53
N LYS A 156 -6.30 15.44 9.84
CA LYS A 156 -6.04 14.12 10.43
C LYS A 156 -4.69 13.54 10.00
N GLY A 157 -3.71 14.39 9.78
CA GLY A 157 -2.36 13.98 9.44
C GLY A 157 -2.02 14.10 7.97
N ASN A 158 -3.04 14.17 7.10
CA ASN A 158 -2.82 14.35 5.67
C ASN A 158 -2.76 15.86 5.41
N LEU A 159 -1.63 16.45 5.80
CA LEU A 159 -1.54 17.90 5.93
C LEU A 159 -1.74 18.60 4.60
N ARG A 160 -2.32 19.80 4.69
CA ARG A 160 -2.63 20.62 3.53
C ARG A 160 -2.12 22.01 3.83
N SER A 161 -1.42 22.59 2.87
CA SER A 161 -0.87 23.91 3.11
C SER A 161 -2.01 24.94 3.13
N ALA A 162 -1.87 25.94 4.00
CA ALA A 162 -2.96 26.88 4.13
C ALA A 162 -2.42 28.17 4.71
N ILE A 163 -3.13 29.26 4.42
CA ILE A 163 -2.84 30.57 4.99
C ILE A 163 -4.15 31.24 5.35
N THR A 164 -4.15 31.95 6.47
CA THR A 164 -5.31 32.72 6.91
C THR A 164 -4.86 34.17 7.00
N ILE A 165 -5.56 35.04 6.31
CA ILE A 165 -5.11 36.41 6.12
C ILE A 165 -6.05 37.35 6.86
N PHE A 166 -5.51 38.03 7.86
CA PHE A 166 -6.26 38.94 8.70
C PHE A 166 -6.19 40.35 8.13
N PRO A 167 -7.01 41.29 8.65
CA PRO A 167 -7.09 42.60 8.02
C PRO A 167 -5.73 43.29 7.93
N GLN A 168 -5.52 43.98 6.81
CA GLN A 168 -4.27 44.67 6.56
C GLN A 168 -4.06 45.80 7.55
N ARG A 169 -2.82 46.23 7.62
CA ARG A 169 -2.44 47.41 8.38
C ARG A 169 -3.12 48.66 7.83
N THR A 170 -3.49 49.56 8.73
CA THR A 170 -4.10 50.80 8.34
C THR A 170 -3.16 51.93 8.75
N ASP A 171 -3.25 52.42 9.97
CA ASP A 171 -2.37 53.50 10.42
C ASP A 171 -1.17 52.99 11.19
N GLY A 172 -0.99 51.66 11.26
CA GLY A 172 0.03 51.07 12.10
C GLY A 172 -0.34 50.98 13.56
N LYS A 173 -1.43 51.61 13.99
CA LYS A 173 -1.87 51.59 15.38
C LYS A 173 -3.05 50.67 15.60
N HIS A 174 -3.44 49.90 14.57
CA HIS A 174 -4.56 48.97 14.67
C HIS A 174 -4.21 47.60 14.11
N ASP A 175 -2.95 47.18 14.25
CA ASP A 175 -2.48 45.95 13.59
C ASP A 175 -3.16 44.73 14.17
N PHE A 176 -3.42 43.76 13.30
CA PHE A 176 -3.70 42.41 13.74
C PHE A 176 -2.37 41.67 13.83
N ARG A 177 -2.14 41.00 14.94
CA ARG A 177 -0.91 40.23 15.12
C ARG A 177 -1.25 38.93 15.80
N VAL A 178 -0.63 37.85 15.34
CA VAL A 178 -0.50 36.67 16.17
C VAL A 178 0.81 36.82 16.91
N TRP A 179 0.74 36.92 18.23
CA TRP A 179 1.96 37.09 19.00
C TRP A 179 2.83 35.84 18.99
N ASN A 180 2.23 34.67 18.78
CA ASN A 180 3.01 33.45 18.67
C ASN A 180 3.89 33.52 17.43
N SER A 181 5.09 32.94 17.53
CA SER A 181 5.92 32.85 16.33
C SER A 181 5.38 31.75 15.42
N GLN A 182 4.91 30.65 15.98
CA GLN A 182 4.19 29.64 15.23
C GLN A 182 2.90 29.30 15.98
N LEU A 183 1.89 28.84 15.25
CA LEU A 183 0.59 28.58 15.90
C LEU A 183 0.73 27.56 17.02
N ILE A 184 1.47 26.49 16.76
CA ILE A 184 1.71 25.43 17.73
C ILE A 184 3.21 25.41 18.01
N ARG A 185 3.57 25.70 19.25
CA ARG A 185 4.94 25.60 19.78
C ARG A 185 4.83 25.14 21.22
N TYR A 186 5.95 24.68 21.77
CA TYR A 186 5.95 24.25 23.15
C TYR A 186 6.55 25.34 24.05
N ALA A 187 6.04 25.40 25.28
CA ALA A 187 6.53 26.39 26.21
C ALA A 187 7.96 26.07 26.61
N GLY A 188 8.65 27.11 27.08
CA GLY A 188 9.91 26.93 27.77
C GLY A 188 9.87 27.65 29.11
N TYR A 189 10.42 27.00 30.13
CA TYR A 189 10.45 27.57 31.47
C TYR A 189 11.89 27.54 31.97
N LYS A 190 12.43 28.73 32.27
CA LYS A 190 13.71 28.80 32.95
C LYS A 190 13.52 28.41 34.41
N GLN A 191 14.36 27.49 34.88
CA GLN A 191 14.32 27.00 36.24
C GLN A 191 15.24 27.82 37.13
N PRO A 192 15.01 27.83 38.44
CA PRO A 192 15.92 28.57 39.32
C PRO A 192 17.38 28.16 39.19
N ASP A 193 17.65 26.91 38.80
CA ASP A 193 19.02 26.43 38.77
C ASP A 193 19.71 26.70 37.45
N GLY A 194 19.10 27.50 36.59
CA GLY A 194 19.66 27.81 35.30
C GLY A 194 19.25 26.87 34.18
N SER A 195 18.75 25.68 34.51
CA SER A 195 18.29 24.78 33.47
C SER A 195 17.00 25.30 32.84
N THR A 196 16.63 24.71 31.72
CA THR A 196 15.41 25.08 31.00
C THR A 196 14.54 23.85 30.79
N LEU A 197 13.26 23.98 31.11
CA LEU A 197 12.29 22.93 30.86
C LEU A 197 11.56 23.26 29.57
N GLY A 198 11.35 22.27 28.73
CA GLY A 198 10.72 22.52 27.45
C GLY A 198 11.63 23.24 26.47
N ASP A 199 11.02 24.04 25.60
CA ASP A 199 11.73 24.66 24.48
C ASP A 199 12.36 26.00 24.90
N PRO A 200 13.68 26.09 25.01
CA PRO A 200 14.30 27.36 25.44
C PRO A 200 14.07 28.51 24.49
N ALA A 201 13.79 28.23 23.20
CA ALA A 201 13.47 29.31 22.27
C ALA A 201 12.25 30.11 22.70
N ASN A 202 11.33 29.50 23.45
CA ASN A 202 10.04 30.12 23.73
C ASN A 202 9.92 30.60 25.16
N VAL A 203 11.04 30.78 25.85
CA VAL A 203 11.00 31.17 27.26
C VAL A 203 10.40 32.55 27.42
N GLN A 204 10.83 33.51 26.59
CA GLN A 204 10.31 34.86 26.72
C GLN A 204 8.82 34.89 26.41
N PHE A 205 8.41 34.22 25.34
CA PHE A 205 7.00 34.19 24.99
C PHE A 205 6.18 33.46 26.03
N THR A 206 6.72 32.34 26.55
CA THR A 206 6.06 31.65 27.65
C THR A 206 5.85 32.59 28.83
N GLU A 207 6.85 33.43 29.13
CA GLU A 207 6.71 34.37 30.24
C GLU A 207 5.61 35.38 29.96
N ILE A 208 5.57 35.93 28.75
CA ILE A 208 4.49 36.86 28.38
C ILE A 208 3.13 36.19 28.60
N CYS A 209 3.00 34.92 28.16
CA CYS A 209 1.73 34.21 28.33
C CYS A 209 1.34 34.12 29.80
N ILE A 210 2.29 33.69 30.65
CA ILE A 210 2.03 33.55 32.08
C ILE A 210 1.64 34.89 32.68
N GLN A 211 2.34 35.95 32.28
CA GLN A 211 1.99 37.29 32.76
C GLN A 211 0.57 37.66 32.35
N GLN A 212 0.16 37.25 31.16
CA GLN A 212 -1.21 37.49 30.70
C GLN A 212 -2.23 36.58 31.36
N GLY A 213 -1.83 35.70 32.27
CA GLY A 213 -2.76 34.87 33.01
C GLY A 213 -2.73 33.40 32.66
N TRP A 214 -1.89 32.97 31.72
CA TRP A 214 -1.80 31.56 31.40
C TRP A 214 -1.27 30.76 32.59
N LYS A 215 -2.01 29.72 32.96
CA LYS A 215 -1.57 28.81 34.01
C LYS A 215 -0.80 27.68 33.35
N PRO A 216 0.51 27.62 33.49
CA PRO A 216 1.30 26.68 32.71
C PRO A 216 1.34 25.32 33.38
N PRO A 217 1.26 24.23 32.59
CA PRO A 217 1.49 22.90 33.16
C PRO A 217 2.91 22.69 33.68
N ARG A 218 3.86 23.50 33.22
CA ARG A 218 5.27 23.36 33.56
C ARG A 218 5.76 21.96 33.26
N GLY A 219 5.58 21.56 31.99
CA GLY A 219 6.12 20.33 31.46
C GLY A 219 7.07 20.60 30.32
N ARG A 220 7.52 19.53 29.70
CA ARG A 220 8.49 19.59 28.61
C ARG A 220 7.85 19.87 27.25
N PHE A 221 6.57 19.57 27.09
CA PHE A 221 5.89 19.74 25.82
C PHE A 221 4.48 20.30 26.02
N ASP A 222 4.37 21.42 26.73
CA ASP A 222 3.11 22.15 26.84
C ASP A 222 2.87 22.94 25.57
N VAL A 223 1.80 22.62 24.85
CA VAL A 223 1.43 23.47 23.73
C VAL A 223 1.12 24.86 24.25
N LEU A 224 1.73 25.88 23.66
CA LEU A 224 1.48 27.22 24.15
C LEU A 224 0.07 27.67 23.79
N PRO A 225 -0.46 28.65 24.50
CA PRO A 225 -1.73 29.24 24.08
C PRO A 225 -1.50 30.24 22.97
N LEU A 226 -2.55 30.49 22.21
CA LEU A 226 -2.52 31.59 21.26
C LEU A 226 -2.60 32.92 21.99
N LEU A 227 -1.82 33.88 21.53
CA LEU A 227 -1.85 35.24 22.04
C LEU A 227 -2.18 36.11 20.85
N LEU A 228 -3.42 36.58 20.78
CA LEU A 228 -3.97 37.12 19.56
C LEU A 228 -4.35 38.58 19.77
N GLN A 229 -3.88 39.42 18.86
CA GLN A 229 -4.11 40.85 18.92
C GLN A 229 -4.90 41.26 17.68
N ALA A 230 -6.04 41.91 17.91
CA ALA A 230 -6.91 42.40 16.85
C ALA A 230 -7.02 43.92 16.95
N ASN A 231 -6.91 44.58 15.81
CA ASN A 231 -7.21 46.00 15.71
C ASN A 231 -6.34 46.84 16.63
N GLY A 232 -5.11 46.38 16.89
CA GLY A 232 -4.23 47.10 17.78
C GLY A 232 -4.62 47.05 19.25
N ASN A 233 -5.59 46.24 19.64
CA ASN A 233 -5.90 46.14 21.06
C ASN A 233 -4.88 45.24 21.77
N ASP A 234 -4.93 45.24 23.09
CA ASP A 234 -4.08 44.32 23.84
C ASP A 234 -4.38 42.89 23.40
N PRO A 235 -3.37 42.03 23.33
CA PRO A 235 -3.61 40.66 22.89
C PRO A 235 -4.32 39.85 23.96
N GLU A 236 -5.00 38.81 23.51
CA GLU A 236 -5.81 37.98 24.38
C GLU A 236 -5.42 36.51 24.24
N LEU A 237 -5.51 35.80 25.36
CA LEU A 237 -5.11 34.39 25.44
C LEU A 237 -6.27 33.47 25.08
N PHE A 238 -5.96 32.43 24.30
CA PHE A 238 -6.90 31.37 23.94
C PHE A 238 -6.15 30.05 23.93
N GLN A 239 -6.76 29.03 24.53
CA GLN A 239 -6.22 27.67 24.46
C GLN A 239 -6.70 27.01 23.18
N ILE A 240 -5.76 26.63 22.32
CA ILE A 240 -6.16 25.80 21.16
C ILE A 240 -6.78 24.52 21.68
N PRO A 241 -7.93 24.09 21.17
CA PRO A 241 -8.52 22.83 21.61
C PRO A 241 -7.58 21.67 21.38
N PRO A 242 -7.26 20.89 22.43
CA PRO A 242 -6.20 19.88 22.31
C PRO A 242 -6.44 18.86 21.21
N GLU A 243 -7.72 18.54 20.92
CA GLU A 243 -8.03 17.61 19.85
C GLU A 243 -7.64 18.16 18.47
N LEU A 244 -7.41 19.47 18.32
CA LEU A 244 -6.91 20.03 17.08
C LEU A 244 -5.38 20.00 16.96
N VAL A 245 -4.65 19.74 18.05
CA VAL A 245 -3.19 19.75 18.01
C VAL A 245 -2.72 18.32 17.82
N LEU A 246 -2.36 17.98 16.59
CA LEU A 246 -1.88 16.65 16.30
C LEU A 246 -0.41 16.58 16.67
N GLU A 247 -0.04 15.56 17.44
CA GLU A 247 1.34 15.36 17.84
C GLU A 247 1.77 13.93 17.51
N VAL A 248 3.08 13.77 17.36
CA VAL A 248 3.72 12.52 17.01
C VAL A 248 4.67 12.17 18.14
N PRO A 249 4.49 11.06 18.84
CA PRO A 249 5.56 10.60 19.73
C PRO A 249 6.72 10.09 18.90
N ILE A 250 7.94 10.42 19.32
CA ILE A 250 9.12 10.08 18.54
C ILE A 250 9.70 8.77 19.07
N ARG A 251 9.71 7.76 18.23
CA ARG A 251 10.35 6.48 18.51
C ARG A 251 11.29 6.16 17.37
N HIS A 252 12.08 5.10 17.56
CA HIS A 252 13.10 4.74 16.59
C HIS A 252 12.85 3.32 16.07
N PRO A 253 13.03 3.10 14.76
CA PRO A 253 12.75 1.76 14.21
C PRO A 253 13.66 0.67 14.74
N LYS A 254 14.82 1.02 15.26
CA LYS A 254 15.76 0.01 15.73
C LYS A 254 16.11 0.14 17.20
N PHE A 255 16.20 1.36 17.72
CA PHE A 255 16.55 1.59 19.12
C PHE A 255 15.28 1.54 19.96
N GLU A 256 15.08 0.43 20.68
CA GLU A 256 13.93 0.31 21.58
C GLU A 256 13.88 1.44 22.59
N TRP A 257 15.04 1.94 23.01
CA TRP A 257 15.11 2.88 24.11
C TRP A 257 14.72 4.29 23.71
N PHE A 258 14.59 4.56 22.40
CA PHE A 258 14.42 5.95 21.96
C PHE A 258 13.11 6.53 22.48
N LYS A 259 12.03 5.75 22.42
CA LYS A 259 10.76 6.22 22.97
C LYS A 259 10.87 6.59 24.44
N ASP A 260 11.84 6.00 25.15
CA ASP A 260 12.01 6.34 26.57
C ASP A 260 12.54 7.75 26.76
N LEU A 261 13.07 8.38 25.72
CA LEU A 261 13.44 9.78 25.82
C LEU A 261 12.25 10.69 26.07
N GLY A 262 11.03 10.22 25.83
CA GLY A 262 9.86 11.05 26.01
C GLY A 262 9.73 12.15 24.98
N LEU A 263 10.26 11.95 23.79
CA LEU A 263 10.20 13.01 22.80
C LEU A 263 8.90 12.93 22.01
N LYS A 264 8.41 14.10 21.64
CA LYS A 264 7.30 14.20 20.72
C LYS A 264 7.45 15.51 19.98
N TRP A 265 6.72 15.64 18.89
CA TRP A 265 6.61 16.92 18.22
C TRP A 265 5.21 17.09 17.67
N TYR A 266 4.89 18.30 17.25
CA TYR A 266 3.60 18.58 16.67
C TYR A 266 3.69 18.43 15.16
N GLY A 267 2.57 18.04 14.55
CA GLY A 267 2.59 17.76 13.13
C GLY A 267 2.60 18.98 12.24
N LEU A 268 2.07 20.10 12.74
CA LEU A 268 1.75 21.24 11.87
C LEU A 268 2.74 22.38 12.06
N PRO A 269 3.61 22.66 11.09
CA PRO A 269 4.43 23.88 11.17
C PRO A 269 3.66 25.06 10.59
N ALA A 270 3.50 26.10 11.41
CA ALA A 270 2.55 27.16 11.12
C ALA A 270 3.13 28.50 11.56
N VAL A 271 3.90 29.14 10.67
CA VAL A 271 4.55 30.41 10.97
C VAL A 271 3.51 31.49 11.07
N SER A 272 3.55 32.26 12.16
CA SER A 272 2.50 33.20 12.47
C SER A 272 3.01 34.58 12.80
N ASN A 273 4.32 34.83 12.66
CA ASN A 273 4.89 36.13 13.03
C ASN A 273 5.39 36.92 11.84
N MET A 274 5.09 36.51 10.63
CA MET A 274 5.58 37.24 9.47
C MET A 274 4.52 38.16 8.91
N LEU A 275 4.96 39.05 8.04
CA LEU A 275 4.09 40.04 7.43
C LEU A 275 4.00 39.70 5.96
N LEU A 276 2.77 39.66 5.44
CA LEU A 276 2.53 39.38 4.05
C LEU A 276 2.28 40.71 3.34
N GLU A 277 3.11 41.02 2.36
CA GLU A 277 3.04 42.26 1.63
C GLU A 277 2.53 41.96 0.22
N ILE A 278 1.36 42.51 -0.11
CA ILE A 278 0.77 42.36 -1.44
C ILE A 278 0.42 43.76 -1.93
N GLY A 279 1.05 44.18 -3.03
CA GLY A 279 0.68 45.45 -3.66
C GLY A 279 0.80 46.66 -2.76
N GLY A 280 1.78 46.66 -1.85
CA GLY A 280 1.93 47.72 -0.89
C GLY A 280 1.09 47.57 0.36
N LEU A 281 0.09 46.69 0.36
CA LEU A 281 -0.68 46.41 1.56
C LEU A 281 0.08 45.46 2.45
N GLU A 282 -0.04 45.66 3.76
CA GLU A 282 0.73 44.89 4.73
C GLU A 282 -0.24 44.08 5.60
N PHE A 283 -0.18 42.76 5.47
CA PHE A 283 -0.98 41.85 6.27
C PHE A 283 -0.12 41.33 7.41
N SER A 284 -0.21 42.02 8.55
CA SER A 284 0.68 41.79 9.68
C SER A 284 0.34 40.53 10.46
N ALA A 285 -0.84 39.96 10.22
CA ALA A 285 -1.23 38.66 10.77
C ALA A 285 -1.71 37.80 9.60
N CYS A 286 -0.94 36.77 9.30
CA CYS A 286 -1.16 35.95 8.13
C CYS A 286 -0.58 34.57 8.38
N PRO A 287 -1.02 33.86 9.41
CA PRO A 287 -0.41 32.56 9.71
C PRO A 287 -0.55 31.61 8.53
N PHE A 288 0.55 30.93 8.20
CA PHE A 288 0.56 29.99 7.10
C PHE A 288 1.22 28.71 7.58
N SER A 289 0.89 27.63 6.92
CA SER A 289 1.32 26.33 7.42
C SER A 289 1.50 25.40 6.24
N GLY A 290 2.46 24.50 6.37
CA GLY A 290 2.59 23.45 5.39
C GLY A 290 2.72 22.13 6.10
N TRP A 291 3.82 21.41 5.83
CA TRP A 291 4.20 20.24 6.59
C TRP A 291 5.72 20.29 6.77
N TYR A 292 6.21 19.47 7.69
CA TYR A 292 7.60 19.53 8.11
C TYR A 292 8.55 18.85 7.11
N MET A 293 9.72 19.43 6.97
CA MET A 293 10.88 18.68 6.55
C MET A 293 11.52 18.14 7.81
N GLY A 294 11.91 16.87 7.78
CA GLY A 294 12.27 16.19 9.03
C GLY A 294 13.41 16.85 9.77
N THR A 295 14.35 17.45 9.03
CA THR A 295 15.52 18.08 9.66
C THR A 295 15.12 19.28 10.51
N GLU A 296 14.04 19.97 10.16
CA GLU A 296 13.60 21.07 11.00
C GLU A 296 13.43 20.60 12.43
N ILE A 297 12.82 19.43 12.62
CA ILE A 297 12.63 18.87 13.95
C ILE A 297 13.89 18.19 14.43
N GLY A 298 14.40 17.24 13.63
CA GLY A 298 15.45 16.37 14.09
C GLY A 298 16.80 17.06 14.25
N VAL A 299 17.09 18.04 13.39
CA VAL A 299 18.36 18.75 13.46
C VAL A 299 18.25 20.03 14.29
N ARG A 300 17.32 20.89 13.93
CA ARG A 300 17.28 22.20 14.59
C ARG A 300 16.54 22.14 15.92
N ASP A 301 15.26 21.77 15.90
CA ASP A 301 14.45 21.77 17.12
C ASP A 301 15.07 20.91 18.20
N TYR A 302 15.56 19.73 17.83
CA TYR A 302 16.04 18.78 18.83
C TYR A 302 17.52 18.94 19.17
N CYS A 303 18.34 19.43 18.24
CA CYS A 303 19.79 19.32 18.41
C CYS A 303 20.54 20.64 18.43
N ASP A 304 19.91 21.76 18.11
CA ASP A 304 20.52 23.04 18.42
C ASP A 304 20.85 23.11 19.90
N ASN A 305 22.03 23.62 20.22
CA ASN A 305 22.42 23.78 21.62
C ASN A 305 21.44 24.66 22.38
N SER A 306 20.86 25.66 21.71
CA SER A 306 19.87 26.57 22.30
C SER A 306 18.45 26.02 22.28
N ARG A 307 18.23 24.82 21.76
CA ARG A 307 16.89 24.26 21.71
C ARG A 307 16.82 23.04 22.63
N TYR A 308 16.21 21.95 22.18
CA TYR A 308 16.05 20.83 23.11
C TYR A 308 17.37 20.12 23.41
N ASN A 309 18.36 20.22 22.51
CA ASN A 309 19.75 19.90 22.84
C ASN A 309 19.94 18.47 23.34
N ILE A 310 19.46 17.50 22.55
CA ILE A 310 19.39 16.12 23.00
C ILE A 310 20.53 15.27 22.48
N LEU A 311 21.46 15.83 21.70
CA LEU A 311 22.57 15.05 21.18
C LEU A 311 23.27 14.25 22.27
N GLU A 312 23.62 14.90 23.38
CA GLU A 312 24.34 14.20 24.45
C GLU A 312 23.53 13.02 24.99
N GLU A 313 22.25 13.24 25.30
CA GLU A 313 21.44 12.17 25.87
C GLU A 313 21.30 11.01 24.91
N VAL A 314 21.09 11.31 23.63
CA VAL A 314 20.97 10.25 22.62
C VAL A 314 22.28 9.52 22.46
N ALA A 315 23.39 10.26 22.35
CA ALA A 315 24.70 9.64 22.20
C ALA A 315 25.03 8.77 23.40
N LYS A 316 24.72 9.22 24.62
CA LYS A 316 24.91 8.38 25.78
C LYS A 316 24.20 7.05 25.59
N LYS A 317 22.91 7.10 25.25
CA LYS A 317 22.15 5.86 25.05
C LYS A 317 22.69 5.05 23.88
N MET A 318 23.32 5.69 22.90
CA MET A 318 23.96 4.92 21.84
C MET A 318 25.30 4.37 22.27
N ASN A 319 25.74 4.73 23.47
CA ASN A 319 27.03 4.30 23.99
C ASN A 319 28.17 4.73 23.06
N LEU A 320 28.09 5.96 22.56
CA LEU A 320 29.15 6.48 21.72
C LEU A 320 30.29 7.00 22.59
N ASP A 321 31.49 6.96 22.02
CA ASP A 321 32.62 7.61 22.69
C ASP A 321 32.49 9.11 22.50
N MET A 322 32.23 9.82 23.60
CA MET A 322 31.99 11.25 23.59
C MET A 322 33.17 12.05 24.12
N ARG A 323 34.31 11.40 24.34
CA ARG A 323 35.46 12.11 24.88
C ARG A 323 36.22 12.94 23.85
N LYS A 324 35.97 12.76 22.54
CA LYS A 324 36.61 13.62 21.55
C LYS A 324 35.66 13.84 20.39
N THR A 325 35.78 15.02 19.74
CA THR A 325 34.83 15.38 18.70
C THR A 325 34.98 14.47 17.49
N SER A 326 36.22 14.10 17.17
CA SER A 326 36.57 13.36 15.96
C SER A 326 36.03 11.95 15.94
N SER A 327 35.44 11.48 17.03
CA SER A 327 34.63 10.26 16.94
C SER A 327 33.34 10.50 16.19
N LEU A 328 33.02 11.77 15.90
CA LEU A 328 31.79 12.15 15.21
C LEU A 328 30.55 11.61 15.93
N TRP A 329 30.60 11.58 17.26
CA TRP A 329 29.45 11.08 18.01
C TRP A 329 28.23 11.97 17.80
N LYS A 330 28.43 13.29 17.74
CA LYS A 330 27.33 14.20 17.45
C LYS A 330 26.72 13.89 16.09
N ASP A 331 27.56 13.70 15.07
CA ASP A 331 27.05 13.42 13.73
C ASP A 331 26.27 12.10 13.74
N GLN A 332 26.79 11.09 14.46
CA GLN A 332 26.14 9.80 14.51
C GLN A 332 24.79 9.88 15.19
N ALA A 333 24.74 10.53 16.36
CA ALA A 333 23.48 10.67 17.08
C ALA A 333 22.50 11.52 16.28
N LEU A 334 23.01 12.56 15.61
CA LEU A 334 22.14 13.42 14.80
C LEU A 334 21.39 12.62 13.74
N VAL A 335 22.09 11.72 13.03
CA VAL A 335 21.42 10.93 12.00
C VAL A 335 20.33 10.07 12.62
N GLU A 336 20.66 9.35 13.70
CA GLU A 336 19.68 8.47 14.32
C GLU A 336 18.44 9.23 14.77
N ILE A 337 18.63 10.45 15.28
CA ILE A 337 17.50 11.26 15.70
C ILE A 337 16.62 11.59 14.51
N ASN A 338 17.22 11.91 13.37
CA ASN A 338 16.42 12.30 12.23
C ASN A 338 15.75 11.12 11.57
N ILE A 339 16.37 9.93 11.62
CA ILE A 339 15.70 8.69 11.28
C ILE A 339 14.46 8.51 12.15
N ALA A 340 14.62 8.76 13.46
CA ALA A 340 13.50 8.61 14.38
C ALA A 340 12.34 9.52 13.99
N VAL A 341 12.63 10.80 13.76
CA VAL A 341 11.58 11.76 13.41
C VAL A 341 10.80 11.29 12.18
N LEU A 342 11.51 10.88 11.13
CA LEU A 342 10.82 10.50 9.90
C LEU A 342 10.01 9.22 10.09
N TYR A 343 10.60 8.21 10.72
CA TYR A 343 9.90 6.96 10.96
C TYR A 343 8.63 7.19 11.77
N SER A 344 8.69 8.06 12.78
CA SER A 344 7.55 8.30 13.65
C SER A 344 6.42 8.99 12.91
N PHE A 345 6.73 10.05 12.17
CA PHE A 345 5.68 10.72 11.39
C PHE A 345 5.07 9.76 10.38
N GLN A 346 5.91 9.06 9.64
CA GLN A 346 5.42 8.11 8.64
C GLN A 346 4.57 7.02 9.27
N SER A 347 4.99 6.50 10.43
CA SER A 347 4.24 5.46 11.10
C SER A 347 2.87 5.98 11.55
N ASP A 348 2.80 7.22 12.01
CA ASP A 348 1.51 7.80 12.37
C ASP A 348 0.79 8.42 11.18
N LYS A 349 1.30 8.21 9.96
CA LYS A 349 0.68 8.75 8.74
C LYS A 349 0.47 10.26 8.86
N VAL A 350 1.48 10.96 9.36
CA VAL A 350 1.48 12.41 9.42
C VAL A 350 2.47 12.89 8.37
N THR A 351 1.98 13.68 7.42
CA THR A 351 2.83 14.17 6.33
C THR A 351 4.14 14.72 6.84
N ILE A 352 5.22 14.25 6.23
CA ILE A 352 6.55 14.79 6.47
C ILE A 352 7.37 14.49 5.22
N VAL A 353 8.41 15.28 5.01
CA VAL A 353 9.29 15.10 3.87
C VAL A 353 10.73 15.10 4.37
N ASP A 354 11.50 14.12 3.95
CA ASP A 354 12.89 14.11 4.34
C ASP A 354 13.68 15.08 3.47
N HIS A 355 14.85 15.47 3.96
CA HIS A 355 15.59 16.50 3.26
C HIS A 355 16.05 16.06 1.87
N HIS A 356 16.22 14.77 1.63
CA HIS A 356 16.61 14.35 0.29
C HIS A 356 15.46 14.52 -0.70
N SER A 357 14.29 13.98 -0.38
CA SER A 357 13.12 14.20 -1.22
CA SER A 357 13.11 14.20 -1.21
C SER A 357 12.87 15.68 -1.43
N ALA A 358 12.83 16.45 -0.34
CA ALA A 358 12.50 17.88 -0.42
C ALA A 358 13.49 18.66 -1.27
N THR A 359 14.79 18.38 -1.13
CA THR A 359 15.75 19.12 -1.95
C THR A 359 15.68 18.70 -3.40
N GLU A 360 15.45 17.42 -3.66
CA GLU A 360 15.29 16.97 -5.04
C GLU A 360 14.08 17.65 -5.69
N SER A 361 12.95 17.71 -4.96
CA SER A 361 11.78 18.37 -5.51
CA SER A 361 11.77 18.38 -5.48
C SER A 361 12.05 19.85 -5.74
N PHE A 362 12.83 20.50 -4.86
CA PHE A 362 13.10 21.91 -5.06
C PHE A 362 13.95 22.15 -6.32
N ILE A 363 14.85 21.24 -6.65
CA ILE A 363 15.62 21.36 -7.90
C ILE A 363 14.70 21.23 -9.10
N LYS A 364 13.79 20.25 -9.05
CA LYS A 364 12.79 20.13 -10.10
C LYS A 364 11.95 21.39 -10.17
N HIS A 365 11.47 21.88 -9.02
CA HIS A 365 10.71 23.12 -9.00
C HIS A 365 11.53 24.27 -9.58
N MET A 366 12.77 24.42 -9.11
CA MET A 366 13.62 25.51 -9.57
C MET A 366 13.79 25.49 -11.08
N GLU A 367 14.07 24.31 -11.65
CA GLU A 367 14.26 24.22 -13.09
C GLU A 367 12.95 24.54 -13.83
N ASN A 368 11.82 24.09 -13.29
CA ASN A 368 10.55 24.43 -13.91
C ASN A 368 10.31 25.93 -13.85
N GLU A 369 10.58 26.54 -12.69
CA GLU A 369 10.45 27.99 -12.53
C GLU A 369 11.33 28.75 -13.52
N TYR A 370 12.57 28.31 -13.71
CA TYR A 370 13.39 28.97 -14.73
C TYR A 370 12.75 28.82 -16.11
N ARG A 371 12.23 27.64 -16.44
CA ARG A 371 11.56 27.41 -17.71
C ARG A 371 10.37 28.36 -17.90
N CYS A 372 9.40 28.32 -16.98
CA CYS A 372 8.15 29.03 -17.22
C CYS A 372 8.16 30.47 -16.74
N ARG A 373 9.02 30.83 -15.79
CA ARG A 373 8.99 32.15 -15.17
C ARG A 373 10.24 32.99 -15.43
N GLY A 374 11.33 32.38 -15.88
CA GLY A 374 12.54 33.15 -16.08
C GLY A 374 13.47 33.17 -14.89
N GLY A 375 13.12 32.50 -13.81
CA GLY A 375 13.99 32.43 -12.66
C GLY A 375 13.24 31.95 -11.44
N CYS A 376 14.01 31.77 -10.37
CA CYS A 376 13.49 31.31 -9.09
C CYS A 376 14.44 31.84 -8.03
N PRO A 377 14.07 32.92 -7.34
CA PRO A 377 14.95 33.45 -6.28
C PRO A 377 15.14 32.39 -5.20
N ALA A 378 16.39 32.17 -4.81
CA ALA A 378 16.67 31.09 -3.88
C ALA A 378 17.85 31.45 -3.01
N ASP A 379 17.70 31.21 -1.71
CA ASP A 379 18.66 31.56 -0.67
C ASP A 379 19.36 30.26 -0.27
N TRP A 380 20.53 30.03 -0.87
CA TRP A 380 21.31 28.80 -0.64
C TRP A 380 21.53 28.52 0.84
N VAL A 381 21.88 29.55 1.60
CA VAL A 381 22.12 29.45 3.04
C VAL A 381 20.94 28.81 3.73
N TRP A 382 19.73 29.12 3.29
CA TRP A 382 18.53 28.53 3.87
C TRP A 382 18.06 27.27 3.17
N ILE A 383 18.28 27.14 1.86
CA ILE A 383 17.73 25.99 1.13
C ILE A 383 18.50 24.72 1.48
N VAL A 384 19.82 24.81 1.62
CA VAL A 384 20.60 23.62 1.94
C VAL A 384 20.23 23.15 3.35
N PRO A 385 19.85 21.89 3.53
CA PRO A 385 19.47 21.38 4.85
C PRO A 385 20.62 21.49 5.85
N PRO A 386 20.32 21.50 7.14
CA PRO A 386 21.34 21.70 8.17
C PRO A 386 22.11 20.45 8.54
N MET A 387 21.87 19.31 7.87
CA MET A 387 22.77 18.17 7.95
C MET A 387 22.95 17.65 6.54
N SER A 388 24.06 16.91 6.33
CA SER A 388 24.30 16.17 5.08
C SER A 388 24.17 17.06 3.86
N GLY A 389 24.65 18.30 3.96
CA GLY A 389 24.36 19.31 2.95
C GLY A 389 24.76 18.89 1.55
N SER A 390 26.01 18.48 1.38
CA SER A 390 26.51 18.18 0.05
C SER A 390 25.99 16.88 -0.53
N ILE A 391 25.30 16.03 0.24
CA ILE A 391 24.70 14.87 -0.39
C ILE A 391 23.29 15.15 -0.83
N THR A 392 22.81 16.40 -0.67
CA THR A 392 21.55 16.80 -1.28
C THR A 392 21.86 17.62 -2.52
N PRO A 393 21.03 17.53 -3.56
CA PRO A 393 21.41 18.16 -4.84
C PRO A 393 21.47 19.68 -4.77
N VAL A 394 20.74 20.32 -3.84
CA VAL A 394 20.71 21.78 -3.80
C VAL A 394 22.08 22.35 -3.43
N PHE A 395 22.91 21.58 -2.72
CA PHE A 395 24.23 22.05 -2.32
C PHE A 395 25.07 22.39 -3.54
N HIS A 396 24.91 21.62 -4.61
CA HIS A 396 25.67 21.80 -5.83
C HIS A 396 25.01 22.75 -6.80
N GLN A 397 23.88 23.32 -6.41
CA GLN A 397 23.08 24.16 -7.27
C GLN A 397 23.41 25.63 -6.98
N GLU A 398 24.00 26.31 -7.95
CA GLU A 398 24.11 27.75 -7.84
C GLU A 398 22.70 28.35 -7.81
N MET A 399 22.53 29.40 -7.02
CA MET A 399 21.23 30.05 -6.88
C MET A 399 21.42 31.55 -6.84
N LEU A 400 20.45 32.27 -7.36
CA LEU A 400 20.45 33.72 -7.31
C LEU A 400 19.40 34.15 -6.30
N ASN A 401 19.77 35.04 -5.39
CA ASN A 401 18.83 35.52 -4.39
C ASN A 401 18.42 36.93 -4.75
N TYR A 402 17.11 37.16 -4.81
CA TYR A 402 16.57 38.50 -5.01
C TYR A 402 15.16 38.51 -4.47
N ARG A 403 14.65 39.70 -4.25
CA ARG A 403 13.42 39.89 -3.50
C ARG A 403 12.32 40.32 -4.47
N LEU A 404 11.37 39.42 -4.73
CA LEU A 404 10.19 39.75 -5.50
C LEU A 404 9.00 39.97 -4.56
N THR A 405 8.07 40.80 -5.00
CA THR A 405 6.82 41.00 -4.28
C THR A 405 5.65 40.52 -5.12
N PRO A 406 4.54 40.04 -4.50
CA PRO A 406 4.27 39.84 -3.06
C PRO A 406 5.34 39.04 -2.32
N SER A 407 5.51 39.32 -1.04
CA SER A 407 6.57 38.67 -0.29
C SER A 407 6.12 38.47 1.15
N PHE A 408 6.72 37.47 1.79
CA PHE A 408 6.68 37.35 3.23
C PHE A 408 7.89 38.04 3.82
N GLU A 409 7.66 38.86 4.83
CA GLU A 409 8.65 39.71 5.44
C GLU A 409 8.69 39.41 6.93
N TYR A 410 9.88 39.59 7.51
CA TYR A 410 9.98 39.67 8.96
C TYR A 410 9.38 40.98 9.46
N GLN A 411 8.97 40.95 10.71
CA GLN A 411 8.45 42.16 11.34
C GLN A 411 8.83 42.09 12.81
N PRO A 412 8.92 43.23 13.48
CA PRO A 412 9.35 43.19 14.88
C PRO A 412 8.37 42.40 15.72
N ASP A 413 8.92 41.75 16.74
CA ASP A 413 8.10 41.07 17.73
C ASP A 413 7.11 42.06 18.32
N PRO A 414 5.83 41.68 18.44
CA PRO A 414 4.81 42.67 18.83
C PRO A 414 5.02 43.23 20.22
N TRP A 415 5.59 42.44 21.14
CA TRP A 415 5.81 42.96 22.49
C TRP A 415 6.93 44.00 22.54
N ASN A 416 7.73 44.14 21.49
CA ASN A 416 8.72 45.21 21.47
C ASN A 416 8.13 46.54 21.02
N THR A 417 6.94 46.54 20.43
CA THR A 417 6.35 47.76 19.92
C THR A 417 4.93 48.05 20.43
N HIS A 418 4.23 47.09 21.03
CA HIS A 418 2.84 47.30 21.38
C HIS A 418 2.68 48.35 22.49
N VAL A 419 1.68 49.22 22.32
CA VAL A 419 1.33 50.23 23.32
C VAL A 419 0.22 49.63 24.17
N TRP A 420 0.56 49.19 25.38
CA TRP A 420 -0.38 48.48 26.23
C TRP A 420 -1.49 49.40 26.73
N LYS A 421 -2.74 49.03 26.44
CA LYS A 421 -3.92 49.80 26.85
C LYS A 421 -4.32 49.54 28.31
N ARG B 3 28.05 51.20 5.92
CA ARG B 3 28.69 52.17 6.80
C ARG B 3 29.67 51.46 7.75
N PHE B 4 29.11 50.79 8.76
CA PHE B 4 29.86 49.93 9.68
C PHE B 4 28.93 48.80 10.07
N LEU B 5 29.34 47.56 9.80
CA LEU B 5 28.42 46.44 9.74
C LEU B 5 28.63 45.48 10.89
N LYS B 6 27.53 44.93 11.40
CA LYS B 6 27.57 43.98 12.50
C LYS B 6 27.25 42.57 12.01
N VAL B 7 27.89 41.59 12.60
CA VAL B 7 27.51 40.19 12.41
C VAL B 7 27.19 39.62 13.78
N LYS B 8 26.16 38.78 13.82
CA LYS B 8 25.71 38.16 15.05
C LYS B 8 25.91 36.67 14.96
N ASN B 9 26.32 36.05 16.05
CA ASN B 9 26.26 34.61 16.22
C ASN B 9 24.98 34.28 16.95
N TRP B 10 24.13 33.44 16.35
CA TRP B 10 22.81 33.21 16.91
C TRP B 10 22.80 32.14 18.00
N GLU B 11 23.90 31.42 18.16
CA GLU B 11 24.07 30.55 19.32
C GLU B 11 24.53 31.35 20.53
N THR B 12 25.60 32.12 20.38
CA THR B 12 26.24 32.81 21.50
C THR B 12 25.70 34.20 21.74
N GLU B 13 24.98 34.77 20.77
CA GLU B 13 24.58 36.18 20.73
C GLU B 13 25.77 37.14 20.68
N VAL B 14 26.99 36.63 20.43
CA VAL B 14 28.14 37.50 20.25
C VAL B 14 27.96 38.30 18.97
N VAL B 15 28.07 39.62 19.08
CA VAL B 15 27.97 40.54 17.95
C VAL B 15 29.35 41.12 17.68
N LEU B 16 29.77 41.10 16.42
CA LEU B 16 31.05 41.63 15.98
C LEU B 16 30.81 42.76 15.00
N THR B 17 31.67 43.77 15.03
CA THR B 17 31.47 44.98 14.25
C THR B 17 32.58 45.11 13.22
N ASP B 18 32.20 45.11 11.95
CA ASP B 18 33.15 45.02 10.85
C ASP B 18 33.41 46.41 10.30
N THR B 19 34.67 46.83 10.36
CA THR B 19 35.13 47.99 9.61
C THR B 19 36.12 47.62 8.53
N LEU B 20 36.68 46.41 8.55
CA LEU B 20 37.69 46.02 7.58
C LEU B 20 37.14 46.03 6.16
N HIS B 21 35.83 45.80 6.00
CA HIS B 21 35.19 45.76 4.69
C HIS B 21 35.33 47.07 3.94
N LEU B 22 35.60 48.17 4.65
CA LEU B 22 35.81 49.44 3.97
C LEU B 22 37.06 49.44 3.10
N LYS B 23 37.93 48.45 3.25
CA LYS B 23 39.14 48.35 2.45
C LYS B 23 38.99 47.39 1.28
N SER B 24 37.78 46.92 1.01
CA SER B 24 37.60 45.94 -0.05
C SER B 24 37.75 46.60 -1.41
N THR B 25 38.35 45.89 -2.35
CA THR B 25 38.70 46.47 -3.64
C THR B 25 37.80 45.99 -4.77
N LEU B 26 37.56 44.70 -4.87
CA LEU B 26 36.90 44.10 -6.03
C LEU B 26 35.42 43.83 -5.73
N GLU B 27 34.60 43.85 -6.78
CA GLU B 27 33.19 43.52 -6.64
C GLU B 27 33.02 42.07 -6.20
N THR B 28 31.98 41.83 -5.40
CA THR B 28 31.63 40.49 -4.97
C THR B 28 30.80 39.75 -6.01
N GLY B 29 30.16 40.47 -6.92
CA GLY B 29 29.12 39.96 -7.77
C GLY B 29 27.72 40.36 -7.32
N CYS B 30 27.54 40.57 -6.02
CA CYS B 30 26.25 40.96 -5.50
C CYS B 30 25.95 42.42 -5.86
N THR B 31 24.68 42.80 -5.73
CA THR B 31 24.25 44.19 -5.76
C THR B 31 23.22 44.39 -4.65
N GLU B 32 22.76 45.63 -4.50
CA GLU B 32 21.63 45.91 -3.64
C GLU B 32 20.41 45.08 -4.01
N TYR B 33 20.31 44.65 -5.27
CA TYR B 33 19.13 43.97 -5.75
C TYR B 33 19.28 42.48 -5.98
N ILE B 34 20.51 41.95 -6.08
CA ILE B 34 20.72 40.53 -6.35
C ILE B 34 21.89 40.08 -5.50
N CYS B 35 21.77 38.91 -4.87
CA CYS B 35 22.88 38.31 -4.15
C CYS B 35 23.41 37.10 -4.90
N MET B 36 24.72 37.05 -5.09
CA MET B 36 25.38 35.98 -5.82
C MET B 36 26.25 35.10 -4.92
N GLY B 37 25.97 35.10 -3.62
CA GLY B 37 26.82 34.42 -2.64
C GLY B 37 26.93 32.93 -2.82
N SER B 38 26.04 32.29 -3.58
CA SER B 38 26.25 30.88 -3.87
C SER B 38 26.77 30.63 -5.29
N ILE B 39 27.11 31.67 -6.03
CA ILE B 39 27.73 31.52 -7.34
C ILE B 39 29.21 31.18 -7.15
N MET B 40 29.68 30.13 -7.81
CA MET B 40 31.07 29.71 -7.67
C MET B 40 32.04 30.84 -8.05
N HIS B 41 31.84 31.45 -9.22
CA HIS B 41 32.67 32.55 -9.70
C HIS B 41 31.78 33.74 -10.02
N PRO B 42 31.36 34.51 -9.01
CA PRO B 42 30.37 35.57 -9.29
C PRO B 42 30.92 36.71 -10.11
N SER B 43 32.23 36.96 -10.08
CA SER B 43 32.78 38.20 -10.60
C SER B 43 33.99 37.92 -11.48
N GLN B 44 34.12 38.74 -12.52
CA GLN B 44 35.34 38.81 -13.32
C GLN B 44 36.08 40.11 -13.12
N HIS B 45 35.67 40.90 -12.12
CA HIS B 45 36.36 42.15 -11.78
C HIS B 45 37.77 41.82 -11.31
N ALA B 46 38.76 42.27 -12.09
CA ALA B 46 40.16 42.12 -11.75
C ALA B 46 40.77 43.50 -11.56
N ARG B 47 41.88 43.55 -10.82
CA ARG B 47 42.51 44.82 -10.52
C ARG B 47 43.36 45.34 -11.68
N ARG B 48 43.85 44.47 -12.55
CA ARG B 48 44.64 44.84 -13.70
C ARG B 48 44.02 44.28 -14.97
N PRO B 49 44.13 45.00 -16.09
CA PRO B 49 43.42 44.57 -17.32
C PRO B 49 44.00 43.33 -17.97
N GLU B 50 43.76 43.20 -19.29
CA GLU B 50 44.07 42.00 -20.08
C GLU B 50 45.51 41.53 -19.94
N ASP B 51 46.38 41.96 -20.86
CA ASP B 51 47.75 41.48 -20.85
C ASP B 51 48.69 42.44 -20.13
N VAL B 52 49.84 42.74 -20.72
CA VAL B 52 50.80 43.61 -20.04
C VAL B 52 50.19 44.98 -19.84
N ALA B 53 50.01 45.37 -18.58
CA ALA B 53 49.36 46.62 -18.25
C ALA B 53 50.28 47.81 -18.53
N THR B 54 49.66 48.95 -18.85
CA THR B 54 50.40 50.19 -18.93
C THR B 54 50.81 50.66 -17.53
N LYS B 55 51.61 51.73 -17.48
CA LYS B 55 52.08 52.21 -16.18
C LYS B 55 50.93 52.74 -15.33
N ASP B 56 50.02 53.51 -15.92
CA ASP B 56 48.92 54.05 -15.12
C ASP B 56 47.97 52.97 -14.64
N GLN B 57 48.15 51.72 -15.07
CA GLN B 57 47.35 50.60 -14.60
C GLN B 57 48.07 49.78 -13.53
N LEU B 58 49.36 49.54 -13.70
CA LEU B 58 50.06 48.70 -12.72
C LEU B 58 50.53 49.51 -11.52
N PHE B 59 51.14 50.68 -11.74
CA PHE B 59 51.69 51.42 -10.60
C PHE B 59 50.69 51.65 -9.47
N PRO B 60 49.45 52.13 -9.72
CA PRO B 60 48.53 52.37 -8.59
C PRO B 60 48.33 51.16 -7.70
N LEU B 61 48.23 49.97 -8.29
CA LEU B 61 48.13 48.73 -7.51
C LEU B 61 49.41 48.44 -6.74
N ALA B 62 50.57 48.66 -7.38
CA ALA B 62 51.84 48.45 -6.71
C ALA B 62 51.99 49.38 -5.51
N LYS B 63 51.79 50.68 -5.74
CA LYS B 63 51.83 51.65 -4.66
C LYS B 63 50.92 51.20 -3.52
N GLU B 64 49.73 50.73 -3.86
CA GLU B 64 48.76 50.35 -2.84
C GLU B 64 49.29 49.20 -2.00
N PHE B 65 49.85 48.17 -2.65
CA PHE B 65 50.39 47.06 -1.87
C PHE B 65 51.60 47.49 -1.05
N ILE B 66 52.48 48.31 -1.63
CA ILE B 66 53.68 48.73 -0.90
C ILE B 66 53.30 49.60 0.29
N ASP B 67 52.37 50.54 0.07
CA ASP B 67 51.75 51.30 1.15
C ASP B 67 51.22 50.37 2.24
N GLN B 68 50.45 49.36 1.81
CA GLN B 68 49.90 48.41 2.78
C GLN B 68 51.01 47.67 3.52
N TYR B 69 52.02 47.19 2.80
CA TYR B 69 53.11 46.49 3.48
C TYR B 69 53.87 47.41 4.44
N TYR B 70 54.17 48.64 4.03
CA TYR B 70 54.93 49.48 4.94
C TYR B 70 54.07 49.98 6.09
N SER B 71 52.76 50.12 5.85
CA SER B 71 51.83 50.36 6.95
C SER B 71 51.85 49.21 7.95
N SER B 72 51.82 47.97 7.44
CA SER B 72 51.74 46.81 8.31
C SER B 72 52.86 46.79 9.35
N ILE B 73 54.06 47.27 8.96
CA ILE B 73 55.25 47.17 9.80
C ILE B 73 55.56 48.51 10.47
N LYS B 74 54.54 49.34 10.67
CA LYS B 74 54.66 50.60 11.42
C LYS B 74 55.70 51.50 10.77
N ARG B 75 55.64 51.57 9.45
CA ARG B 75 56.31 52.63 8.74
C ARG B 75 55.25 53.53 8.11
N PHE B 76 55.11 53.43 6.79
CA PHE B 76 54.39 54.39 5.95
C PHE B 76 55.12 55.73 5.95
N GLY B 77 55.59 56.12 4.78
CA GLY B 77 56.33 57.35 4.64
C GLY B 77 57.75 57.30 5.11
N SER B 78 58.21 56.18 5.67
CA SER B 78 59.59 56.05 6.06
C SER B 78 60.50 56.21 4.84
N LYS B 79 61.81 56.26 5.12
CA LYS B 79 62.79 56.30 4.05
C LYS B 79 62.62 55.11 3.12
N ALA B 80 62.67 53.89 3.66
CA ALA B 80 62.64 52.70 2.83
C ALA B 80 61.35 52.62 2.01
N HIS B 81 60.22 53.06 2.58
CA HIS B 81 58.96 53.03 1.85
C HIS B 81 59.02 53.96 0.63
N MET B 82 59.49 55.20 0.83
CA MET B 82 59.52 56.16 -0.26
C MET B 82 60.52 55.75 -1.33
N GLU B 83 61.67 55.20 -0.92
CA GLU B 83 62.62 54.65 -1.88
C GLU B 83 61.99 53.48 -2.63
N ARG B 84 61.26 52.63 -1.90
CA ARG B 84 60.60 51.50 -2.53
C ARG B 84 59.59 51.94 -3.59
N LEU B 85 58.87 53.02 -3.34
CA LEU B 85 57.95 53.53 -4.36
C LEU B 85 58.73 53.98 -5.60
N GLU B 86 59.83 54.70 -5.40
CA GLU B 86 60.68 55.13 -6.51
C GLU B 86 61.27 53.94 -7.24
N GLU B 87 61.70 52.93 -6.50
CA GLU B 87 62.26 51.72 -7.09
C GLU B 87 61.21 51.01 -7.94
N VAL B 88 60.02 50.81 -7.37
CA VAL B 88 58.95 50.19 -8.13
C VAL B 88 58.58 51.04 -9.33
N ASN B 89 58.56 52.36 -9.15
CA ASN B 89 58.25 53.27 -10.25
C ASN B 89 59.26 53.12 -11.39
N LYS B 90 60.56 53.07 -11.06
CA LYS B 90 61.59 52.90 -12.07
C LYS B 90 61.50 51.54 -12.74
N GLU B 91 61.24 50.48 -11.97
CA GLU B 91 61.15 49.14 -12.53
C GLU B 91 60.04 49.04 -13.56
N ILE B 92 58.86 49.55 -13.21
CA ILE B 92 57.74 49.54 -14.16
C ILE B 92 58.06 50.36 -15.39
N ASP B 93 58.66 51.54 -15.19
CA ASP B 93 59.12 52.36 -16.31
C ASP B 93 60.02 51.60 -17.27
N THR B 94 60.82 50.66 -16.76
CA THR B 94 61.87 50.04 -17.57
C THR B 94 61.63 48.57 -17.90
N THR B 95 60.69 47.90 -17.24
CA THR B 95 60.37 46.51 -17.57
C THR B 95 58.87 46.24 -17.65
N SER B 96 58.02 47.23 -17.42
CA SER B 96 56.55 47.08 -17.42
C SER B 96 56.07 46.16 -16.29
N THR B 97 56.92 45.91 -15.30
CA THR B 97 56.53 45.13 -14.14
C THR B 97 57.44 45.54 -12.99
N TYR B 98 57.36 44.82 -11.88
CA TYR B 98 58.33 45.03 -10.81
C TYR B 98 58.47 43.74 -10.03
N GLN B 99 59.48 43.70 -9.16
CA GLN B 99 59.82 42.50 -8.42
C GLN B 99 59.63 42.77 -6.94
N LEU B 100 58.94 41.84 -6.26
CA LEU B 100 58.72 41.97 -4.83
C LEU B 100 60.00 41.65 -4.08
N LYS B 101 60.24 42.40 -3.00
CA LYS B 101 61.23 41.96 -2.03
C LYS B 101 60.77 40.67 -1.37
N ASP B 102 61.73 39.90 -0.86
CA ASP B 102 61.44 38.65 -0.15
C ASP B 102 60.44 38.88 0.97
N THR B 103 60.66 39.92 1.78
CA THR B 103 59.73 40.27 2.85
C THR B 103 58.34 40.57 2.29
N GLU B 104 58.26 41.30 1.19
CA GLU B 104 56.96 41.65 0.62
C GLU B 104 56.26 40.42 0.05
N LEU B 105 57.02 39.53 -0.60
CA LEU B 105 56.47 38.27 -1.07
C LEU B 105 55.86 37.48 0.08
N ILE B 106 56.58 37.39 1.19
CA ILE B 106 56.11 36.59 2.31
C ILE B 106 54.86 37.22 2.91
N TYR B 107 54.91 38.51 3.22
CA TYR B 107 53.75 39.28 3.65
C TYR B 107 52.58 39.06 2.68
N GLY B 108 52.84 39.16 1.38
CA GLY B 108 51.77 39.03 0.40
C GLY B 108 51.13 37.66 0.39
N ALA B 109 51.95 36.61 0.48
CA ALA B 109 51.40 35.26 0.47
C ALA B 109 50.61 34.99 1.74
N LYS B 110 51.12 35.40 2.90
CA LYS B 110 50.38 35.16 4.13
C LYS B 110 49.07 35.93 4.13
N HIS B 111 49.06 37.10 3.51
CA HIS B 111 47.85 37.91 3.52
C HIS B 111 46.84 37.48 2.46
N ALA B 112 47.30 36.92 1.34
CA ALA B 112 46.34 36.24 0.47
C ALA B 112 45.65 35.10 1.20
N TRP B 113 46.39 34.35 2.02
CA TRP B 113 45.77 33.28 2.80
C TRP B 113 44.83 33.86 3.84
N ARG B 114 45.29 34.86 4.58
CA ARG B 114 44.45 35.52 5.57
C ARG B 114 43.19 36.11 4.95
N ASN B 115 43.24 36.46 3.67
CA ASN B 115 42.13 37.10 2.99
C ASN B 115 41.20 36.12 2.28
N ALA B 116 41.55 34.83 2.27
CA ALA B 116 40.79 33.83 1.52
C ALA B 116 39.48 33.56 2.27
N SER B 117 38.42 34.24 1.83
CA SER B 117 37.18 34.17 2.58
CA SER B 117 37.14 34.17 2.53
C SER B 117 36.63 32.74 2.64
N ARG B 118 36.97 31.89 1.67
CA ARG B 118 36.40 30.56 1.64
C ARG B 118 37.15 29.55 2.48
N CYS B 119 38.22 29.96 3.18
CA CYS B 119 39.10 29.02 3.85
C CYS B 119 38.81 29.01 5.34
N VAL B 120 38.47 27.81 5.85
CA VAL B 120 38.16 27.66 7.27
C VAL B 120 39.41 27.46 8.11
N GLY B 121 40.56 27.26 7.49
CA GLY B 121 41.80 27.03 8.20
C GLY B 121 42.62 28.26 8.52
N ARG B 122 42.09 29.47 8.34
CA ARG B 122 42.95 30.65 8.38
C ARG B 122 43.47 31.02 9.76
N ILE B 123 43.06 30.34 10.84
CA ILE B 123 43.66 30.65 12.12
C ILE B 123 45.18 30.45 12.07
N GLN B 124 45.64 29.62 11.14
CA GLN B 124 47.05 29.31 10.89
C GLN B 124 47.74 30.30 9.95
N TRP B 125 47.03 31.33 9.46
CA TRP B 125 47.50 32.09 8.31
C TRP B 125 48.95 32.60 8.47
N SER B 126 49.33 33.08 9.65
CA SER B 126 50.66 33.64 9.78
C SER B 126 51.74 32.57 9.94
N LYS B 127 51.36 31.30 10.07
CA LYS B 127 52.31 30.20 10.16
C LYS B 127 52.36 29.48 8.80
N LEU B 128 53.06 30.11 7.87
CA LEU B 128 53.05 29.67 6.48
C LEU B 128 54.48 29.73 5.96
N GLN B 129 54.99 28.61 5.50
CA GLN B 129 56.33 28.58 4.94
C GLN B 129 56.26 29.01 3.47
N VAL B 130 56.99 30.07 3.12
CA VAL B 130 56.97 30.59 1.76
C VAL B 130 58.26 30.17 1.07
N PHE B 131 58.12 29.41 -0.03
CA PHE B 131 59.26 29.00 -0.84
C PHE B 131 59.30 29.89 -2.08
N ASP B 132 60.30 30.75 -2.13
CA ASP B 132 60.50 31.65 -3.26
C ASP B 132 61.13 30.85 -4.40
N ALA B 133 60.37 30.61 -5.46
CA ALA B 133 60.89 29.92 -6.63
C ALA B 133 60.89 30.84 -7.84
N ARG B 134 61.09 32.13 -7.62
CA ARG B 134 61.02 33.05 -8.75
C ARG B 134 62.28 33.02 -9.62
N ASP B 135 63.29 32.25 -9.23
CA ASP B 135 64.44 32.03 -10.10
C ASP B 135 64.23 30.84 -11.03
N CYS B 136 63.12 30.14 -10.89
CA CYS B 136 62.87 28.95 -11.70
C CYS B 136 62.75 29.33 -13.17
N THR B 137 63.26 28.46 -14.06
CA THR B 137 63.20 28.73 -15.49
C THR B 137 62.68 27.59 -16.35
N THR B 138 62.57 26.38 -15.85
CA THR B 138 62.16 25.23 -16.66
C THR B 138 61.25 24.35 -15.83
N ALA B 139 60.50 23.50 -16.55
CA ALA B 139 59.58 22.59 -15.88
C ALA B 139 60.33 21.59 -15.00
N HIS B 140 61.57 21.27 -15.37
CA HIS B 140 62.43 20.49 -14.48
C HIS B 140 62.67 21.22 -13.17
N GLY B 141 63.02 22.50 -13.25
CA GLY B 141 63.18 23.28 -12.04
C GLY B 141 61.89 23.37 -11.24
N MET B 142 60.75 23.50 -11.93
CA MET B 142 59.47 23.53 -11.22
C MET B 142 59.25 22.22 -10.49
N PHE B 143 59.58 21.11 -11.13
CA PHE B 143 59.43 19.79 -10.52
C PHE B 143 60.30 19.68 -9.27
N ASN B 144 61.55 20.13 -9.37
CA ASN B 144 62.44 20.15 -8.22
C ASN B 144 61.83 20.95 -7.06
N TYR B 145 61.34 22.15 -7.35
CA TYR B 145 60.74 22.97 -6.29
C TYR B 145 59.50 22.30 -5.71
N ILE B 146 58.66 21.71 -6.55
CA ILE B 146 57.44 21.11 -6.05
C ILE B 146 57.76 19.89 -5.20
N CYS B 147 58.76 19.11 -5.61
CA CYS B 147 59.17 17.97 -4.81
C CYS B 147 59.63 18.41 -3.44
N ASN B 148 60.42 19.48 -3.39
CA ASN B 148 60.90 20.00 -2.12
C ASN B 148 59.72 20.48 -1.27
N HIS B 149 58.79 21.20 -1.90
CA HIS B 149 57.57 21.61 -1.23
C HIS B 149 56.83 20.41 -0.62
N VAL B 150 56.56 19.40 -1.45
CA VAL B 150 55.81 18.24 -0.98
C VAL B 150 56.52 17.56 0.18
N LYS B 151 57.85 17.42 0.09
CA LYS B 151 58.58 16.76 1.17
C LYS B 151 58.55 17.61 2.44
N TYR B 152 58.78 18.91 2.31
CA TYR B 152 58.74 19.80 3.48
C TYR B 152 57.35 19.79 4.08
N ALA B 153 56.33 19.96 3.23
CA ALA B 153 54.97 20.11 3.73
C ALA B 153 54.48 18.81 4.36
N THR B 154 54.85 17.67 3.77
CA THR B 154 54.39 16.40 4.31
C THR B 154 55.05 16.11 5.65
N ASN B 155 56.38 16.23 5.72
CA ASN B 155 57.08 16.17 7.00
C ASN B 155 56.75 14.87 7.75
N LYS B 156 56.71 13.76 7.00
CA LYS B 156 56.41 12.43 7.54
C LYS B 156 55.09 12.39 8.30
N GLY B 157 54.11 13.20 7.89
CA GLY B 157 52.78 13.16 8.48
C GLY B 157 52.47 14.33 9.40
N ASN B 158 53.48 14.98 9.98
CA ASN B 158 53.27 16.20 10.76
C ASN B 158 53.21 17.39 9.80
N LEU B 159 52.06 17.55 9.16
CA LEU B 159 52.02 18.39 7.97
C LEU B 159 52.27 19.85 8.33
N ARG B 160 52.84 20.58 7.39
CA ARG B 160 53.18 21.97 7.59
C ARG B 160 52.70 22.77 6.40
N SER B 161 52.19 23.96 6.65
CA SER B 161 51.66 24.78 5.57
C SER B 161 52.77 25.41 4.76
N ALA B 162 52.59 25.41 3.44
CA ALA B 162 53.64 25.84 2.55
C ALA B 162 53.03 26.37 1.27
N ILE B 163 53.72 27.33 0.68
CA ILE B 163 53.42 27.81 -0.65
C ILE B 163 54.74 27.96 -1.39
N THR B 164 54.75 27.59 -2.66
CA THR B 164 55.92 27.80 -3.51
C THR B 164 55.50 28.72 -4.64
N ILE B 165 56.27 29.79 -4.84
CA ILE B 165 55.85 30.87 -5.72
C ILE B 165 56.83 30.96 -6.88
N PHE B 166 56.34 30.58 -8.05
CA PHE B 166 57.09 30.59 -9.30
C PHE B 166 57.02 31.97 -9.93
N PRO B 167 57.81 32.22 -10.98
CA PRO B 167 57.86 33.55 -11.56
C PRO B 167 56.48 34.09 -11.95
N GLN B 168 56.26 35.34 -11.59
CA GLN B 168 55.03 36.04 -11.93
C GLN B 168 54.81 36.09 -13.44
N ARG B 169 53.55 36.31 -13.81
CA ARG B 169 53.20 36.57 -15.20
C ARG B 169 53.89 37.83 -15.68
N THR B 170 54.33 37.81 -16.94
CA THR B 170 54.98 38.98 -17.55
C THR B 170 54.09 39.56 -18.65
N ASP B 171 53.96 38.88 -19.79
CA ASP B 171 53.06 39.33 -20.85
C ASP B 171 51.86 38.42 -21.04
N GLY B 172 51.78 37.30 -20.32
CA GLY B 172 50.73 36.34 -20.55
C GLY B 172 51.08 35.26 -21.55
N LYS B 173 52.17 35.43 -22.31
CA LYS B 173 52.67 34.41 -23.21
C LYS B 173 53.72 33.52 -22.56
N HIS B 174 54.18 33.85 -21.37
CA HIS B 174 55.30 33.17 -20.73
C HIS B 174 54.92 32.66 -19.34
N ASP B 175 53.66 32.29 -19.18
CA ASP B 175 53.14 31.93 -17.86
C ASP B 175 53.81 30.67 -17.33
N PHE B 176 54.11 30.67 -16.04
CA PHE B 176 54.35 29.43 -15.34
C PHE B 176 53.01 28.88 -14.89
N ARG B 177 52.79 27.58 -15.11
CA ARG B 177 51.56 26.95 -14.65
C ARG B 177 51.82 25.53 -14.18
N VAL B 178 51.20 25.17 -13.08
CA VAL B 178 50.98 23.76 -12.77
C VAL B 178 49.64 23.41 -13.38
N TRP B 179 49.65 22.51 -14.37
CA TRP B 179 48.39 22.14 -15.02
C TRP B 179 47.52 21.30 -14.09
N ASN B 180 48.13 20.61 -13.12
CA ASN B 180 47.33 19.87 -12.16
C ASN B 180 46.52 20.84 -11.32
N SER B 181 45.32 20.41 -10.94
CA SER B 181 44.51 21.26 -10.07
C SER B 181 45.05 21.24 -8.66
N GLN B 182 45.43 20.05 -8.19
CA GLN B 182 46.19 19.87 -6.96
C GLN B 182 47.42 19.05 -7.27
N LEU B 183 48.48 19.29 -6.48
CA LEU B 183 49.75 18.60 -6.68
C LEU B 183 49.55 17.09 -6.72
N ILE B 184 48.76 16.55 -5.81
CA ILE B 184 48.49 15.12 -5.69
C ILE B 184 47.00 14.88 -5.89
N ARG B 185 46.65 14.18 -6.97
CA ARG B 185 45.27 13.76 -7.24
C ARG B 185 45.32 12.41 -7.92
N TYR B 186 44.20 11.70 -7.88
CA TYR B 186 44.12 10.39 -8.52
C TYR B 186 43.55 10.51 -9.92
N ALA B 187 44.02 9.65 -10.81
CA ALA B 187 43.55 9.66 -12.18
C ALA B 187 42.08 9.26 -12.27
N GLY B 188 41.46 9.63 -13.38
CA GLY B 188 40.12 9.18 -13.70
C GLY B 188 40.07 8.65 -15.11
N TYR B 189 39.51 7.46 -15.29
CA TYR B 189 39.48 6.80 -16.59
C TYR B 189 38.05 6.60 -17.03
N LYS B 190 37.77 6.96 -18.28
CA LYS B 190 36.48 6.66 -18.89
C LYS B 190 36.48 5.21 -19.34
N GLN B 191 35.57 4.41 -18.80
CA GLN B 191 35.52 2.99 -19.11
C GLN B 191 34.71 2.73 -20.38
N PRO B 192 34.96 1.60 -21.05
CA PRO B 192 34.19 1.30 -22.27
C PRO B 192 32.69 1.23 -22.05
N ASP B 193 32.26 0.61 -20.96
CA ASP B 193 30.85 0.53 -20.58
C ASP B 193 30.30 1.83 -20.07
N GLY B 194 30.98 2.96 -20.23
CA GLY B 194 30.45 4.25 -19.85
C GLY B 194 30.64 4.65 -18.40
N SER B 195 30.93 3.69 -17.52
CA SER B 195 31.25 4.03 -16.14
C SER B 195 32.63 4.70 -16.06
N THR B 196 33.03 5.06 -14.85
CA THR B 196 34.29 5.77 -14.65
C THR B 196 35.10 5.10 -13.57
N LEU B 197 36.39 4.90 -13.83
CA LEU B 197 37.33 4.34 -12.88
C LEU B 197 38.18 5.45 -12.28
N GLY B 198 38.32 5.45 -10.96
CA GLY B 198 39.10 6.47 -10.28
C GLY B 198 38.29 7.71 -9.97
N ASP B 199 38.93 8.89 -10.09
CA ASP B 199 38.30 10.15 -9.72
C ASP B 199 37.69 10.78 -10.97
N PRO B 200 36.36 10.79 -11.11
CA PRO B 200 35.76 11.34 -12.34
C PRO B 200 36.07 12.80 -12.58
N ALA B 201 36.34 13.57 -11.53
CA ALA B 201 36.74 14.97 -11.72
C ALA B 201 37.99 15.09 -12.59
N ASN B 202 38.87 14.10 -12.56
CA ASN B 202 40.16 14.21 -13.21
C ASN B 202 40.22 13.48 -14.53
N VAL B 203 39.05 13.09 -15.08
CA VAL B 203 39.02 12.35 -16.33
C VAL B 203 39.70 13.14 -17.44
N GLN B 204 39.36 14.42 -17.57
CA GLN B 204 39.93 15.22 -18.64
C GLN B 204 41.44 15.40 -18.45
N PHE B 205 41.86 15.82 -17.26
CA PHE B 205 43.28 15.99 -17.00
C PHE B 205 44.04 14.69 -17.18
N THR B 206 43.44 13.57 -16.78
CA THR B 206 44.03 12.26 -17.04
C THR B 206 44.22 12.01 -18.53
N GLU B 207 43.21 12.34 -19.35
CA GLU B 207 43.32 12.11 -20.79
C GLU B 207 44.43 12.96 -21.39
N ILE B 208 44.60 14.20 -20.89
CA ILE B 208 45.70 15.05 -21.34
C ILE B 208 47.04 14.42 -21.00
N CYS B 209 47.17 13.95 -19.75
CA CYS B 209 48.39 13.25 -19.35
C CYS B 209 48.65 12.04 -20.21
N ILE B 210 47.64 11.19 -20.42
CA ILE B 210 47.80 10.02 -21.28
C ILE B 210 48.18 10.46 -22.69
N GLN B 211 47.56 11.55 -23.17
CA GLN B 211 47.90 12.04 -24.49
C GLN B 211 49.33 12.56 -24.56
N GLN B 212 49.87 13.00 -23.43
CA GLN B 212 51.23 13.52 -23.39
C GLN B 212 52.27 12.44 -23.12
N GLY B 213 51.91 11.17 -23.26
CA GLY B 213 52.84 10.08 -23.04
C GLY B 213 52.70 9.37 -21.70
N TRP B 214 51.86 9.85 -20.78
CA TRP B 214 51.72 9.14 -19.51
C TRP B 214 51.13 7.76 -19.74
N LYS B 215 51.81 6.75 -19.21
CA LYS B 215 51.28 5.39 -19.24
C LYS B 215 50.48 5.19 -17.95
N PRO B 216 49.16 5.13 -18.01
CA PRO B 216 48.39 4.96 -16.79
C PRO B 216 48.39 3.51 -16.34
N PRO B 217 48.53 3.26 -15.05
CA PRO B 217 48.24 1.92 -14.52
C PRO B 217 46.77 1.55 -14.57
N ARG B 218 45.89 2.53 -14.81
CA ARG B 218 44.45 2.31 -14.95
C ARG B 218 43.87 1.60 -13.73
N GLY B 219 44.07 2.23 -12.57
CA GLY B 219 43.50 1.78 -11.33
C GLY B 219 42.65 2.86 -10.68
N ARG B 220 42.15 2.53 -9.49
CA ARG B 220 41.22 3.41 -8.79
C ARG B 220 41.91 4.58 -8.10
N PHE B 221 43.19 4.44 -7.76
CA PHE B 221 43.93 5.46 -7.03
C PHE B 221 45.32 5.62 -7.63
N ASP B 222 45.36 6.02 -8.91
CA ASP B 222 46.63 6.26 -9.60
C ASP B 222 47.02 7.72 -9.36
N VAL B 223 48.09 7.93 -8.59
CA VAL B 223 48.58 9.30 -8.40
C VAL B 223 48.95 9.87 -9.76
N LEU B 224 48.36 11.00 -10.10
CA LEU B 224 48.61 11.58 -11.40
C LEU B 224 50.02 12.15 -11.47
N PRO B 225 50.61 12.20 -12.67
CA PRO B 225 51.88 12.90 -12.84
C PRO B 225 51.66 14.39 -12.74
N LEU B 226 52.74 15.10 -12.45
CA LEU B 226 52.74 16.56 -12.57
C LEU B 226 52.82 16.94 -14.05
N LEU B 227 52.05 17.96 -14.43
CA LEU B 227 52.11 18.53 -15.78
C LEU B 227 52.51 19.99 -15.59
N LEU B 228 53.79 20.26 -15.81
CA LEU B 228 54.39 21.53 -15.43
C LEU B 228 54.70 22.36 -16.66
N GLN B 229 54.30 23.63 -16.62
CA GLN B 229 54.55 24.58 -17.70
C GLN B 229 55.40 25.72 -17.17
N ALA B 230 56.55 25.93 -17.80
CA ALA B 230 57.49 26.99 -17.44
C ALA B 230 57.65 27.96 -18.60
N ASN B 231 57.60 29.25 -18.29
CA ASN B 231 57.85 30.33 -19.25
C ASN B 231 57.05 30.15 -20.55
N GLY B 232 55.80 29.72 -20.42
CA GLY B 232 54.93 29.58 -21.56
C GLY B 232 55.19 28.39 -22.45
N ASN B 233 56.20 27.58 -22.17
CA ASN B 233 56.49 26.47 -23.06
C ASN B 233 55.45 25.36 -22.90
N ASP B 234 55.49 24.41 -23.83
CA ASP B 234 54.65 23.22 -23.71
C ASP B 234 54.86 22.57 -22.34
N PRO B 235 53.82 22.06 -21.71
CA PRO B 235 53.98 21.45 -20.39
C PRO B 235 54.63 20.07 -20.49
N GLU B 236 55.27 19.66 -19.38
CA GLU B 236 56.06 18.44 -19.33
C GLU B 236 55.61 17.55 -18.18
N LEU B 237 55.58 16.23 -18.42
CA LEU B 237 55.17 15.27 -17.41
C LEU B 237 56.32 14.91 -16.48
N PHE B 238 56.01 14.78 -15.19
CA PHE B 238 56.96 14.31 -14.17
C PHE B 238 56.24 13.39 -13.20
N GLN B 239 56.82 12.24 -12.89
CA GLN B 239 56.27 11.39 -11.84
C GLN B 239 56.81 11.83 -10.49
N ILE B 240 55.92 12.26 -9.59
CA ILE B 240 56.33 12.54 -8.21
C ILE B 240 56.86 11.25 -7.59
N PRO B 241 58.07 11.23 -7.05
CA PRO B 241 58.57 10.03 -6.40
C PRO B 241 57.57 9.54 -5.37
N PRO B 242 57.13 8.28 -5.48
CA PRO B 242 56.03 7.80 -4.62
C PRO B 242 56.34 7.95 -3.14
N GLU B 243 57.61 7.81 -2.75
CA GLU B 243 57.97 7.94 -1.35
C GLU B 243 57.69 9.33 -0.80
N LEU B 244 57.54 10.33 -1.67
CA LEU B 244 57.08 11.64 -1.24
C LEU B 244 55.56 11.73 -1.13
N VAL B 245 54.80 10.77 -1.67
CA VAL B 245 53.33 10.85 -1.69
C VAL B 245 52.81 10.02 -0.52
N LEU B 246 52.58 10.69 0.60
CA LEU B 246 52.06 10.03 1.79
C LEU B 246 50.57 9.74 1.62
N GLU B 247 50.19 8.49 1.78
CA GLU B 247 48.83 8.00 1.57
C GLU B 247 48.36 7.32 2.83
N VAL B 248 47.06 7.36 3.07
CA VAL B 248 46.48 6.77 4.27
C VAL B 248 45.46 5.72 3.85
N PRO B 249 45.69 4.45 4.15
CA PRO B 249 44.64 3.44 3.92
C PRO B 249 43.46 3.71 4.84
N ILE B 250 42.26 3.76 4.28
CA ILE B 250 41.07 4.08 5.06
C ILE B 250 40.51 2.80 5.66
N ARG B 251 40.51 2.73 6.99
CA ARG B 251 39.82 1.68 7.73
C ARG B 251 38.92 2.33 8.80
N HIS B 252 38.05 1.50 9.38
CA HIS B 252 37.04 1.90 10.34
C HIS B 252 37.34 1.32 11.72
N PRO B 253 37.20 2.11 12.78
CA PRO B 253 37.51 1.59 14.12
C PRO B 253 36.58 0.48 14.58
N LYS B 254 35.41 0.32 13.98
CA LYS B 254 34.46 -0.73 14.34
C LYS B 254 34.23 -1.72 13.21
N PHE B 255 34.02 -1.24 12.00
CA PHE B 255 33.64 -2.11 10.88
C PHE B 255 34.90 -2.69 10.28
N GLU B 256 35.20 -3.94 10.65
CA GLU B 256 36.40 -4.62 10.14
C GLU B 256 36.35 -4.78 8.62
N TRP B 257 35.15 -4.85 8.05
CA TRP B 257 35.02 -4.97 6.60
C TRP B 257 35.38 -3.68 5.87
N PHE B 258 35.51 -2.56 6.58
CA PHE B 258 35.69 -1.30 5.88
C PHE B 258 37.02 -1.25 5.13
N LYS B 259 38.06 -1.87 5.69
CA LYS B 259 39.34 -1.90 4.99
C LYS B 259 39.23 -2.60 3.65
N ASP B 260 38.27 -3.53 3.50
CA ASP B 260 38.14 -4.29 2.27
C ASP B 260 37.64 -3.44 1.12
N LEU B 261 37.11 -2.25 1.38
CA LEU B 261 36.72 -1.34 0.30
C LEU B 261 37.91 -0.89 -0.53
N GLY B 262 39.13 -1.05 -0.02
CA GLY B 262 40.32 -0.66 -0.76
C GLY B 262 40.48 0.82 -0.94
N LEU B 263 39.94 1.63 -0.04
CA LEU B 263 40.05 3.07 -0.16
C LEU B 263 41.34 3.56 0.45
N LYS B 264 41.96 4.53 -0.20
CA LYS B 264 43.00 5.35 0.42
C LYS B 264 42.74 6.80 0.05
N TRP B 265 43.44 7.70 0.73
CA TRP B 265 43.57 9.05 0.25
C TRP B 265 45.00 9.52 0.51
N TYR B 266 45.39 10.58 -0.18
CA TYR B 266 46.69 11.16 0.09
C TYR B 266 46.56 12.13 1.25
N GLY B 267 47.69 12.36 1.93
CA GLY B 267 47.64 13.20 3.12
C GLY B 267 47.77 14.67 2.83
N LEU B 268 48.29 15.05 1.67
CA LEU B 268 48.66 16.44 1.43
C LEU B 268 47.67 17.08 0.47
N PRO B 269 46.81 17.97 0.91
CA PRO B 269 46.00 18.73 -0.05
C PRO B 269 46.79 19.93 -0.52
N ALA B 270 47.00 20.09 -1.81
CA ALA B 270 47.93 21.10 -2.29
C ALA B 270 47.36 21.77 -3.53
N VAL B 271 46.73 22.93 -3.36
CA VAL B 271 46.05 23.55 -4.49
C VAL B 271 47.07 24.16 -5.42
N SER B 272 47.01 23.80 -6.70
CA SER B 272 48.04 24.24 -7.62
C SER B 272 47.52 25.02 -8.82
N ASN B 273 46.21 25.25 -8.93
CA ASN B 273 45.67 25.87 -10.14
C ASN B 273 45.19 27.30 -9.91
N MET B 274 45.54 27.90 -8.78
CA MET B 274 45.07 29.23 -8.43
C MET B 274 46.14 30.27 -8.71
N LEU B 275 45.70 31.51 -8.77
CA LEU B 275 46.54 32.65 -9.07
C LEU B 275 46.73 33.46 -7.80
N LEU B 276 47.98 33.82 -7.51
CA LEU B 276 48.29 34.65 -6.35
C LEU B 276 48.54 36.05 -6.86
N GLU B 277 47.77 37.00 -6.35
CA GLU B 277 47.79 38.36 -6.83
C GLU B 277 48.27 39.26 -5.70
N ILE B 278 49.42 39.91 -5.92
CA ILE B 278 50.03 40.80 -4.94
C ILE B 278 50.41 42.09 -5.66
N GLY B 279 49.80 43.19 -5.26
CA GLY B 279 50.10 44.50 -5.82
C GLY B 279 50.10 44.57 -7.33
N GLY B 280 49.09 44.00 -7.95
CA GLY B 280 49.02 43.94 -9.40
C GLY B 280 49.89 42.88 -10.04
N LEU B 281 50.75 42.22 -9.29
CA LEU B 281 51.52 41.10 -9.84
C LEU B 281 50.72 39.82 -9.74
N GLU B 282 50.87 38.98 -10.74
CA GLU B 282 50.08 37.75 -10.87
C GLU B 282 51.01 36.56 -10.88
N PHE B 283 51.00 35.79 -9.79
CA PHE B 283 51.76 34.56 -9.71
C PHE B 283 50.82 33.42 -10.10
N SER B 284 50.91 33.01 -11.37
CA SER B 284 50.03 32.01 -11.96
C SER B 284 50.38 30.58 -11.55
N ALA B 285 51.52 30.38 -10.90
CA ALA B 285 51.92 29.07 -10.40
C ALA B 285 52.38 29.30 -8.97
N CYS B 286 51.53 28.92 -8.03
CA CYS B 286 51.79 29.18 -6.63
C CYS B 286 51.22 28.05 -5.78
N PRO B 287 51.60 26.80 -6.03
CA PRO B 287 51.02 25.69 -5.27
C PRO B 287 51.14 25.93 -3.77
N PHE B 288 50.01 25.78 -3.08
CA PHE B 288 49.97 25.95 -1.64
C PHE B 288 49.27 24.76 -1.01
N SER B 289 49.69 24.39 0.19
CA SER B 289 49.15 23.21 0.82
C SER B 289 49.02 23.47 2.31
N GLY B 290 48.07 22.77 2.92
CA GLY B 290 47.95 22.74 4.35
C GLY B 290 47.75 21.31 4.79
N TRP B 291 46.65 21.06 5.50
CA TRP B 291 46.27 19.70 5.84
C TRP B 291 44.75 19.62 5.72
N TYR B 292 44.23 18.40 5.73
CA TYR B 292 42.83 18.17 5.38
C TYR B 292 41.88 18.38 6.56
N MET B 293 40.72 18.93 6.25
CA MET B 293 39.55 18.72 7.10
C MET B 293 38.91 17.41 6.63
N GLY B 294 38.63 16.52 7.59
CA GLY B 294 38.17 15.19 7.22
C GLY B 294 37.04 15.17 6.21
N THR B 295 36.14 16.17 6.26
CA THR B 295 34.96 16.18 5.39
C THR B 295 35.31 16.39 3.92
N GLU B 296 36.43 17.07 3.64
CA GLU B 296 36.85 17.22 2.25
C GLU B 296 37.04 15.85 1.59
N ILE B 297 37.66 14.91 2.31
CA ILE B 297 37.82 13.55 1.81
C ILE B 297 36.54 12.75 1.97
N GLY B 298 36.02 12.71 3.21
CA GLY B 298 34.98 11.76 3.54
C GLY B 298 33.60 12.13 3.04
N VAL B 299 33.32 13.43 2.89
CA VAL B 299 32.05 13.88 2.33
C VAL B 299 32.17 14.18 0.84
N ARG B 300 33.09 15.09 0.46
CA ARG B 300 33.11 15.56 -0.92
C ARG B 300 33.84 14.58 -1.84
N ASP B 301 35.09 14.25 -1.53
CA ASP B 301 35.86 13.36 -2.39
C ASP B 301 35.21 12.00 -2.53
N TYR B 302 34.78 11.43 -1.41
CA TYR B 302 34.24 10.07 -1.44
C TYR B 302 32.76 10.00 -1.78
N CYS B 303 31.96 11.02 -1.44
CA CYS B 303 30.51 10.85 -1.50
C CYS B 303 29.79 11.79 -2.45
N ASP B 304 30.45 12.79 -3.04
CA ASP B 304 29.83 13.46 -4.18
C ASP B 304 29.46 12.42 -5.24
N ASN B 305 28.33 12.64 -5.90
CA ASN B 305 27.88 11.70 -6.91
CA ASN B 305 27.87 11.72 -6.92
C ASN B 305 28.82 11.67 -8.11
N SER B 306 29.39 12.81 -8.48
CA SER B 306 30.31 12.85 -9.60
C SER B 306 31.77 12.74 -9.15
N ARG B 307 32.00 12.30 -7.92
CA ARG B 307 33.33 11.94 -7.46
C ARG B 307 33.38 10.43 -7.24
N TYR B 308 33.97 9.98 -6.12
CA TYR B 308 34.11 8.53 -5.93
C TYR B 308 32.77 7.86 -5.61
N ASN B 309 31.81 8.59 -5.04
CA ASN B 309 30.41 8.15 -4.98
C ASN B 309 30.27 6.79 -4.29
N ILE B 310 30.89 6.65 -3.11
CA ILE B 310 30.95 5.33 -2.46
C ILE B 310 29.77 5.07 -1.54
N LEU B 311 28.79 5.99 -1.47
CA LEU B 311 27.71 5.84 -0.48
C LEU B 311 27.01 4.50 -0.61
N GLU B 312 26.60 4.15 -1.83
CA GLU B 312 25.86 2.91 -2.03
C GLU B 312 26.62 1.70 -1.52
N GLU B 313 27.92 1.60 -1.86
CA GLU B 313 28.68 0.41 -1.51
C GLU B 313 28.91 0.33 -0.01
N VAL B 314 29.20 1.46 0.63
CA VAL B 314 29.33 1.46 2.08
C VAL B 314 28.01 1.10 2.73
N ALA B 315 26.92 1.68 2.24
CA ALA B 315 25.61 1.40 2.81
C ALA B 315 25.25 -0.07 2.68
N LYS B 316 25.51 -0.67 1.52
CA LYS B 316 25.28 -2.10 1.34
C LYS B 316 26.04 -2.92 2.38
N LYS B 317 27.33 -2.60 2.57
CA LYS B 317 28.11 -3.28 3.58
C LYS B 317 27.53 -3.07 4.97
N MET B 318 26.93 -1.89 5.22
CA MET B 318 26.33 -1.63 6.51
C MET B 318 24.97 -2.29 6.68
N ASN B 319 24.41 -2.84 5.60
CA ASN B 319 23.09 -3.49 5.62
C ASN B 319 22.00 -2.50 6.02
N LEU B 320 21.94 -1.39 5.27
CA LEU B 320 20.95 -0.36 5.49
C LEU B 320 19.80 -0.52 4.51
N ASP B 321 18.61 -0.06 4.94
CA ASP B 321 17.45 0.10 4.08
C ASP B 321 17.74 1.15 3.03
N MET B 322 17.97 0.75 1.77
CA MET B 322 18.34 1.69 0.73
C MET B 322 17.23 1.92 -0.29
N ARG B 323 16.02 1.43 -0.05
CA ARG B 323 14.94 1.59 -1.03
C ARG B 323 14.26 2.95 -0.96
N LYS B 324 14.39 3.68 0.15
CA LYS B 324 13.77 4.99 0.29
C LYS B 324 14.75 5.98 0.89
N THR B 325 14.66 7.24 0.46
CA THR B 325 15.53 8.27 1.00
C THR B 325 15.31 8.47 2.49
N SER B 326 14.07 8.31 2.96
CA SER B 326 13.71 8.65 4.34
C SER B 326 14.32 7.73 5.38
N SER B 327 14.96 6.61 4.98
CA SER B 327 15.71 5.84 5.97
C SER B 327 17.01 6.52 6.35
N LEU B 328 17.40 7.56 5.61
CA LEU B 328 18.63 8.30 5.85
C LEU B 328 19.86 7.40 5.73
N TRP B 329 19.80 6.40 4.86
CA TRP B 329 20.93 5.50 4.68
C TRP B 329 22.15 6.25 4.16
N LYS B 330 21.96 7.22 3.26
CA LYS B 330 23.09 8.03 2.83
C LYS B 330 23.70 8.76 4.01
N ASP B 331 22.86 9.32 4.88
CA ASP B 331 23.37 10.07 6.03
C ASP B 331 24.11 9.15 6.99
N GLN B 332 23.62 7.92 7.16
CA GLN B 332 24.26 6.97 8.07
C GLN B 332 25.65 6.58 7.57
N ALA B 333 25.73 6.16 6.30
CA ALA B 333 27.03 5.83 5.71
C ALA B 333 27.95 7.03 5.71
N LEU B 334 27.41 8.20 5.40
CA LEU B 334 28.25 9.40 5.32
C LEU B 334 29.01 9.61 6.62
N VAL B 335 28.35 9.37 7.76
CA VAL B 335 29.00 9.56 9.05
C VAL B 335 30.08 8.50 9.27
N GLU B 336 29.76 7.23 9.01
CA GLU B 336 30.74 6.18 9.20
C GLU B 336 31.97 6.39 8.33
N ILE B 337 31.76 6.84 7.09
CA ILE B 337 32.89 7.10 6.20
C ILE B 337 33.79 8.16 6.80
N ASN B 338 33.20 9.21 7.36
CA ASN B 338 34.01 10.29 7.90
C ASN B 338 34.65 9.93 9.22
N ILE B 339 34.00 9.07 10.03
CA ILE B 339 34.68 8.48 11.17
C ILE B 339 35.90 7.68 10.71
N ALA B 340 35.72 6.87 9.67
CA ALA B 340 36.81 6.06 9.14
C ALA B 340 37.97 6.93 8.68
N VAL B 341 37.67 7.97 7.91
CA VAL B 341 38.72 8.85 7.40
C VAL B 341 39.55 9.42 8.55
N LEU B 342 38.85 9.96 9.56
CA LEU B 342 39.55 10.56 10.70
C LEU B 342 40.33 9.52 11.50
N TYR B 343 39.68 8.40 11.81
CA TYR B 343 40.36 7.32 12.51
C TYR B 343 41.59 6.86 11.75
N SER B 344 41.52 6.82 10.42
CA SER B 344 42.66 6.32 9.64
C SER B 344 43.83 7.29 9.65
N PHE B 345 43.57 8.57 9.37
CA PHE B 345 44.63 9.56 9.39
C PHE B 345 45.26 9.68 10.77
N GLN B 346 44.43 9.77 11.81
CA GLN B 346 44.94 9.89 13.17
C GLN B 346 45.74 8.64 13.57
N SER B 347 45.27 7.46 13.19
CA SER B 347 46.01 6.24 13.52
C SER B 347 47.38 6.22 12.85
N ASP B 348 47.46 6.79 11.65
CA ASP B 348 48.72 6.89 10.92
C ASP B 348 49.50 8.15 11.26
N LYS B 349 49.02 8.93 12.23
CA LYS B 349 49.69 10.15 12.68
C LYS B 349 49.93 11.10 11.52
N VAL B 350 48.92 11.23 10.65
CA VAL B 350 48.93 12.22 9.58
C VAL B 350 47.96 13.33 10.01
N THR B 351 48.46 14.57 10.04
CA THR B 351 47.65 15.70 10.45
C THR B 351 46.31 15.70 9.70
N ILE B 352 45.24 15.78 10.46
CA ILE B 352 43.89 15.98 9.94
C ILE B 352 43.13 16.70 11.05
N VAL B 353 42.06 17.39 10.67
CA VAL B 353 41.24 18.08 11.64
C VAL B 353 39.78 17.77 11.31
N ASP B 354 39.00 17.47 12.34
CA ASP B 354 37.61 17.20 12.05
C ASP B 354 36.87 18.52 11.88
N HIS B 355 35.69 18.45 11.25
CA HIS B 355 34.93 19.66 11.01
C HIS B 355 34.46 20.35 12.30
N HIS B 356 34.30 19.64 13.41
CA HIS B 356 33.92 20.33 14.64
C HIS B 356 35.06 21.20 15.16
N SER B 357 36.25 20.62 15.27
CA SER B 357 37.42 21.37 15.72
C SER B 357 37.78 22.48 14.73
N ALA B 358 37.73 22.19 13.43
CA ALA B 358 38.05 23.22 12.45
C ALA B 358 37.10 24.39 12.54
N THR B 359 35.78 24.13 12.56
CA THR B 359 34.85 25.24 12.60
C THR B 359 34.96 25.99 13.93
N GLU B 360 35.20 25.28 15.03
CA GLU B 360 35.44 25.95 16.31
C GLU B 360 36.64 26.88 16.24
N SER B 361 37.74 26.44 15.61
CA SER B 361 38.91 27.28 15.49
CA SER B 361 38.91 27.28 15.49
C SER B 361 38.64 28.48 14.60
N PHE B 362 37.81 28.31 13.57
CA PHE B 362 37.50 29.44 12.70
C PHE B 362 36.70 30.52 13.44
N ILE B 363 35.73 30.13 14.27
CA ILE B 363 35.04 31.10 15.11
C ILE B 363 36.05 31.89 15.93
N LYS B 364 36.99 31.18 16.56
CA LYS B 364 38.04 31.85 17.34
C LYS B 364 38.86 32.78 16.44
N HIS B 365 39.25 32.30 15.26
CA HIS B 365 39.95 33.16 14.32
C HIS B 365 39.14 34.41 14.01
N MET B 366 37.83 34.26 13.71
CA MET B 366 36.98 35.43 13.45
C MET B 366 37.07 36.42 14.59
N GLU B 367 36.84 35.96 15.82
CA GLU B 367 36.94 36.83 16.99
CA GLU B 367 36.93 36.86 16.97
C GLU B 367 38.29 37.56 17.01
N ASN B 368 39.37 36.81 16.79
CA ASN B 368 40.69 37.43 16.77
C ASN B 368 40.76 38.49 15.68
N GLU B 369 40.28 38.16 14.48
CA GLU B 369 40.40 39.09 13.36
C GLU B 369 39.60 40.36 13.61
N TYR B 370 38.34 40.22 14.07
CA TYR B 370 37.58 41.41 14.39
C TYR B 370 38.28 42.22 15.48
N ARG B 371 38.87 41.54 16.45
CA ARG B 371 39.50 42.22 17.58
C ARG B 371 40.71 43.05 17.11
N CYS B 372 41.61 42.46 16.34
CA CYS B 372 42.81 43.19 15.94
C CYS B 372 42.69 43.86 14.58
N ARG B 373 41.88 43.34 13.67
CA ARG B 373 41.85 43.83 12.30
C ARG B 373 40.56 44.56 11.97
N GLY B 374 39.54 44.45 12.81
CA GLY B 374 38.28 45.08 12.50
C GLY B 374 37.44 44.31 11.51
N GLY B 375 37.76 43.06 11.25
CA GLY B 375 36.91 42.23 10.43
C GLY B 375 37.61 40.99 9.93
N CYS B 376 36.82 40.13 9.31
CA CYS B 376 37.32 38.93 8.68
C CYS B 376 36.37 38.51 7.57
N PRO B 377 36.75 38.66 6.31
CA PRO B 377 35.87 38.22 5.22
C PRO B 377 35.69 36.71 5.27
N ALA B 378 34.44 36.27 5.19
CA ALA B 378 34.13 34.86 5.35
C ALA B 378 32.94 34.51 4.47
N ASP B 379 33.10 33.43 3.72
CA ASP B 379 32.08 32.94 2.78
C ASP B 379 31.36 31.76 3.45
N TRP B 380 30.21 32.07 4.06
CA TRP B 380 29.43 31.06 4.80
C TRP B 380 29.19 29.80 3.97
N VAL B 381 28.91 29.98 2.69
CA VAL B 381 28.56 28.87 1.81
C VAL B 381 29.68 27.84 1.73
N TRP B 382 30.93 28.29 1.79
CA TRP B 382 32.12 27.46 1.79
C TRP B 382 32.63 27.11 3.18
N ILE B 383 32.40 27.98 4.17
CA ILE B 383 32.95 27.74 5.50
C ILE B 383 32.18 26.64 6.22
N VAL B 384 30.85 26.66 6.09
CA VAL B 384 30.03 25.63 6.74
C VAL B 384 30.35 24.27 6.13
N PRO B 385 30.60 23.25 6.95
CA PRO B 385 31.03 21.97 6.38
C PRO B 385 29.91 21.32 5.62
N PRO B 386 30.23 20.44 4.65
CA PRO B 386 29.20 19.81 3.82
C PRO B 386 28.42 18.70 4.50
N MET B 387 28.71 18.38 5.75
CA MET B 387 27.84 17.53 6.56
C MET B 387 27.64 18.18 7.93
N SER B 388 26.50 17.86 8.54
CA SER B 388 26.23 18.24 9.94
C SER B 388 26.40 19.72 10.16
N GLY B 389 26.02 20.52 9.16
CA GLY B 389 26.20 21.96 9.21
C GLY B 389 25.82 22.64 10.50
N SER B 390 24.59 22.43 10.97
CA SER B 390 24.08 23.24 12.06
C SER B 390 24.59 22.78 13.43
N ILE B 391 25.21 21.61 13.53
CA ILE B 391 25.81 21.23 14.80
C ILE B 391 27.25 21.72 14.82
N THR B 392 27.64 22.51 13.80
CA THR B 392 28.92 23.22 13.90
C THR B 392 28.66 24.70 14.17
N PRO B 393 29.55 25.36 14.91
CA PRO B 393 29.27 26.75 15.31
C PRO B 393 29.18 27.73 14.16
N VAL B 394 29.89 27.49 13.05
CA VAL B 394 29.90 28.44 11.94
C VAL B 394 28.51 28.54 11.29
N PHE B 395 27.74 27.46 11.29
CA PHE B 395 26.40 27.52 10.74
C PHE B 395 25.61 28.68 11.36
N HIS B 396 25.81 28.93 12.64
CA HIS B 396 25.07 29.94 13.38
C HIS B 396 25.75 31.29 13.37
N GLN B 397 26.84 31.43 12.65
CA GLN B 397 27.64 32.64 12.64
C GLN B 397 27.35 33.41 11.35
N GLU B 398 26.72 34.58 11.48
CA GLU B 398 26.65 35.48 10.35
C GLU B 398 28.07 35.86 9.93
N MET B 399 28.26 36.01 8.63
CA MET B 399 29.57 36.37 8.11
C MET B 399 29.37 37.46 7.07
N LEU B 400 30.40 38.28 6.89
CA LEU B 400 30.42 39.27 5.84
C LEU B 400 31.48 38.85 4.84
N ASN B 401 31.13 38.85 3.56
CA ASN B 401 32.05 38.44 2.53
C ASN B 401 32.46 39.64 1.71
N TYR B 402 33.76 39.82 1.52
CA TYR B 402 34.29 40.91 0.73
C TYR B 402 35.71 40.52 0.31
N ARG B 403 36.18 41.20 -0.71
CA ARG B 403 37.37 40.81 -1.43
C ARG B 403 38.50 41.77 -1.10
N LEU B 404 39.43 41.31 -0.28
CA LEU B 404 40.62 42.06 0.08
C LEU B 404 41.80 41.58 -0.73
N THR B 405 42.74 42.48 -1.00
CA THR B 405 43.98 42.15 -1.68
C THR B 405 45.16 42.33 -0.72
N PRO B 406 46.23 41.49 -0.83
CA PRO B 406 46.46 40.35 -1.74
C PRO B 406 45.45 39.23 -1.64
N SER B 407 45.32 38.44 -2.71
CA SER B 407 44.30 37.41 -2.73
C SER B 407 44.74 36.24 -3.61
N PHE B 408 44.12 35.10 -3.37
CA PHE B 408 44.15 33.97 -4.29
C PHE B 408 42.93 34.07 -5.19
N GLU B 409 43.15 33.94 -6.50
CA GLU B 409 42.09 34.03 -7.49
C GLU B 409 42.01 32.73 -8.27
N TYR B 410 40.84 32.46 -8.84
CA TYR B 410 40.78 31.43 -9.86
C TYR B 410 41.38 31.93 -11.16
N GLN B 411 41.73 31.00 -12.02
CA GLN B 411 42.21 31.32 -13.36
C GLN B 411 41.72 30.24 -14.31
N PRO B 412 41.69 30.51 -15.61
CA PRO B 412 41.33 29.47 -16.57
C PRO B 412 42.26 28.27 -16.45
N ASP B 413 41.71 27.10 -16.75
CA ASP B 413 42.53 25.93 -16.96
C ASP B 413 43.46 26.16 -18.14
N PRO B 414 44.76 25.94 -18.00
CA PRO B 414 45.70 26.36 -19.06
C PRO B 414 45.44 25.67 -20.40
N TRP B 415 44.85 24.47 -20.39
CA TRP B 415 44.63 23.79 -21.67
C TRP B 415 43.56 24.47 -22.52
N ASN B 416 42.76 25.37 -21.95
CA ASN B 416 41.87 26.18 -22.77
C ASN B 416 42.58 27.39 -23.35
N THR B 417 43.69 27.78 -22.74
CA THR B 417 44.52 28.92 -23.13
C THR B 417 45.65 28.53 -24.06
N HIS B 418 46.27 27.37 -23.83
CA HIS B 418 47.62 27.12 -24.35
C HIS B 418 47.59 26.88 -25.86
N VAL B 419 48.46 27.59 -26.57
CA VAL B 419 48.78 27.27 -27.96
C VAL B 419 50.09 26.49 -27.96
N TRP B 420 50.04 25.24 -28.45
CA TRP B 420 51.15 24.32 -28.37
C TRP B 420 52.18 24.62 -29.46
N LYS B 421 53.38 24.04 -29.29
CA LYS B 421 54.48 24.24 -30.23
C LYS B 421 55.26 22.96 -30.52
N ARG C 3 -28.05 -4.84 -16.98
CA ARG C 3 -27.24 -5.81 -17.71
C ARG C 3 -27.78 -7.24 -17.51
N PHE C 4 -26.99 -8.14 -16.92
CA PHE C 4 -27.31 -9.56 -16.96
C PHE C 4 -26.35 -10.37 -16.11
N LEU C 5 -26.76 -11.60 -15.80
CA LEU C 5 -25.91 -12.63 -15.24
C LEU C 5 -26.27 -13.93 -15.93
N LYS C 6 -25.27 -14.71 -16.33
CA LYS C 6 -25.51 -15.96 -17.04
C LYS C 6 -25.40 -17.14 -16.09
N VAL C 7 -26.24 -18.16 -16.33
CA VAL C 7 -26.09 -19.46 -15.71
C VAL C 7 -25.90 -20.48 -16.81
N LYS C 8 -24.93 -21.37 -16.62
CA LYS C 8 -24.61 -22.42 -17.57
C LYS C 8 -25.05 -23.75 -17.01
N ASN C 9 -25.52 -24.64 -17.90
CA ASN C 9 -25.67 -26.05 -17.58
C ASN C 9 -24.46 -26.78 -18.12
N TRP C 10 -23.70 -27.44 -17.25
CA TRP C 10 -22.44 -28.03 -17.67
C TRP C 10 -22.62 -29.37 -18.35
N GLU C 11 -23.82 -29.94 -18.27
CA GLU C 11 -24.17 -31.13 -19.05
C GLU C 11 -24.57 -30.75 -20.46
N THR C 12 -25.51 -29.83 -20.61
CA THR C 12 -26.04 -29.48 -21.93
C THR C 12 -25.33 -28.31 -22.57
N GLU C 13 -24.55 -27.54 -21.81
CA GLU C 13 -23.96 -26.28 -22.24
C GLU C 13 -25.00 -25.21 -22.57
N VAL C 14 -26.27 -25.45 -22.24
CA VAL C 14 -27.25 -24.38 -22.35
C VAL C 14 -26.90 -23.27 -21.38
N VAL C 15 -26.90 -22.04 -21.88
CA VAL C 15 -26.65 -20.85 -21.07
C VAL C 15 -27.93 -20.02 -21.02
N LEU C 16 -28.33 -19.64 -19.80
CA LEU C 16 -29.47 -18.77 -19.57
C LEU C 16 -28.99 -17.44 -19.01
N THR C 17 -29.71 -16.38 -19.35
CA THR C 17 -29.31 -15.02 -19.02
C THR C 17 -30.34 -14.40 -18.10
N ASP C 18 -29.92 -14.07 -16.88
CA ASP C 18 -30.84 -13.64 -15.84
C ASP C 18 -30.85 -12.12 -15.76
N THR C 19 -32.03 -11.53 -15.97
CA THR C 19 -32.30 -10.15 -15.62
C THR C 19 -33.36 -10.02 -14.53
N LEU C 20 -34.12 -11.08 -14.26
CA LEU C 20 -35.16 -11.02 -13.23
C LEU C 20 -34.57 -10.64 -11.87
N HIS C 21 -33.32 -11.06 -11.59
CA HIS C 21 -32.69 -10.75 -10.32
C HIS C 21 -32.62 -9.25 -10.04
N LEU C 22 -32.76 -8.43 -11.07
CA LEU C 22 -32.78 -6.99 -10.83
C LEU C 22 -34.02 -6.55 -10.07
N LYS C 23 -35.00 -7.43 -9.87
CA LYS C 23 -36.17 -7.15 -9.07
C LYS C 23 -36.04 -7.73 -7.67
N SER C 24 -34.86 -8.19 -7.30
CA SER C 24 -34.67 -8.80 -6.01
C SER C 24 -34.86 -7.75 -4.92
N THR C 25 -35.58 -8.13 -3.87
CA THR C 25 -35.97 -7.15 -2.87
C THR C 25 -35.10 -7.18 -1.62
N LEU C 26 -34.89 -8.35 -1.02
CA LEU C 26 -34.22 -8.42 0.26
C LEU C 26 -32.93 -9.22 0.19
N GLU C 27 -32.07 -9.00 1.19
CA GLU C 27 -30.73 -9.55 1.21
C GLU C 27 -30.78 -11.07 1.24
N THR C 28 -29.78 -11.69 0.60
CA THR C 28 -29.67 -13.14 0.58
C THR C 28 -28.95 -13.68 1.80
N GLY C 29 -28.16 -12.85 2.47
CA GLY C 29 -27.20 -13.28 3.45
C GLY C 29 -25.77 -13.19 2.95
N CYS C 30 -25.57 -13.39 1.65
CA CYS C 30 -24.24 -13.33 1.07
C CYS C 30 -23.77 -11.90 0.94
N THR C 31 -22.45 -11.75 0.77
CA THR C 31 -21.80 -10.51 0.37
C THR C 31 -20.79 -10.82 -0.72
N GLU C 32 -20.16 -9.76 -1.25
CA GLU C 32 -19.02 -9.96 -2.14
C GLU C 32 -17.90 -10.75 -1.49
N TYR C 33 -17.88 -10.84 -0.15
CA TYR C 33 -16.78 -11.48 0.55
C TYR C 33 -17.17 -12.77 1.25
N ILE C 34 -18.45 -13.06 1.42
CA ILE C 34 -18.84 -14.31 2.08
C ILE C 34 -20.10 -14.84 1.42
N CYS C 35 -20.17 -16.15 1.23
CA CYS C 35 -21.36 -16.79 0.71
C CYS C 35 -22.02 -17.62 1.80
N MET C 36 -23.33 -17.44 1.96
CA MET C 36 -24.11 -18.12 2.98
C MET C 36 -25.13 -19.06 2.37
N GLY C 37 -24.86 -19.50 1.13
CA GLY C 37 -25.79 -20.33 0.38
C GLY C 37 -26.17 -21.63 1.05
N SER C 38 -25.35 -22.15 1.97
CA SER C 38 -25.75 -23.35 2.70
C SER C 38 -26.25 -23.05 4.12
N ILE C 39 -26.44 -21.78 4.47
CA ILE C 39 -27.07 -21.45 5.74
C ILE C 39 -28.59 -21.57 5.56
N MET C 40 -29.25 -22.28 6.48
CA MET C 40 -30.69 -22.51 6.37
C MET C 40 -31.47 -21.20 6.42
N HIS C 41 -31.17 -20.35 7.41
CA HIS C 41 -31.83 -19.05 7.60
C HIS C 41 -30.75 -17.98 7.56
N PRO C 42 -30.24 -17.65 6.37
CA PRO C 42 -29.08 -16.75 6.29
C PRO C 42 -29.40 -15.32 6.65
N SER C 43 -30.64 -14.90 6.50
CA SER C 43 -30.97 -13.48 6.56
C SER C 43 -32.18 -13.28 7.48
N GLN C 44 -32.12 -12.22 8.28
CA GLN C 44 -33.28 -11.73 9.01
C GLN C 44 -33.85 -10.47 8.40
N HIS C 45 -33.45 -10.13 7.16
CA HIS C 45 -33.94 -8.95 6.48
C HIS C 45 -35.41 -9.14 6.13
N ALA C 46 -36.27 -8.30 6.72
CA ALA C 46 -37.69 -8.31 6.46
C ALA C 46 -38.09 -7.00 5.79
N ARG C 47 -39.20 -7.04 5.05
CA ARG C 47 -39.66 -5.87 4.33
C ARG C 47 -40.38 -4.86 5.24
N ARG C 48 -40.98 -5.32 6.33
CA ARG C 48 -41.67 -4.45 7.27
C ARG C 48 -41.26 -4.79 8.70
N PRO C 49 -41.24 -3.80 9.60
CA PRO C 49 -40.69 -4.04 10.95
C PRO C 49 -41.52 -4.98 11.81
N GLU C 50 -41.23 -4.97 13.12
CA GLU C 50 -41.76 -5.94 14.07
C GLU C 50 -43.29 -5.95 14.13
N ASP C 51 -43.87 -5.10 14.97
CA ASP C 51 -45.31 -5.12 15.14
C ASP C 51 -46.00 -4.22 14.11
N VAL C 52 -47.08 -3.54 14.51
CA VAL C 52 -47.89 -2.80 13.55
C VAL C 52 -47.05 -1.68 12.94
N ALA C 53 -46.88 -1.73 11.62
CA ALA C 53 -46.04 -0.78 10.91
C ALA C 53 -46.76 0.56 10.77
N THR C 54 -45.97 1.63 10.69
CA THR C 54 -46.55 2.93 10.37
C THR C 54 -46.90 2.98 8.88
N LYS C 55 -47.54 4.09 8.49
CA LYS C 55 -47.99 4.21 7.11
C LYS C 55 -46.83 4.23 6.13
N ASP C 56 -45.79 5.01 6.43
CA ASP C 56 -44.65 5.04 5.52
C ASP C 56 -43.89 3.73 5.47
N GLN C 57 -44.19 2.79 6.38
CA GLN C 57 -43.59 1.47 6.29
C GLN C 57 -44.42 0.50 5.47
N LEU C 58 -45.75 0.51 5.66
CA LEU C 58 -46.59 -0.45 4.97
C LEU C 58 -46.99 0.00 3.57
N PHE C 59 -47.31 1.28 3.38
CA PHE C 59 -47.80 1.69 2.07
C PHE C 59 -46.82 1.43 0.95
N PRO C 60 -45.52 1.74 1.07
CA PRO C 60 -44.60 1.47 -0.05
C PRO C 60 -44.60 0.02 -0.50
N LEU C 61 -44.68 -0.93 0.45
CA LEU C 61 -44.78 -2.34 0.11
C LEU C 61 -46.10 -2.67 -0.58
N ALA C 62 -47.21 -2.14 -0.05
CA ALA C 62 -48.50 -2.34 -0.70
C ALA C 62 -48.45 -1.87 -2.15
N LYS C 63 -47.99 -0.64 -2.35
CA LYS C 63 -47.97 -0.06 -3.69
C LYS C 63 -47.13 -0.90 -4.62
N GLU C 64 -45.95 -1.35 -4.16
CA GLU C 64 -45.12 -2.24 -4.96
C GLU C 64 -45.91 -3.47 -5.41
N PHE C 65 -46.62 -4.10 -4.49
CA PHE C 65 -47.37 -5.30 -4.86
C PHE C 65 -48.53 -4.97 -5.78
N ILE C 66 -49.28 -3.90 -5.50
CA ILE C 66 -50.40 -3.55 -6.36
C ILE C 66 -49.90 -3.18 -7.75
N ASP C 67 -48.82 -2.38 -7.81
CA ASP C 67 -48.14 -2.12 -9.07
C ASP C 67 -47.79 -3.40 -9.80
N GLN C 68 -47.14 -4.34 -9.10
CA GLN C 68 -46.75 -5.61 -9.71
C GLN C 68 -47.97 -6.37 -10.22
N TYR C 69 -49.04 -6.43 -9.43
CA TYR C 69 -50.22 -7.18 -9.86
C TYR C 69 -50.89 -6.53 -11.07
N TYR C 70 -51.06 -5.21 -11.04
CA TYR C 70 -51.72 -4.56 -12.17
C TYR C 70 -50.85 -4.56 -13.41
N SER C 71 -49.52 -4.49 -13.25
CA SER C 71 -48.63 -4.70 -14.38
C SER C 71 -48.74 -6.12 -14.92
N SER C 72 -48.87 -7.10 -14.01
CA SER C 72 -48.97 -8.50 -14.44
C SER C 72 -50.16 -8.74 -15.34
N ILE C 73 -51.26 -7.98 -15.16
CA ILE C 73 -52.46 -8.14 -15.99
C ILE C 73 -52.55 -7.05 -17.05
N LYS C 74 -51.42 -6.43 -17.40
CA LYS C 74 -51.34 -5.48 -18.52
C LYS C 74 -52.30 -4.31 -18.30
N ARG C 75 -52.44 -3.92 -17.05
CA ARG C 75 -53.10 -2.66 -16.73
C ARG C 75 -52.00 -1.65 -16.39
N PHE C 76 -51.68 -1.48 -15.10
CA PHE C 76 -50.73 -0.47 -14.64
C PHE C 76 -51.14 0.93 -15.07
N GLY C 77 -51.42 1.77 -14.08
CA GLY C 77 -51.92 3.10 -14.34
C GLY C 77 -53.35 3.15 -14.80
N SER C 78 -53.99 2.00 -15.03
CA SER C 78 -55.41 1.99 -15.38
C SER C 78 -56.23 2.62 -14.25
N LYS C 79 -57.51 2.83 -14.55
CA LYS C 79 -58.41 3.39 -13.57
C LYS C 79 -58.48 2.52 -12.31
N ALA C 80 -58.69 1.21 -12.50
CA ALA C 80 -58.79 0.31 -11.35
C ALA C 80 -57.49 0.25 -10.56
N HIS C 81 -56.35 0.46 -11.21
CA HIS C 81 -55.07 0.46 -10.48
C HIS C 81 -54.96 1.69 -9.60
N MET C 82 -55.21 2.88 -10.16
CA MET C 82 -55.14 4.11 -9.38
C MET C 82 -56.19 4.11 -8.28
N GLU C 83 -57.38 3.59 -8.57
CA GLU C 83 -58.39 3.47 -7.53
C GLU C 83 -57.94 2.50 -6.45
N ARG C 84 -57.34 1.39 -6.86
CA ARG C 84 -56.83 0.43 -5.89
C ARG C 84 -55.78 1.07 -4.98
N LEU C 85 -54.87 1.86 -5.54
CA LEU C 85 -53.89 2.57 -4.72
C LEU C 85 -54.56 3.48 -3.70
N GLU C 86 -55.50 4.30 -4.17
CA GLU C 86 -56.19 5.20 -3.26
C GLU C 86 -56.98 4.41 -2.21
N GLU C 87 -57.52 3.25 -2.59
CA GLU C 87 -58.27 2.43 -1.66
C GLU C 87 -57.36 1.88 -0.58
N VAL C 88 -56.22 1.31 -0.98
CA VAL C 88 -55.22 0.85 -0.02
C VAL C 88 -54.76 2.00 0.86
N ASN C 89 -54.51 3.17 0.25
CA ASN C 89 -54.11 4.35 0.99
C ASN C 89 -55.08 4.66 2.13
N LYS C 90 -56.37 4.74 1.81
CA LYS C 90 -57.37 5.04 2.83
C LYS C 90 -57.48 3.93 3.86
N GLU C 91 -57.39 2.67 3.42
CA GLU C 91 -57.46 1.53 4.34
C GLU C 91 -56.32 1.57 5.35
N ILE C 92 -55.11 1.88 4.91
CA ILE C 92 -54.00 1.97 5.84
C ILE C 92 -54.16 3.19 6.73
N ASP C 93 -54.62 4.31 6.16
CA ASP C 93 -54.92 5.50 6.95
C ASP C 93 -55.91 5.24 8.07
N THR C 94 -56.82 4.28 7.89
CA THR C 94 -57.90 4.10 8.85
C THR C 94 -57.80 2.82 9.67
N THR C 95 -57.00 1.84 9.23
CA THR C 95 -56.86 0.57 9.95
C THR C 95 -55.40 0.13 10.13
N SER C 96 -54.42 0.88 9.63
CA SER C 96 -53.01 0.50 9.67
C SER C 96 -52.72 -0.78 8.90
N THR C 97 -53.65 -1.27 8.09
CA THR C 97 -53.43 -2.43 7.23
C THR C 97 -54.32 -2.27 6.00
N TYR C 98 -54.38 -3.30 5.17
CA TYR C 98 -55.33 -3.30 4.06
C TYR C 98 -55.65 -4.74 3.69
N GLN C 99 -56.76 -4.89 2.99
CA GLN C 99 -57.29 -6.20 2.63
C GLN C 99 -57.09 -6.41 1.14
N LEU C 100 -56.61 -7.60 0.78
CA LEU C 100 -56.39 -7.95 -0.62
C LEU C 100 -57.71 -8.34 -1.28
N LYS C 101 -57.89 -7.93 -2.53
CA LYS C 101 -58.92 -8.53 -3.36
C LYS C 101 -58.63 -10.00 -3.57
N ASP C 102 -59.67 -10.76 -3.89
CA ASP C 102 -59.54 -12.19 -4.14
C ASP C 102 -58.55 -12.49 -5.26
N THR C 103 -58.62 -11.70 -6.34
CA THR C 103 -57.67 -11.85 -7.44
C THR C 103 -56.23 -11.60 -6.97
N GLU C 104 -56.02 -10.55 -6.18
CA GLU C 104 -54.67 -10.23 -5.70
C GLU C 104 -54.16 -11.31 -4.74
N LEU C 105 -55.05 -11.82 -3.90
CA LEU C 105 -54.69 -12.94 -3.02
C LEU C 105 -54.25 -14.14 -3.83
N ILE C 106 -55.02 -14.49 -4.86
CA ILE C 106 -54.68 -15.64 -5.69
C ILE C 106 -53.37 -15.39 -6.43
N TYR C 107 -53.23 -14.21 -7.04
CA TYR C 107 -51.99 -13.82 -7.69
C TYR C 107 -50.82 -13.90 -6.72
N GLY C 108 -51.00 -13.35 -5.52
CA GLY C 108 -49.91 -13.34 -4.54
C GLY C 108 -49.52 -14.73 -4.07
N ALA C 109 -50.50 -15.60 -3.82
CA ALA C 109 -50.17 -16.94 -3.37
C ALA C 109 -49.42 -17.71 -4.44
N LYS C 110 -49.87 -17.62 -5.69
CA LYS C 110 -49.21 -18.36 -6.77
C LYS C 110 -47.79 -17.84 -6.99
N HIS C 111 -47.60 -16.54 -6.83
CA HIS C 111 -46.28 -15.95 -7.07
C HIS C 111 -45.32 -16.21 -5.94
N ALA C 112 -45.83 -16.34 -4.70
CA ALA C 112 -44.96 -16.80 -3.62
C ALA C 112 -44.44 -18.20 -3.91
N TRP C 113 -45.31 -19.10 -4.37
CA TRP C 113 -44.87 -20.41 -4.82
C TRP C 113 -43.87 -20.29 -5.96
N ARG C 114 -44.24 -19.51 -6.99
CA ARG C 114 -43.35 -19.30 -8.13
C ARG C 114 -42.00 -18.75 -7.70
N ASN C 115 -41.95 -17.98 -6.61
CA ASN C 115 -40.71 -17.38 -6.18
C ASN C 115 -39.94 -18.21 -5.16
N ALA C 116 -40.50 -19.34 -4.73
CA ALA C 116 -39.87 -20.19 -3.73
C ALA C 116 -38.61 -20.85 -4.31
N SER C 117 -37.46 -20.20 -4.07
CA SER C 117 -36.23 -20.66 -4.70
CA SER C 117 -36.20 -20.64 -4.66
C SER C 117 -35.88 -22.08 -4.31
N ARG C 118 -36.38 -22.56 -3.18
CA ARG C 118 -36.01 -23.89 -2.72
C ARG C 118 -36.92 -24.99 -3.20
N CYS C 119 -37.93 -24.67 -4.00
CA CYS C 119 -38.96 -25.63 -4.37
C CYS C 119 -38.67 -26.16 -5.77
N VAL C 120 -38.49 -27.48 -5.86
CA VAL C 120 -38.24 -28.13 -7.15
C VAL C 120 -39.53 -28.40 -7.91
N GLY C 121 -40.68 -28.18 -7.28
CA GLY C 121 -41.95 -28.48 -7.91
C GLY C 121 -42.60 -27.33 -8.65
N ARG C 122 -41.90 -26.21 -8.83
CA ARG C 122 -42.57 -24.98 -9.24
C ARG C 122 -43.09 -24.98 -10.68
N ILE C 123 -42.81 -25.98 -11.52
CA ILE C 123 -43.38 -26.01 -12.87
C ILE C 123 -44.90 -25.96 -12.81
N GLN C 124 -45.46 -26.40 -11.69
CA GLN C 124 -46.88 -26.44 -11.38
C GLN C 124 -47.42 -25.13 -10.82
N TRP C 125 -46.59 -24.09 -10.69
CA TRP C 125 -46.89 -22.97 -9.78
C TRP C 125 -48.24 -22.31 -10.09
N SER C 126 -48.61 -22.20 -11.37
CA SER C 126 -49.86 -21.51 -11.67
C SER C 126 -51.09 -22.41 -11.54
N LYS C 127 -50.87 -23.70 -11.33
CA LYS C 127 -51.94 -24.64 -11.00
C LYS C 127 -51.90 -24.82 -9.49
N LEU C 128 -52.60 -23.93 -8.79
CA LEU C 128 -52.63 -23.88 -7.33
C LEU C 128 -54.03 -23.46 -6.94
N GLN C 129 -54.70 -24.29 -6.15
CA GLN C 129 -56.04 -23.97 -5.69
C GLN C 129 -55.93 -23.14 -4.42
N VAL C 130 -56.50 -21.95 -4.43
CA VAL C 130 -56.38 -21.01 -3.31
C VAL C 130 -57.70 -20.98 -2.55
N PHE C 131 -57.65 -21.37 -1.27
CA PHE C 131 -58.81 -21.29 -0.39
C PHE C 131 -58.66 -20.05 0.49
N ASP C 132 -59.56 -19.11 0.30
CA ASP C 132 -59.60 -17.89 1.10
C ASP C 132 -60.29 -18.22 2.42
N ALA C 133 -59.54 -18.18 3.51
CA ALA C 133 -60.11 -18.42 4.83
C ALA C 133 -59.96 -17.18 5.70
N ARG C 134 -59.97 -16.01 5.07
CA ARG C 134 -59.75 -14.79 5.84
C ARG C 134 -60.95 -14.40 6.68
N ASP C 135 -62.12 -15.01 6.46
CA ASP C 135 -63.24 -14.76 7.35
C ASP C 135 -63.19 -15.60 8.61
N CYS C 136 -62.20 -16.49 8.74
CA CYS C 136 -62.14 -17.37 9.89
C CYS C 136 -61.90 -16.59 11.17
N THR C 137 -62.55 -17.02 12.26
CA THR C 137 -62.38 -16.35 13.54
C THR C 137 -61.95 -17.25 14.69
N THR C 138 -62.09 -18.57 14.58
CA THR C 138 -61.85 -19.46 15.71
C THR C 138 -61.07 -20.67 15.24
N ALA C 139 -60.40 -21.32 16.19
CA ALA C 139 -59.62 -22.50 15.86
C ALA C 139 -60.51 -23.60 15.30
N HIS C 140 -61.77 -23.65 15.76
CA HIS C 140 -62.76 -24.55 15.17
C HIS C 140 -62.95 -24.28 13.68
N GLY C 141 -63.16 -23.02 13.33
CA GLY C 141 -63.25 -22.67 11.91
C GLY C 141 -61.97 -23.01 11.16
N MET C 142 -60.82 -22.80 11.81
CA MET C 142 -59.54 -23.19 11.21
C MET C 142 -59.54 -24.69 10.93
N PHE C 143 -60.04 -25.47 11.89
CA PHE C 143 -60.07 -26.92 11.72
C PHE C 143 -60.93 -27.30 10.52
N ASN C 144 -62.13 -26.71 10.44
CA ASN C 144 -63.01 -26.84 9.28
C ASN C 144 -62.28 -26.55 7.97
N TYR C 145 -61.63 -25.38 7.90
CA TYR C 145 -60.94 -25.00 6.67
C TYR C 145 -59.85 -25.99 6.33
N ILE C 146 -59.11 -26.46 7.33
CA ILE C 146 -57.99 -27.36 7.10
C ILE C 146 -58.50 -28.74 6.69
N CYS C 147 -59.58 -29.20 7.29
CA CYS C 147 -60.18 -30.46 6.86
C CYS C 147 -60.57 -30.40 5.40
N ASN C 148 -61.22 -29.30 5.00
CA ASN C 148 -61.62 -29.14 3.61
C ASN C 148 -60.40 -29.05 2.70
N HIS C 149 -59.38 -28.32 3.11
CA HIS C 149 -58.12 -28.31 2.37
C HIS C 149 -57.60 -29.73 2.17
N VAL C 150 -57.48 -30.48 3.27
CA VAL C 150 -56.90 -31.82 3.21
C VAL C 150 -57.73 -32.73 2.32
N LYS C 151 -59.06 -32.69 2.47
CA LYS C 151 -59.91 -33.54 1.63
C LYS C 151 -59.77 -33.15 0.16
N TYR C 152 -59.85 -31.86 -0.14
CA TYR C 152 -59.70 -31.41 -1.51
C TYR C 152 -58.35 -31.82 -2.07
N ALA C 153 -57.27 -31.51 -1.36
CA ALA C 153 -55.92 -31.74 -1.88
C ALA C 153 -55.64 -33.23 -2.06
N THR C 154 -56.13 -34.05 -1.13
CA THR C 154 -55.90 -35.48 -1.21
C THR C 154 -56.62 -36.08 -2.40
N ASN C 155 -57.93 -35.80 -2.53
CA ASN C 155 -58.66 -36.12 -3.76
C ASN C 155 -58.49 -37.60 -4.10
N LYS C 156 -58.60 -38.44 -3.06
CA LYS C 156 -58.55 -39.90 -3.19
C LYS C 156 -57.24 -40.38 -3.84
N GLY C 157 -56.14 -39.66 -3.62
CA GLY C 157 -54.86 -40.03 -4.14
C GLY C 157 -54.43 -39.25 -5.36
N ASN C 158 -55.36 -38.63 -6.09
CA ASN C 158 -55.01 -37.79 -7.23
C ASN C 158 -54.72 -36.38 -6.70
N LEU C 159 -53.54 -36.24 -6.07
CA LEU C 159 -53.28 -35.08 -5.25
C LEU C 159 -53.34 -33.80 -6.07
N ARG C 160 -53.84 -32.74 -5.46
CA ARG C 160 -53.97 -31.44 -6.09
C ARG C 160 -53.38 -30.42 -5.16
N SER C 161 -52.59 -29.50 -5.72
CA SER C 161 -51.91 -28.51 -4.91
C SER C 161 -52.90 -27.48 -4.38
N ALA C 162 -52.73 -27.09 -3.11
CA ALA C 162 -53.66 -26.13 -2.54
C ALA C 162 -52.98 -25.33 -1.43
N ILE C 163 -53.58 -24.19 -1.15
CA ILE C 163 -53.17 -23.36 -0.03
C ILE C 163 -54.43 -22.79 0.61
N THR C 164 -54.46 -22.77 1.93
CA THR C 164 -55.57 -22.16 2.66
C THR C 164 -55.00 -20.99 3.44
N ILE C 165 -55.59 -19.82 3.26
CA ILE C 165 -54.99 -18.57 3.73
C ILE C 165 -55.88 -17.96 4.79
N PHE C 166 -55.39 -17.95 6.03
CA PHE C 166 -56.10 -17.46 7.19
C PHE C 166 -55.86 -15.98 7.37
N PRO C 167 -56.59 -15.34 8.29
CA PRO C 167 -56.49 -13.88 8.43
C PRO C 167 -55.05 -13.43 8.65
N GLN C 168 -54.68 -12.37 7.93
CA GLN C 168 -53.35 -11.82 8.02
C GLN C 168 -53.07 -11.32 9.43
N ARG C 169 -51.78 -11.19 9.73
CA ARG C 169 -51.37 -10.58 10.99
C ARG C 169 -51.80 -9.13 11.03
N THR C 170 -52.20 -8.67 12.22
CA THR C 170 -52.63 -7.29 12.42
C THR C 170 -51.64 -6.56 13.32
N ASP C 171 -51.62 -6.85 14.62
CA ASP C 171 -50.71 -6.21 15.56
C ASP C 171 -49.64 -7.16 16.08
N GLY C 172 -49.74 -8.46 15.77
CA GLY C 172 -48.81 -9.43 16.30
C GLY C 172 -49.29 -10.13 17.56
N LYS C 173 -50.34 -9.63 18.19
CA LYS C 173 -50.91 -10.29 19.35
C LYS C 173 -52.16 -11.09 19.02
N HIS C 174 -52.62 -11.06 17.77
CA HIS C 174 -53.82 -11.75 17.34
C HIS C 174 -53.51 -12.66 16.15
N ASP C 175 -52.35 -13.31 16.19
CA ASP C 175 -51.92 -14.13 15.08
C ASP C 175 -52.78 -15.38 14.96
N PHE C 176 -53.09 -15.75 13.73
CA PHE C 176 -53.52 -17.10 13.42
C PHE C 176 -52.30 -17.96 13.17
N ARG C 177 -52.25 -19.13 13.83
CA ARG C 177 -51.13 -20.03 13.64
C ARG C 177 -51.62 -21.47 13.63
N VAL C 178 -51.11 -22.22 12.66
CA VAL C 178 -51.09 -23.68 12.78
C VAL C 178 -49.79 -24.01 13.48
N TRP C 179 -49.90 -24.52 14.71
CA TRP C 179 -48.69 -24.83 15.46
C TRP C 179 -47.96 -26.03 14.87
N ASN C 180 -48.67 -26.89 14.13
CA ASN C 180 -48.02 -28.01 13.48
C ASN C 180 -47.09 -27.49 12.40
N SER C 181 -45.94 -28.14 12.25
CA SER C 181 -45.04 -27.80 11.16
C SER C 181 -45.60 -28.25 9.82
N GLN C 182 -46.22 -29.41 9.79
CA GLN C 182 -47.01 -29.84 8.65
C GLN C 182 -48.36 -30.35 9.17
N LEU C 183 -49.38 -30.20 8.33
CA LEU C 183 -50.73 -30.60 8.73
C LEU C 183 -50.74 -32.03 9.23
N ILE C 184 -50.05 -32.93 8.52
CA ILE C 184 -50.00 -34.35 8.83
C ILE C 184 -48.54 -34.72 9.10
N ARG C 185 -48.26 -35.13 10.34
CA ARG C 185 -46.96 -35.63 10.77
C ARG C 185 -47.21 -36.68 11.84
N TYR C 186 -46.20 -37.52 12.09
CA TYR C 186 -46.32 -38.56 13.08
C TYR C 186 -45.66 -38.12 14.37
N ALA C 187 -46.21 -38.58 15.50
CA ALA C 187 -45.67 -38.21 16.80
C ALA C 187 -44.27 -38.79 16.98
N GLY C 188 -43.55 -38.20 17.92
CA GLY C 188 -42.31 -38.80 18.40
C GLY C 188 -42.29 -38.77 19.91
N TYR C 189 -41.90 -39.90 20.51
CA TYR C 189 -41.96 -40.06 21.95
C TYR C 189 -40.57 -40.36 22.49
N LYS C 190 -40.18 -39.63 23.53
CA LYS C 190 -38.94 -39.91 24.24
C LYS C 190 -39.15 -41.14 25.12
N GLN C 191 -38.48 -42.23 24.79
CA GLN C 191 -38.65 -43.51 25.49
C GLN C 191 -37.94 -43.49 26.83
N PRO C 192 -38.24 -44.45 27.70
CA PRO C 192 -37.52 -44.51 28.99
C PRO C 192 -36.02 -44.76 28.85
N ASP C 193 -35.62 -45.69 27.97
CA ASP C 193 -34.21 -46.00 27.84
C ASP C 193 -33.41 -44.84 27.25
N GLY C 194 -34.06 -43.79 26.77
CA GLY C 194 -33.39 -42.67 26.16
C GLY C 194 -33.53 -42.61 24.66
N SER C 195 -33.96 -43.69 24.01
CA SER C 195 -34.21 -43.67 22.58
C SER C 195 -35.49 -42.89 22.27
N THR C 196 -35.99 -43.04 21.04
CA THR C 196 -37.12 -42.26 20.58
C THR C 196 -38.02 -43.15 19.74
N LEU C 197 -39.31 -43.14 20.05
CA LEU C 197 -40.32 -43.88 19.29
C LEU C 197 -41.04 -42.94 18.35
N GLY C 198 -41.22 -43.37 17.10
CA GLY C 198 -41.82 -42.54 16.09
C GLY C 198 -40.83 -41.57 15.47
N ASP C 199 -41.28 -40.36 15.18
CA ASP C 199 -40.48 -39.36 14.47
C ASP C 199 -39.81 -38.44 15.47
N PRO C 200 -38.48 -38.48 15.59
CA PRO C 200 -37.81 -37.67 16.63
C PRO C 200 -37.91 -36.17 16.39
N ALA C 201 -38.07 -35.73 15.14
CA ALA C 201 -38.22 -34.31 14.86
C ALA C 201 -39.41 -33.71 15.60
N ASN C 202 -40.41 -34.53 15.92
CA ASN C 202 -41.67 -34.05 16.47
C ASN C 202 -41.81 -34.31 17.95
N VAL C 203 -40.72 -34.67 18.63
CA VAL C 203 -40.79 -34.98 20.05
C VAL C 203 -41.31 -33.77 20.82
N GLN C 204 -40.74 -32.59 20.56
CA GLN C 204 -41.18 -31.41 21.29
C GLN C 204 -42.63 -31.08 20.98
N PHE C 205 -43.00 -31.06 19.70
CA PHE C 205 -44.38 -30.78 19.36
C PHE C 205 -45.32 -31.83 19.97
N THR C 206 -44.94 -33.10 19.88
CA THR C 206 -45.70 -34.16 20.54
C THR C 206 -45.90 -33.88 22.02
N GLU C 207 -44.84 -33.44 22.70
CA GLU C 207 -44.96 -33.19 24.14
C GLU C 207 -45.92 -32.05 24.44
N ILE C 208 -45.94 -31.02 23.59
CA ILE C 208 -46.89 -29.93 23.76
C ILE C 208 -48.32 -30.43 23.63
N CYS C 209 -48.59 -31.20 22.57
CA CYS C 209 -49.90 -31.81 22.39
C CYS C 209 -50.28 -32.66 23.60
N ILE C 210 -49.36 -33.51 24.06
CA ILE C 210 -49.65 -34.34 25.24
C ILE C 210 -49.93 -33.45 26.44
N GLN C 211 -49.14 -32.39 26.59
CA GLN C 211 -49.36 -31.46 27.69
C GLN C 211 -50.68 -30.72 27.55
N GLN C 212 -51.18 -30.57 26.33
CA GLN C 212 -52.46 -29.92 26.12
C GLN C 212 -53.64 -30.87 26.24
N GLY C 213 -53.41 -32.11 26.67
CA GLY C 213 -54.47 -33.07 26.84
C GLY C 213 -54.58 -34.14 25.78
N TRP C 214 -53.71 -34.13 24.75
CA TRP C 214 -53.74 -35.19 23.76
C TRP C 214 -53.37 -36.51 24.41
N LYS C 215 -54.22 -37.53 24.20
CA LYS C 215 -53.92 -38.86 24.69
C LYS C 215 -53.12 -39.57 23.60
N PRO C 216 -51.82 -39.76 23.78
CA PRO C 216 -51.02 -40.37 22.73
C PRO C 216 -51.24 -41.87 22.68
N PRO C 217 -51.47 -42.42 21.48
CA PRO C 217 -51.42 -43.89 21.35
C PRO C 217 -50.03 -44.48 21.60
N ARG C 218 -48.97 -43.68 21.48
CA ARG C 218 -47.57 -44.10 21.71
C ARG C 218 -47.15 -45.20 20.73
N GLY C 219 -47.29 -44.90 19.44
CA GLY C 219 -46.84 -45.77 18.38
C GLY C 219 -45.81 -45.09 17.48
N ARG C 220 -45.35 -45.86 16.49
CA ARG C 220 -44.33 -45.36 15.58
C ARG C 220 -44.90 -44.41 14.53
N PHE C 221 -46.21 -44.50 14.23
CA PHE C 221 -46.84 -43.64 13.23
C PHE C 221 -48.21 -43.19 13.76
N ASP C 222 -48.19 -42.38 14.82
CA ASP C 222 -49.40 -41.76 15.35
C ASP C 222 -49.55 -40.40 14.68
N VAL C 223 -50.56 -40.25 13.83
CA VAL C 223 -50.80 -38.94 13.23
C VAL C 223 -51.04 -37.94 14.34
N LEU C 224 -50.37 -36.82 14.28
CA LEU C 224 -50.51 -35.85 15.35
C LEU C 224 -51.82 -35.08 15.22
N PRO C 225 -52.39 -34.62 16.33
CA PRO C 225 -53.54 -33.72 16.24
C PRO C 225 -53.10 -32.40 15.67
N LEU C 226 -54.06 -31.67 15.14
CA LEU C 226 -53.85 -30.26 14.81
C LEU C 226 -53.88 -29.44 16.09
N LEU C 227 -52.94 -28.50 16.20
CA LEU C 227 -52.88 -27.54 17.29
C LEU C 227 -53.04 -26.18 16.64
N LEU C 228 -54.25 -25.63 16.73
CA LEU C 228 -54.65 -24.50 15.91
C LEU C 228 -54.84 -23.28 16.78
N GLN C 229 -54.32 -22.16 16.32
CA GLN C 229 -54.37 -20.91 17.06
C GLN C 229 -55.05 -19.85 16.20
N ALA C 230 -56.12 -19.29 16.72
CA ALA C 230 -56.92 -18.27 16.03
C ALA C 230 -56.89 -16.98 16.83
N ASN C 231 -56.56 -15.87 16.14
CA ASN C 231 -56.68 -14.53 16.70
C ASN C 231 -55.92 -14.37 18.02
N GLY C 232 -54.73 -14.98 18.08
CA GLY C 232 -53.86 -14.85 19.22
C GLY C 232 -54.23 -15.69 20.41
N ASN C 233 -55.37 -16.38 20.38
CA ASN C 233 -55.81 -17.13 21.54
C ASN C 233 -54.97 -18.39 21.71
N ASP C 234 -55.05 -18.97 22.91
CA ASP C 234 -54.43 -20.25 23.20
C ASP C 234 -54.81 -21.26 22.12
N PRO C 235 -53.87 -22.07 21.65
CA PRO C 235 -54.19 -23.05 20.61
C PRO C 235 -55.09 -24.17 21.13
N GLU C 236 -55.75 -24.85 20.19
CA GLU C 236 -56.72 -25.88 20.51
C GLU C 236 -56.42 -27.16 19.74
N LEU C 237 -56.60 -28.31 20.38
CA LEU C 237 -56.35 -29.61 19.77
C LEU C 237 -57.57 -30.12 18.99
N PHE C 238 -57.30 -30.65 17.80
CA PHE C 238 -58.31 -31.30 16.95
C PHE C 238 -57.72 -32.55 16.32
N GLN C 239 -58.44 -33.66 16.38
CA GLN C 239 -58.04 -34.87 15.67
C GLN C 239 -58.52 -34.79 14.21
N ILE C 240 -57.58 -34.86 13.27
CA ILE C 240 -58.00 -34.95 11.87
C ILE C 240 -58.78 -36.25 11.68
N PRO C 241 -59.94 -36.22 11.04
CA PRO C 241 -60.65 -37.47 10.74
C PRO C 241 -59.74 -38.41 9.97
N PRO C 242 -59.50 -39.61 10.48
CA PRO C 242 -58.55 -40.52 9.84
C PRO C 242 -58.84 -40.76 8.37
N GLU C 243 -60.13 -40.84 8.00
CA GLU C 243 -60.51 -41.04 6.60
C GLU C 243 -60.06 -39.90 5.71
N LEU C 244 -59.74 -38.74 6.29
CA LEU C 244 -59.08 -37.69 5.54
C LEU C 244 -57.57 -37.88 5.43
N VAL C 245 -56.95 -38.79 6.20
CA VAL C 245 -55.49 -38.91 6.24
C VAL C 245 -55.10 -40.11 5.40
N LEU C 246 -54.78 -39.86 4.13
CA LEU C 246 -54.38 -40.93 3.22
C LEU C 246 -52.96 -41.36 3.56
N GLU C 247 -52.78 -42.66 3.75
CA GLU C 247 -51.50 -43.24 4.15
C GLU C 247 -51.17 -44.38 3.21
N VAL C 248 -49.89 -44.57 2.94
CA VAL C 248 -49.43 -45.59 2.01
C VAL C 248 -48.59 -46.59 2.79
N PRO C 249 -49.00 -47.85 2.89
CA PRO C 249 -48.09 -48.86 3.45
C PRO C 249 -46.92 -49.07 2.50
N ILE C 250 -45.71 -49.11 3.05
CA ILE C 250 -44.51 -49.19 2.23
C ILE C 250 -44.13 -50.65 2.04
N ARG C 251 -44.03 -51.08 0.79
CA ARG C 251 -43.56 -52.41 0.47
C ARG C 251 -42.62 -52.34 -0.72
N HIS C 252 -41.91 -53.42 -0.96
CA HIS C 252 -40.90 -53.47 -1.97
C HIS C 252 -41.31 -54.38 -3.11
N PRO C 253 -41.08 -53.99 -4.36
CA PRO C 253 -41.44 -54.87 -5.49
C PRO C 253 -40.70 -56.19 -5.52
N LYS C 254 -39.54 -56.30 -4.89
CA LYS C 254 -38.77 -57.54 -4.87
C LYS C 254 -38.68 -58.15 -3.48
N PHE C 255 -38.33 -57.37 -2.47
CA PHE C 255 -38.11 -57.87 -1.12
C PHE C 255 -39.45 -58.03 -0.42
N GLU C 256 -39.93 -59.28 -0.31
CA GLU C 256 -41.21 -59.54 0.34
C GLU C 256 -41.18 -59.16 1.80
N TRP C 257 -40.02 -59.27 2.45
CA TRP C 257 -39.87 -58.94 3.86
C TRP C 257 -39.98 -57.46 4.13
N PHE C 258 -39.96 -56.62 3.08
CA PHE C 258 -39.94 -55.18 3.32
C PHE C 258 -41.23 -54.72 3.99
N LYS C 259 -42.36 -55.29 3.58
CA LYS C 259 -43.63 -54.93 4.22
C LYS C 259 -43.58 -55.22 5.72
N ASP C 260 -42.84 -56.24 6.13
CA ASP C 260 -42.73 -56.62 7.53
C ASP C 260 -42.02 -55.57 8.37
N LEU C 261 -41.35 -54.59 7.74
CA LEU C 261 -40.79 -53.48 8.51
C LEU C 261 -41.88 -52.65 9.17
N GLY C 262 -43.13 -52.78 8.72
CA GLY C 262 -44.21 -51.99 9.26
C GLY C 262 -44.18 -50.52 8.91
N LEU C 263 -43.48 -50.14 7.86
CA LEU C 263 -43.38 -48.73 7.51
C LEU C 263 -44.62 -48.27 6.75
N LYS C 264 -45.00 -47.02 6.99
CA LYS C 264 -45.96 -46.32 6.16
C LYS C 264 -45.57 -44.85 6.10
N TRP C 265 -46.20 -44.12 5.19
CA TRP C 265 -46.12 -42.67 5.23
C TRP C 265 -47.43 -42.10 4.73
N TYR C 266 -47.64 -40.83 5.04
CA TYR C 266 -48.84 -40.16 4.58
C TYR C 266 -48.62 -39.59 3.19
N GLY C 267 -49.71 -39.42 2.46
CA GLY C 267 -49.60 -39.02 1.07
C GLY C 267 -49.51 -37.53 0.85
N LEU C 268 -49.95 -36.72 1.82
CA LEU C 268 -50.11 -35.29 1.61
C LEU C 268 -49.00 -34.52 2.31
N PRO C 269 -48.03 -33.95 1.60
CA PRO C 269 -47.08 -33.05 2.28
C PRO C 269 -47.70 -31.66 2.35
N ALA C 270 -47.92 -31.17 3.55
CA ALA C 270 -48.70 -29.95 3.73
C ALA C 270 -47.96 -29.05 4.71
N VAL C 271 -47.16 -28.11 4.19
CA VAL C 271 -46.39 -27.24 5.08
C VAL C 271 -47.33 -26.22 5.71
N SER C 272 -47.25 -26.09 7.03
CA SER C 272 -48.22 -25.27 7.73
C SER C 272 -47.59 -24.30 8.70
N ASN C 273 -46.26 -24.17 8.72
CA ASN C 273 -45.61 -23.29 9.68
C ASN C 273 -44.91 -22.10 9.03
N MET C 274 -45.11 -21.87 7.74
CA MET C 274 -44.47 -20.76 7.07
C MET C 274 -45.39 -19.57 6.99
N LEU C 275 -44.81 -18.41 6.69
CA LEU C 275 -45.52 -17.15 6.63
C LEU C 275 -45.57 -16.71 5.17
N LEU C 276 -46.76 -16.31 4.72
CA LEU C 276 -46.96 -15.88 3.34
C LEU C 276 -47.02 -14.36 3.35
N GLU C 277 -46.07 -13.72 2.67
CA GLU C 277 -45.94 -12.28 2.67
C GLU C 277 -46.35 -11.75 1.30
N ILE C 278 -47.34 -10.86 1.29
CA ILE C 278 -47.85 -10.24 0.07
C ILE C 278 -48.06 -8.76 0.36
N GLY C 279 -47.36 -7.91 -0.38
CA GLY C 279 -47.53 -6.47 -0.24
C GLY C 279 -47.38 -5.96 1.17
N GLY C 280 -46.48 -6.57 1.94
CA GLY C 280 -46.31 -6.21 3.33
C GLY C 280 -47.33 -6.80 4.27
N LEU C 281 -48.34 -7.48 3.74
CA LEU C 281 -49.24 -8.26 4.57
C LEU C 281 -48.60 -9.59 4.90
N GLU C 282 -48.81 -10.06 6.12
CA GLU C 282 -48.20 -11.28 6.61
C GLU C 282 -49.30 -12.25 6.99
N PHE C 283 -49.43 -13.32 6.21
CA PHE C 283 -50.37 -14.38 6.53
C PHE C 283 -49.59 -15.45 7.28
N SER C 284 -49.67 -15.38 8.61
CA SER C 284 -48.92 -16.26 9.48
C SER C 284 -49.44 -17.69 9.47
N ALA C 285 -50.63 -17.91 8.90
CA ALA C 285 -51.27 -19.22 8.85
C ALA C 285 -51.73 -19.41 7.41
N CYS C 286 -51.00 -20.22 6.67
CA CYS C 286 -51.21 -20.42 5.25
C CYS C 286 -50.82 -21.83 4.83
N PRO C 287 -51.40 -22.87 5.43
CA PRO C 287 -50.98 -24.24 5.08
C PRO C 287 -51.12 -24.49 3.60
N PHE C 288 -50.06 -25.02 3.00
CA PHE C 288 -50.05 -25.36 1.59
C PHE C 288 -49.50 -26.76 1.39
N SER C 289 -49.94 -27.39 0.32
CA SER C 289 -49.65 -28.79 0.13
C SER C 289 -49.54 -29.05 -1.36
N GLY C 290 -48.74 -30.04 -1.70
CA GLY C 290 -48.70 -30.51 -3.06
C GLY C 290 -48.66 -32.02 -3.07
N TRP C 291 -47.59 -32.60 -3.58
CA TRP C 291 -47.39 -34.03 -3.50
C TRP C 291 -45.90 -34.28 -3.31
N TYR C 292 -45.57 -35.50 -2.89
CA TYR C 292 -44.20 -35.82 -2.50
C TYR C 292 -43.30 -36.09 -3.69
N MET C 293 -42.07 -35.61 -3.58
CA MET C 293 -40.94 -36.25 -4.24
C MET C 293 -40.49 -37.39 -3.34
N GLY C 294 -40.28 -38.57 -3.93
CA GLY C 294 -40.07 -39.77 -3.15
C GLY C 294 -38.90 -39.65 -2.17
N THR C 295 -37.87 -38.91 -2.56
CA THR C 295 -36.68 -38.80 -1.72
C THR C 295 -36.98 -38.12 -0.40
N GLU C 296 -37.97 -37.23 -0.37
CA GLU C 296 -38.33 -36.59 0.89
C GLU C 296 -38.67 -37.64 1.95
N ILE C 297 -39.48 -38.62 1.57
CA ILE C 297 -39.81 -39.74 2.45
C ILE C 297 -38.66 -40.72 2.54
N GLY C 298 -38.19 -41.20 1.38
CA GLY C 298 -37.26 -42.32 1.36
C GLY C 298 -35.85 -41.99 1.79
N VAL C 299 -35.38 -40.78 1.52
CA VAL C 299 -34.06 -40.35 1.95
C VAL C 299 -34.13 -39.63 3.30
N ARG C 300 -34.92 -38.54 3.35
CA ARG C 300 -34.83 -37.65 4.50
C ARG C 300 -35.66 -38.15 5.69
N ASP C 301 -36.94 -38.43 5.46
CA ASP C 301 -37.80 -38.87 6.56
C ASP C 301 -37.36 -40.21 7.11
N TYR C 302 -36.99 -41.15 6.25
CA TYR C 302 -36.68 -42.49 6.71
C TYR C 302 -35.23 -42.67 7.11
N CYS C 303 -34.28 -42.01 6.42
CA CYS C 303 -32.87 -42.36 6.57
C CYS C 303 -32.00 -41.30 7.24
N ASP C 304 -32.51 -40.08 7.44
CA ASP C 304 -31.80 -39.16 8.33
C ASP C 304 -31.54 -39.83 9.67
N ASN C 305 -30.36 -39.57 10.23
CA ASN C 305 -30.01 -40.16 11.52
C ASN C 305 -30.94 -39.69 12.64
N SER C 306 -31.39 -38.44 12.59
CA SER C 306 -32.27 -37.91 13.62
C SER C 306 -33.73 -37.96 13.21
N ARG C 307 -34.07 -38.71 12.17
CA ARG C 307 -35.46 -38.97 11.84
C ARG C 307 -35.75 -40.45 12.09
N TYR C 308 -36.35 -41.17 11.14
CA TYR C 308 -36.68 -42.56 11.45
C TYR C 308 -35.47 -43.48 11.39
N ASN C 309 -34.41 -43.09 10.69
CA ASN C 309 -33.11 -43.73 10.84
C ASN C 309 -33.18 -45.24 10.61
N ILE C 310 -33.80 -45.64 9.49
CA ILE C 310 -34.06 -47.05 9.27
C ILE C 310 -32.97 -47.77 8.47
N LEU C 311 -31.88 -47.08 8.13
CA LEU C 311 -30.86 -47.68 7.27
C LEU C 311 -30.34 -49.00 7.85
N GLU C 312 -29.98 -48.99 9.14
CA GLU C 312 -29.41 -50.20 9.73
C GLU C 312 -30.39 -51.35 9.66
N GLU C 313 -31.68 -51.09 9.96
CA GLU C 313 -32.67 -52.15 9.99
C GLU C 313 -32.94 -52.70 8.59
N VAL C 314 -32.90 -51.84 7.58
CA VAL C 314 -33.10 -52.31 6.20
C VAL C 314 -31.89 -53.08 5.72
N ALA C 315 -30.68 -52.52 5.95
CA ALA C 315 -29.45 -53.22 5.54
C ALA C 315 -29.36 -54.59 6.17
N LYS C 316 -29.71 -54.72 7.46
CA LYS C 316 -29.71 -56.02 8.11
C LYS C 316 -30.57 -57.02 7.33
N LYS C 317 -31.79 -56.63 7.00
CA LYS C 317 -32.67 -57.52 6.23
C LYS C 317 -32.09 -57.81 4.86
N MET C 318 -31.31 -56.90 4.30
CA MET C 318 -30.70 -57.14 2.99
C MET C 318 -29.43 -57.98 3.06
N ASN C 319 -28.94 -58.29 4.26
CA ASN C 319 -27.71 -59.08 4.45
C ASN C 319 -26.53 -58.39 3.75
N LEU C 320 -26.25 -57.18 4.18
CA LEU C 320 -25.16 -56.38 3.63
C LEU C 320 -24.01 -56.34 4.61
N ASP C 321 -22.80 -56.20 4.05
CA ASP C 321 -21.59 -55.91 4.82
C ASP C 321 -21.75 -54.58 5.53
N MET C 322 -22.00 -54.60 6.84
CA MET C 322 -22.13 -53.38 7.62
C MET C 322 -20.92 -53.12 8.52
N ARG C 323 -19.84 -53.89 8.34
CA ARG C 323 -18.60 -53.66 9.10
C ARG C 323 -18.07 -52.26 8.87
N LYS C 324 -17.95 -51.87 7.60
CA LYS C 324 -17.27 -50.64 7.23
C LYS C 324 -18.15 -49.80 6.32
N THR C 325 -17.86 -48.51 6.26
CA THR C 325 -18.61 -47.63 5.38
C THR C 325 -18.36 -47.94 3.90
N SER C 326 -17.16 -48.40 3.56
CA SER C 326 -16.76 -48.56 2.16
C SER C 326 -17.53 -49.64 1.42
N SER C 327 -18.28 -50.51 2.10
CA SER C 327 -19.14 -51.44 1.38
C SER C 327 -20.35 -50.74 0.80
N LEU C 328 -20.58 -49.49 1.19
CA LEU C 328 -21.69 -48.69 0.70
C LEU C 328 -23.03 -49.36 1.06
N TRP C 329 -23.03 -50.05 2.20
CA TRP C 329 -24.26 -50.69 2.66
C TRP C 329 -25.37 -49.66 2.86
N LYS C 330 -25.03 -48.48 3.38
CA LYS C 330 -26.03 -47.43 3.53
C LYS C 330 -26.61 -47.00 2.19
N ASP C 331 -25.73 -46.74 1.22
CA ASP C 331 -26.18 -46.27 -0.09
C ASP C 331 -27.07 -47.31 -0.76
N GLN C 332 -26.75 -48.58 -0.59
CA GLN C 332 -27.53 -49.65 -1.21
C GLN C 332 -28.92 -49.75 -0.60
N ALA C 333 -29.01 -49.82 0.73
CA ALA C 333 -30.31 -49.79 1.39
C ALA C 333 -31.08 -48.56 0.99
N LEU C 334 -30.40 -47.41 0.95
CA LEU C 334 -31.06 -46.16 0.60
C LEU C 334 -31.79 -46.27 -0.73
N VAL C 335 -31.15 -46.91 -1.72
CA VAL C 335 -31.81 -47.06 -3.03
C VAL C 335 -33.05 -47.94 -2.89
N GLU C 336 -32.91 -49.10 -2.23
CA GLU C 336 -34.03 -50.02 -2.11
C GLU C 336 -35.18 -49.39 -1.36
N ILE C 337 -34.87 -48.54 -0.37
CA ILE C 337 -35.91 -47.84 0.38
C ILE C 337 -36.67 -46.89 -0.54
N ASN C 338 -35.94 -46.14 -1.36
CA ASN C 338 -36.62 -45.19 -2.22
C ASN C 338 -37.35 -45.87 -3.37
N ILE C 339 -36.86 -47.04 -3.82
CA ILE C 339 -37.64 -47.85 -4.75
C ILE C 339 -38.96 -48.27 -4.10
N ALA C 340 -38.89 -48.72 -2.85
CA ALA C 340 -40.08 -49.19 -2.16
C ALA C 340 -41.10 -48.06 -2.00
N VAL C 341 -40.63 -46.88 -1.59
CA VAL C 341 -41.52 -45.74 -1.40
C VAL C 341 -42.26 -45.41 -2.71
N LEU C 342 -41.52 -45.34 -3.81
CA LEU C 342 -42.13 -45.00 -5.10
C LEU C 342 -43.09 -46.08 -5.54
N TYR C 343 -42.63 -47.33 -5.50
CA TYR C 343 -43.48 -48.45 -5.86
C TYR C 343 -44.78 -48.46 -5.05
N SER C 344 -44.69 -48.14 -3.75
CA SER C 344 -45.88 -48.25 -2.90
C SER C 344 -46.90 -47.17 -3.22
N PHE C 345 -46.46 -45.93 -3.28
CA PHE C 345 -47.34 -44.83 -3.70
C PHE C 345 -47.94 -45.13 -5.06
N GLN C 346 -47.11 -45.51 -6.03
CA GLN C 346 -47.61 -45.76 -7.37
C GLN C 346 -48.60 -46.91 -7.39
N SER C 347 -48.36 -47.94 -6.58
CA SER C 347 -49.29 -49.08 -6.54
C SER C 347 -50.65 -48.64 -5.98
N ASP C 348 -50.64 -47.74 -5.02
CA ASP C 348 -51.86 -47.24 -4.39
C ASP C 348 -52.44 -46.05 -5.13
N LYS C 349 -51.89 -45.72 -6.30
CA LYS C 349 -52.35 -44.59 -7.11
C LYS C 349 -52.37 -43.30 -6.29
N VAL C 350 -51.34 -43.10 -5.48
CA VAL C 350 -51.17 -41.85 -4.74
C VAL C 350 -50.07 -41.07 -5.44
N THR C 351 -50.39 -39.85 -5.86
CA THR C 351 -49.44 -39.03 -6.60
C THR C 351 -48.09 -38.94 -5.88
N ILE C 352 -47.03 -39.19 -6.64
CA ILE C 352 -45.66 -39.06 -6.16
C ILE C 352 -44.80 -38.86 -7.41
N VAL C 353 -43.66 -38.22 -7.25
CA VAL C 353 -42.75 -37.99 -8.36
C VAL C 353 -41.35 -38.42 -7.93
N ASP C 354 -40.66 -39.16 -8.78
CA ASP C 354 -39.30 -39.52 -8.41
C ASP C 354 -38.37 -38.33 -8.66
N HIS C 355 -37.21 -38.38 -8.03
CA HIS C 355 -36.29 -37.25 -8.16
C HIS C 355 -35.76 -37.08 -9.58
N HIS C 356 -35.72 -38.13 -10.41
CA HIS C 356 -35.28 -37.95 -11.79
C HIS C 356 -36.31 -37.16 -12.59
N SER C 357 -37.59 -37.53 -12.47
CA SER C 357 -38.65 -36.81 -13.16
CA SER C 357 -38.64 -36.80 -13.18
C SER C 357 -38.78 -35.39 -12.64
N ALA C 358 -38.79 -35.23 -11.31
CA ALA C 358 -38.95 -33.91 -10.71
C ALA C 358 -37.85 -32.96 -11.13
N THR C 359 -36.59 -33.41 -11.10
CA THR C 359 -35.51 -32.50 -11.43
C THR C 359 -35.53 -32.15 -12.91
N GLU C 360 -35.82 -33.13 -13.76
CA GLU C 360 -36.00 -32.87 -15.18
C GLU C 360 -37.08 -31.81 -15.42
N SER C 361 -38.21 -31.93 -14.71
CA SER C 361 -39.26 -30.93 -14.78
C SER C 361 -38.75 -29.56 -14.38
N PHE C 362 -37.91 -29.51 -13.35
CA PHE C 362 -37.45 -28.21 -12.88
C PHE C 362 -36.55 -27.53 -13.91
N ILE C 363 -35.66 -28.29 -14.56
CA ILE C 363 -34.85 -27.73 -15.64
C ILE C 363 -35.77 -27.15 -16.71
N LYS C 364 -36.81 -27.91 -17.07
CA LYS C 364 -37.79 -27.42 -18.02
C LYS C 364 -38.47 -26.16 -17.50
N HIS C 365 -38.80 -26.15 -16.20
CA HIS C 365 -39.39 -24.96 -15.60
C HIS C 365 -38.42 -23.78 -15.66
N MET C 366 -37.15 -24.00 -15.30
CA MET C 366 -36.16 -22.92 -15.37
C MET C 366 -36.11 -22.34 -16.77
N GLU C 367 -36.00 -23.20 -17.78
CA GLU C 367 -35.97 -22.74 -19.16
C GLU C 367 -37.21 -21.92 -19.50
N ASN C 368 -38.39 -22.39 -19.09
CA ASN C 368 -39.61 -21.60 -19.30
C ASN C 368 -39.51 -20.25 -18.63
N GLU C 369 -39.07 -20.23 -17.37
CA GLU C 369 -39.01 -18.98 -16.62
C GLU C 369 -38.00 -18.02 -17.22
N TYR C 370 -36.82 -18.51 -17.63
CA TYR C 370 -35.89 -17.64 -18.31
C TYR C 370 -36.49 -17.14 -19.61
N ARG C 371 -37.18 -18.03 -20.34
CA ARG C 371 -37.81 -17.65 -21.60
C ARG C 371 -38.84 -16.52 -21.38
N CYS C 372 -39.74 -16.69 -20.42
CA CYS C 372 -40.82 -15.72 -20.31
C CYS C 372 -40.59 -14.62 -19.26
N ARG C 373 -39.79 -14.89 -18.23
CA ARG C 373 -39.67 -13.98 -17.09
C ARG C 373 -38.28 -13.37 -16.96
N GLY C 374 -37.31 -13.85 -17.71
CA GLY C 374 -35.96 -13.36 -17.58
C GLY C 374 -35.19 -13.92 -16.40
N GLY C 375 -35.71 -14.96 -15.75
CA GLY C 375 -34.99 -15.58 -14.66
C GLY C 375 -35.86 -16.50 -13.84
N CYS C 376 -35.19 -17.26 -12.97
CA CYS C 376 -35.87 -18.11 -12.02
C CYS C 376 -34.96 -18.29 -10.82
N PRO C 377 -35.34 -17.76 -9.66
CA PRO C 377 -34.49 -17.94 -8.47
C PRO C 377 -34.50 -19.40 -8.05
N ALA C 378 -33.31 -19.94 -7.81
CA ALA C 378 -33.23 -21.36 -7.48
C ALA C 378 -32.05 -21.59 -6.56
N ASP C 379 -32.32 -22.35 -5.50
CA ASP C 379 -31.38 -22.64 -4.42
C ASP C 379 -30.83 -24.03 -4.69
N TRP C 380 -29.67 -24.10 -5.33
CA TRP C 380 -29.07 -25.37 -5.72
C TRP C 380 -29.02 -26.33 -4.54
N VAL C 381 -28.61 -25.84 -3.37
CA VAL C 381 -28.43 -26.67 -2.18
C VAL C 381 -29.71 -27.43 -1.84
N TRP C 382 -30.88 -26.84 -2.10
CA TRP C 382 -32.17 -27.45 -1.85
C TRP C 382 -32.77 -28.16 -3.05
N ILE C 383 -32.50 -27.68 -4.26
CA ILE C 383 -33.10 -28.26 -5.46
C ILE C 383 -32.48 -29.62 -5.76
N VAL C 384 -31.16 -29.76 -5.58
CA VAL C 384 -30.50 -31.03 -5.85
C VAL C 384 -31.00 -32.07 -4.86
N PRO C 385 -31.44 -33.24 -5.32
CA PRO C 385 -32.04 -34.19 -4.41
C PRO C 385 -31.02 -34.76 -3.46
N PRO C 386 -31.43 -35.25 -2.29
CA PRO C 386 -30.46 -35.70 -1.28
C PRO C 386 -29.85 -37.06 -1.54
N MET C 387 -30.22 -37.73 -2.65
CA MET C 387 -29.50 -38.92 -3.11
C MET C 387 -29.24 -38.79 -4.61
N SER C 388 -28.16 -39.44 -5.06
CA SER C 388 -27.83 -39.54 -6.48
C SER C 388 -27.76 -38.19 -7.16
N GLY C 389 -27.25 -37.19 -6.45
CA GLY C 389 -27.21 -35.82 -6.92
C GLY C 389 -26.79 -35.62 -8.37
N SER C 390 -25.61 -36.10 -8.74
CA SER C 390 -25.04 -35.75 -10.04
C SER C 390 -25.64 -36.56 -11.20
N ILE C 391 -26.44 -37.59 -10.93
CA ILE C 391 -27.12 -38.23 -12.05
C ILE C 391 -28.50 -37.64 -12.28
N THR C 392 -28.82 -36.51 -11.61
CA THR C 392 -29.96 -35.65 -11.93
C THR C 392 -29.49 -34.40 -12.68
N PRO C 393 -30.32 -33.85 -13.58
CA PRO C 393 -29.83 -32.71 -14.38
C PRO C 393 -29.57 -31.46 -13.57
N VAL C 394 -30.25 -31.26 -12.45
CA VAL C 394 -30.09 -30.02 -11.69
C VAL C 394 -28.71 -29.92 -11.06
N PHE C 395 -28.07 -31.06 -10.78
CA PHE C 395 -26.72 -31.02 -10.22
C PHE C 395 -25.77 -30.24 -11.12
N HIS C 396 -25.91 -30.40 -12.43
CA HIS C 396 -25.03 -29.79 -13.42
C HIS C 396 -25.53 -28.44 -13.89
N GLN C 397 -26.56 -27.90 -13.25
CA GLN C 397 -27.20 -26.66 -13.63
C GLN C 397 -26.77 -25.57 -12.65
N GLU C 398 -26.09 -24.54 -13.15
CA GLU C 398 -25.85 -23.37 -12.31
C GLU C 398 -27.19 -22.69 -12.04
N MET C 399 -27.30 -22.10 -10.86
CA MET C 399 -28.52 -21.41 -10.45
C MET C 399 -28.17 -20.09 -9.80
N LEU C 400 -29.00 -19.08 -10.03
CA LEU C 400 -28.89 -17.82 -9.29
C LEU C 400 -29.97 -17.80 -8.23
N ASN C 401 -29.61 -17.43 -7.01
CA ASN C 401 -30.57 -17.35 -5.93
C ASN C 401 -30.76 -15.90 -5.51
N TYR C 402 -32.03 -15.50 -5.40
CA TYR C 402 -32.38 -14.15 -5.00
C TYR C 402 -33.81 -14.17 -4.49
N ARG C 403 -34.15 -13.18 -3.68
CA ARG C 403 -35.43 -13.17 -2.96
C ARG C 403 -36.41 -12.26 -3.70
N LEU C 404 -37.43 -12.85 -4.29
CA LEU C 404 -38.52 -12.09 -4.90
C LEU C 404 -39.71 -12.07 -3.96
N THR C 405 -40.57 -11.08 -4.14
CA THR C 405 -41.81 -10.97 -3.40
C THR C 405 -42.97 -10.89 -4.37
N PRO C 406 -44.15 -11.46 -4.02
CA PRO C 406 -44.52 -12.26 -2.83
C PRO C 406 -43.68 -13.50 -2.54
N SER C 407 -43.66 -13.92 -1.28
CA SER C 407 -42.76 -14.99 -0.86
C SER C 407 -43.33 -15.74 0.33
N PHE C 408 -42.84 -16.96 0.50
CA PHE C 408 -43.00 -17.73 1.72
C PHE C 408 -41.75 -17.54 2.57
N GLU C 409 -41.94 -17.13 3.81
CA GLU C 409 -40.86 -16.92 4.75
C GLU C 409 -40.96 -17.94 5.87
N TYR C 410 -39.86 -18.12 6.59
CA TYR C 410 -39.90 -18.80 7.86
C TYR C 410 -40.37 -17.84 8.95
N GLN C 411 -40.85 -18.40 10.05
CA GLN C 411 -41.24 -17.63 11.21
C GLN C 411 -40.93 -18.46 12.44
N PRO C 412 -40.78 -17.83 13.59
CA PRO C 412 -40.49 -18.60 14.80
C PRO C 412 -41.66 -19.52 15.14
N ASP C 413 -41.32 -20.63 15.80
CA ASP C 413 -42.33 -21.54 16.33
C ASP C 413 -43.18 -20.81 17.37
N PRO C 414 -44.52 -20.90 17.30
CA PRO C 414 -45.36 -20.08 18.19
C PRO C 414 -45.10 -20.32 19.66
N TRP C 415 -44.69 -21.52 20.05
CA TRP C 415 -44.51 -21.79 21.48
C TRP C 415 -43.30 -21.09 22.06
N ASN C 416 -42.40 -20.56 21.22
CA ASN C 416 -41.33 -19.73 21.73
C ASN C 416 -41.78 -18.29 21.99
N THR C 417 -42.94 -17.89 21.45
CA THR C 417 -43.39 -16.51 21.55
C THR C 417 -44.78 -16.34 22.18
N HIS C 418 -45.63 -17.35 22.19
CA HIS C 418 -47.01 -17.18 22.64
C HIS C 418 -47.07 -17.05 24.15
N VAL C 419 -47.71 -15.99 24.62
CA VAL C 419 -48.04 -15.84 26.04
C VAL C 419 -49.39 -16.51 26.27
N TRP C 420 -49.42 -17.51 27.14
CA TRP C 420 -50.63 -18.29 27.36
C TRP C 420 -51.64 -17.51 28.20
N LYS C 421 -52.92 -17.79 27.97
CA LYS C 421 -53.99 -17.10 28.69
C LYS C 421 -54.53 -17.96 29.84
N ARG D 3 -17.08 -8.73 14.17
CA ARG D 3 -18.21 -9.55 14.60
C ARG D 3 -17.95 -11.06 14.42
N PHE D 4 -19.04 -11.83 14.41
CA PHE D 4 -19.01 -13.28 14.43
C PHE D 4 -20.13 -13.80 13.54
N LEU D 5 -19.92 -15.00 12.99
CA LEU D 5 -20.96 -15.68 12.21
C LEU D 5 -21.07 -17.12 12.67
N LYS D 6 -22.29 -17.62 12.79
CA LYS D 6 -22.48 -18.96 13.32
C LYS D 6 -22.98 -19.90 12.25
N VAL D 7 -22.45 -21.12 12.28
CA VAL D 7 -22.89 -22.21 11.42
C VAL D 7 -23.38 -23.32 12.33
N LYS D 8 -24.49 -23.93 11.96
CA LYS D 8 -25.11 -24.96 12.74
C LYS D 8 -25.07 -26.27 11.97
N ASN D 9 -24.83 -27.36 12.67
CA ASN D 9 -25.11 -28.67 12.11
C ASN D 9 -26.52 -29.05 12.54
N TRP D 10 -27.37 -29.34 11.57
CA TRP D 10 -28.78 -29.66 11.81
C TRP D 10 -29.00 -31.10 12.22
N GLU D 11 -28.02 -31.97 11.98
CA GLU D 11 -28.03 -33.32 12.54
C GLU D 11 -27.63 -33.33 14.01
N THR D 12 -26.54 -32.66 14.36
CA THR D 12 -25.97 -32.73 15.69
C THR D 12 -26.34 -31.57 16.59
N GLU D 13 -26.84 -30.46 16.06
CA GLU D 13 -27.09 -29.19 16.75
C GLU D 13 -25.81 -28.49 17.19
N VAL D 14 -24.63 -29.03 16.87
CA VAL D 14 -23.38 -28.32 17.13
C VAL D 14 -23.39 -26.98 16.42
N VAL D 15 -22.94 -25.94 17.12
CA VAL D 15 -22.86 -24.60 16.54
C VAL D 15 -21.42 -24.13 16.65
N LEU D 16 -20.84 -23.72 15.52
CA LEU D 16 -19.50 -23.20 15.45
C LEU D 16 -19.56 -21.71 15.10
N THR D 17 -18.56 -20.97 15.56
CA THR D 17 -18.56 -19.52 15.42
C THR D 17 -17.38 -19.14 14.54
N ASP D 18 -17.67 -18.50 13.41
CA ASP D 18 -16.64 -18.20 12.43
C ASP D 18 -16.23 -16.75 12.61
N THR D 19 -14.98 -16.56 13.05
CA THR D 19 -14.31 -15.27 13.02
C THR D 19 -13.33 -15.14 11.87
N LEU D 20 -12.95 -16.27 11.27
CA LEU D 20 -11.89 -16.27 10.25
C LEU D 20 -12.33 -15.55 8.98
N HIS D 21 -13.64 -15.53 8.69
CA HIS D 21 -14.13 -14.88 7.48
C HIS D 21 -13.77 -13.41 7.43
N LEU D 22 -13.54 -12.77 8.58
CA LEU D 22 -13.11 -11.38 8.59
C LEU D 22 -11.75 -11.18 7.92
N LYS D 23 -11.00 -12.24 7.70
CA LYS D 23 -9.69 -12.07 7.09
C LYS D 23 -9.71 -12.24 5.58
N SER D 24 -10.89 -12.41 4.97
CA SER D 24 -10.90 -12.53 3.51
C SER D 24 -10.91 -11.16 2.87
N THR D 25 -10.40 -11.10 1.63
CA THR D 25 -10.55 -9.88 0.84
C THR D 25 -10.58 -10.19 -0.65
N LEU D 26 -10.80 -11.45 -1.02
CA LEU D 26 -11.06 -11.84 -2.40
C LEU D 26 -12.55 -12.14 -2.54
N GLU D 27 -13.06 -11.98 -3.76
CA GLU D 27 -14.50 -12.06 -3.99
C GLU D 27 -15.01 -13.49 -3.98
N THR D 28 -16.24 -13.65 -3.49
CA THR D 28 -16.97 -14.92 -3.65
C THR D 28 -17.73 -14.99 -4.96
N GLY D 29 -18.01 -13.87 -5.58
CA GLY D 29 -18.91 -13.83 -6.71
C GLY D 29 -20.34 -13.49 -6.35
N CYS D 30 -20.73 -13.67 -5.09
CA CYS D 30 -22.07 -13.29 -4.66
C CYS D 30 -22.16 -11.79 -4.39
N THR D 31 -23.39 -11.29 -4.37
CA THR D 31 -23.68 -9.93 -3.94
C THR D 31 -24.66 -9.97 -2.77
N GLU D 32 -24.93 -8.80 -2.20
CA GLU D 32 -25.86 -8.76 -1.08
C GLU D 32 -27.25 -9.23 -1.47
N TYR D 33 -27.60 -9.13 -2.75
CA TYR D 33 -28.93 -9.48 -3.21
C TYR D 33 -28.98 -10.67 -4.16
N ILE D 34 -27.84 -11.25 -4.55
CA ILE D 34 -27.83 -12.45 -5.38
C ILE D 34 -26.79 -13.41 -4.84
N CYS D 35 -27.17 -14.67 -4.68
CA CYS D 35 -26.22 -15.71 -4.33
C CYS D 35 -25.82 -16.44 -5.60
N MET D 36 -24.51 -16.59 -5.82
CA MET D 36 -23.96 -17.27 -6.97
C MET D 36 -23.21 -18.52 -6.55
N GLY D 37 -23.61 -19.09 -5.41
CA GLY D 37 -22.91 -20.21 -4.80
C GLY D 37 -22.78 -21.44 -5.66
N SER D 38 -23.68 -21.64 -6.64
CA SER D 38 -23.55 -22.80 -7.52
C SER D 38 -22.92 -22.48 -8.87
N ILE D 39 -22.47 -21.24 -9.08
CA ILE D 39 -21.72 -20.90 -10.28
C ILE D 39 -20.33 -21.52 -10.20
N MET D 40 -19.93 -22.29 -11.22
CA MET D 40 -18.64 -22.98 -11.14
C MET D 40 -17.47 -22.00 -11.21
N HIS D 41 -17.45 -21.15 -12.22
CA HIS D 41 -16.37 -20.16 -12.30
C HIS D 41 -16.96 -18.76 -12.20
N PRO D 42 -17.22 -18.26 -11.01
CA PRO D 42 -17.74 -16.89 -10.90
C PRO D 42 -16.63 -15.86 -11.07
N SER D 43 -17.01 -14.66 -11.49
CA SER D 43 -16.04 -13.61 -11.77
C SER D 43 -16.09 -12.51 -10.72
N GLU D 50 -0.54 -9.92 -20.06
CA GLU D 50 -0.51 -8.66 -19.33
C GLU D 50 -1.30 -8.72 -18.02
N ASP D 51 -1.73 -9.93 -17.64
CA ASP D 51 -2.44 -10.13 -16.39
C ASP D 51 -1.45 -10.34 -15.24
N VAL D 52 -0.64 -9.30 -15.00
CA VAL D 52 0.44 -9.34 -14.02
C VAL D 52 0.29 -8.17 -13.06
N ALA D 53 0.60 -8.42 -11.79
CA ALA D 53 0.41 -7.42 -10.75
C ALA D 53 1.49 -6.35 -10.83
N THR D 54 1.07 -5.10 -10.68
CA THR D 54 2.03 -4.01 -10.73
C THR D 54 2.80 -3.92 -9.41
N LYS D 55 3.78 -3.03 -9.38
CA LYS D 55 4.62 -2.87 -8.19
C LYS D 55 3.77 -2.53 -6.97
N ASP D 56 2.92 -1.51 -7.08
CA ASP D 56 2.11 -1.07 -5.95
C ASP D 56 0.99 -2.04 -5.64
N GLN D 57 0.56 -2.86 -6.60
CA GLN D 57 -0.33 -3.94 -6.26
C GLN D 57 0.40 -5.02 -5.46
N LEU D 58 1.68 -5.26 -5.77
CA LEU D 58 2.36 -6.38 -5.15
C LEU D 58 2.73 -6.11 -3.70
N PHE D 59 3.04 -4.85 -3.35
CA PHE D 59 3.48 -4.53 -1.99
C PHE D 59 2.49 -5.01 -0.93
N PRO D 60 1.22 -4.58 -0.92
CA PRO D 60 0.34 -5.00 0.18
C PRO D 60 0.02 -6.48 0.16
N LEU D 61 0.03 -7.13 -1.01
CA LEU D 61 -0.16 -8.59 -1.02
C LEU D 61 1.02 -9.31 -0.39
N ALA D 62 2.24 -8.89 -0.72
CA ALA D 62 3.41 -9.49 -0.11
C ALA D 62 3.41 -9.27 1.40
N LYS D 63 3.18 -8.03 1.83
CA LYS D 63 3.15 -7.74 3.25
C LYS D 63 2.18 -8.66 3.98
N GLU D 64 0.93 -8.69 3.52
CA GLU D 64 -0.10 -9.50 4.16
C GLU D 64 0.34 -10.96 4.27
N PHE D 65 0.92 -11.50 3.20
CA PHE D 65 1.39 -12.88 3.28
C PHE D 65 2.55 -13.04 4.26
N ILE D 66 3.54 -12.15 4.20
CA ILE D 66 4.69 -12.27 5.10
C ILE D 66 4.23 -12.12 6.55
N ASP D 67 3.43 -11.08 6.81
CA ASP D 67 2.79 -10.90 8.12
C ASP D 67 2.18 -12.21 8.60
N GLN D 68 1.39 -12.85 7.73
CA GLN D 68 0.67 -14.05 8.15
C GLN D 68 1.62 -15.23 8.35
N TYR D 69 2.71 -15.29 7.59
CA TYR D 69 3.67 -16.36 7.81
C TYR D 69 4.34 -16.22 9.16
N TYR D 70 4.82 -15.02 9.48
CA TYR D 70 5.49 -14.81 10.75
C TYR D 70 4.55 -14.94 11.93
N SER D 71 3.28 -14.62 11.73
CA SER D 71 2.31 -14.86 12.79
C SER D 71 2.12 -16.36 13.01
N SER D 72 2.10 -17.15 11.94
CA SER D 72 1.92 -18.59 12.09
C SER D 72 3.06 -19.23 12.86
N ILE D 73 4.28 -18.70 12.73
CA ILE D 73 5.44 -19.25 13.42
C ILE D 73 5.75 -18.47 14.71
N LYS D 74 4.80 -17.70 15.22
CA LYS D 74 4.96 -16.98 16.50
C LYS D 74 6.19 -16.07 16.47
N ARG D 75 6.44 -15.44 15.33
CA ARG D 75 7.53 -14.49 15.21
C ARG D 75 7.03 -13.13 14.71
N PHE D 76 5.75 -12.82 14.92
CA PHE D 76 5.22 -11.56 14.41
C PHE D 76 5.87 -10.40 15.15
N GLY D 77 6.32 -9.41 14.41
CA GLY D 77 7.02 -8.30 15.01
C GLY D 77 8.49 -8.53 15.26
N SER D 78 9.00 -9.73 15.03
CA SER D 78 10.40 -10.02 15.33
C SER D 78 11.32 -9.28 14.36
N LYS D 79 12.60 -9.22 14.72
CA LYS D 79 13.59 -8.66 13.81
C LYS D 79 13.61 -9.42 12.49
N ALA D 80 13.54 -10.76 12.56
CA ALA D 80 13.49 -11.56 11.34
C ALA D 80 12.28 -11.20 10.49
N HIS D 81 11.13 -11.01 11.13
CA HIS D 81 9.92 -10.61 10.41
C HIS D 81 10.14 -9.26 9.72
N MET D 82 10.67 -8.28 10.47
CA MET D 82 10.85 -6.93 9.95
C MET D 82 11.90 -6.89 8.85
N GLU D 83 12.96 -7.70 8.96
CA GLU D 83 13.98 -7.70 7.92
C GLU D 83 13.46 -8.37 6.67
N ARG D 84 12.69 -9.45 6.83
CA ARG D 84 12.07 -10.11 5.69
C ARG D 84 11.19 -9.15 4.92
N LEU D 85 10.33 -8.40 5.63
CA LEU D 85 9.50 -7.39 4.98
C LEU D 85 10.35 -6.39 4.20
N GLU D 86 11.42 -5.91 4.82
CA GLU D 86 12.30 -4.96 4.15
C GLU D 86 12.95 -5.60 2.93
N GLU D 87 13.42 -6.83 3.08
CA GLU D 87 14.02 -7.54 1.96
C GLU D 87 13.00 -7.78 0.84
N VAL D 88 11.75 -8.08 1.20
CA VAL D 88 10.74 -8.28 0.16
C VAL D 88 10.46 -6.97 -0.57
N ASN D 89 10.31 -5.88 0.18
CA ASN D 89 10.06 -4.58 -0.44
C ASN D 89 11.21 -4.15 -1.35
N LYS D 90 12.45 -4.34 -0.89
CA LYS D 90 13.62 -4.08 -1.74
C LYS D 90 13.50 -4.81 -3.07
N GLU D 91 13.14 -6.08 -3.01
CA GLU D 91 13.08 -6.91 -4.20
C GLU D 91 11.98 -6.45 -5.15
N ILE D 92 10.80 -6.14 -4.60
CA ILE D 92 9.73 -5.60 -5.43
C ILE D 92 10.17 -4.29 -6.08
N ASP D 93 10.85 -3.43 -5.31
CA ASP D 93 11.33 -2.16 -5.87
C ASP D 93 12.33 -2.38 -6.99
N THR D 94 13.31 -3.26 -6.79
CA THR D 94 14.36 -3.40 -7.79
C THR D 94 13.94 -4.25 -8.98
N THR D 95 13.02 -5.20 -8.80
CA THR D 95 12.72 -6.18 -9.82
C THR D 95 11.25 -6.31 -10.19
N SER D 96 10.36 -5.59 -9.50
CA SER D 96 8.92 -5.67 -9.65
C SER D 96 8.33 -7.01 -9.23
N THR D 97 9.13 -7.89 -8.63
CA THR D 97 8.63 -9.14 -8.08
C THR D 97 9.48 -9.50 -6.87
N TYR D 98 9.28 -10.69 -6.31
CA TYR D 98 10.15 -11.16 -5.24
C TYR D 98 10.16 -12.68 -5.24
N GLN D 99 11.01 -13.24 -4.39
CA GLN D 99 11.20 -14.67 -4.31
C GLN D 99 10.85 -15.16 -2.92
N LEU D 100 9.95 -16.13 -2.84
CA LEU D 100 9.65 -16.77 -1.57
C LEU D 100 10.88 -17.53 -1.06
N LYS D 101 11.11 -17.45 0.25
CA LYS D 101 11.93 -18.44 0.92
C LYS D 101 11.31 -19.82 0.80
N ASP D 102 12.13 -20.85 0.96
CA ASP D 102 11.62 -22.23 0.91
C ASP D 102 10.55 -22.44 1.98
N THR D 103 10.81 -21.97 3.20
CA THR D 103 9.83 -22.08 4.27
C THR D 103 8.50 -21.45 3.87
N GLU D 104 8.57 -20.28 3.23
CA GLU D 104 7.36 -19.55 2.85
C GLU D 104 6.62 -20.27 1.74
N LEU D 105 7.36 -20.85 0.80
CA LEU D 105 6.73 -21.65 -0.26
C LEU D 105 5.98 -22.83 0.33
N ILE D 106 6.63 -23.59 1.21
CA ILE D 106 5.99 -24.74 1.84
C ILE D 106 4.74 -24.30 2.59
N TYR D 107 4.87 -23.28 3.42
CA TYR D 107 3.75 -22.70 4.16
C TYR D 107 2.66 -22.25 3.21
N GLY D 108 3.06 -21.54 2.15
CA GLY D 108 2.07 -21.00 1.22
C GLY D 108 1.30 -22.09 0.51
N ALA D 109 1.99 -23.14 0.07
CA ALA D 109 1.32 -24.21 -0.64
C ALA D 109 0.38 -24.99 0.27
N LYS D 110 0.82 -25.25 1.50
CA LYS D 110 -0.04 -25.95 2.46
C LYS D 110 -1.27 -25.13 2.80
N HIS D 111 -1.13 -23.82 2.91
CA HIS D 111 -2.29 -23.03 3.27
C HIS D 111 -3.23 -22.79 2.10
N ALA D 112 -2.70 -22.77 0.87
CA ALA D 112 -3.57 -22.77 -0.28
C ALA D 112 -4.45 -24.01 -0.28
N TRP D 113 -3.89 -25.16 0.10
CA TRP D 113 -4.70 -26.36 0.25
C TRP D 113 -5.65 -26.21 1.43
N ARG D 114 -5.15 -25.66 2.54
CA ARG D 114 -5.99 -25.44 3.70
C ARG D 114 -7.16 -24.50 3.38
N ASN D 115 -6.95 -23.58 2.45
CA ASN D 115 -7.97 -22.59 2.12
C ASN D 115 -8.86 -23.01 0.97
N ALA D 116 -8.71 -24.23 0.44
CA ALA D 116 -9.46 -24.67 -0.73
C ALA D 116 -10.86 -25.04 -0.25
N SER D 117 -11.78 -24.09 -0.38
CA SER D 117 -13.12 -24.30 0.16
CA SER D 117 -13.14 -24.27 0.13
C SER D 117 -13.81 -25.49 -0.48
N ARG D 118 -13.45 -25.85 -1.70
CA ARG D 118 -14.11 -26.95 -2.37
C ARG D 118 -13.52 -28.30 -2.05
N CYS D 119 -12.50 -28.38 -1.20
CA CYS D 119 -11.77 -29.62 -1.02
C CYS D 119 -12.21 -30.31 0.26
N VAL D 120 -12.73 -31.53 0.13
CA VAL D 120 -13.17 -32.31 1.28
C VAL D 120 -12.03 -33.04 1.98
N GLY D 121 -10.83 -33.02 1.41
CA GLY D 121 -9.77 -33.84 1.94
C GLY D 121 -8.78 -33.06 2.79
N ARG D 122 -9.20 -31.87 3.26
CA ARG D 122 -8.29 -30.93 3.90
C ARG D 122 -7.86 -31.32 5.31
N ILE D 123 -8.42 -32.38 5.88
CA ILE D 123 -7.92 -32.85 7.17
C ILE D 123 -6.44 -33.19 7.05
N GLN D 124 -5.97 -33.43 5.82
CA GLN D 124 -4.60 -33.81 5.52
C GLN D 124 -3.70 -32.63 5.19
N TRP D 125 -4.23 -31.39 5.18
CA TRP D 125 -3.55 -30.26 4.56
C TRP D 125 -2.11 -30.08 5.05
N SER D 126 -1.85 -30.32 6.33
CA SER D 126 -0.52 -30.06 6.85
C SER D 126 0.48 -31.16 6.50
N LYS D 127 0.00 -32.30 5.99
CA LYS D 127 0.83 -33.39 5.48
C LYS D 127 0.90 -33.28 3.96
N LEU D 128 1.73 -32.36 3.49
CA LEU D 128 1.83 -32.08 2.07
C LEU D 128 3.30 -31.99 1.72
N GLN D 129 3.73 -32.82 0.80
CA GLN D 129 5.13 -32.82 0.37
C GLN D 129 5.26 -31.78 -0.72
N VAL D 130 6.11 -30.79 -0.50
CA VAL D 130 6.24 -29.66 -1.41
C VAL D 130 7.56 -29.81 -2.16
N PHE D 131 7.48 -29.96 -3.48
CA PHE D 131 8.65 -30.06 -4.33
C PHE D 131 8.89 -28.71 -4.99
N ASP D 132 9.96 -28.06 -4.59
CA ASP D 132 10.32 -26.75 -5.11
C ASP D 132 10.99 -26.93 -6.46
N ALA D 133 10.28 -26.63 -7.54
CA ALA D 133 10.85 -26.71 -8.88
C ALA D 133 11.06 -25.34 -9.50
N ARG D 134 11.26 -24.31 -8.66
CA ARG D 134 11.41 -22.97 -9.20
C ARG D 134 12.73 -22.75 -9.95
N ASP D 135 13.64 -23.71 -9.95
CA ASP D 135 14.86 -23.61 -10.78
C ASP D 135 14.67 -24.21 -12.16
N CYS D 136 13.47 -24.69 -12.48
CA CYS D 136 13.23 -25.35 -13.75
C CYS D 136 13.24 -24.32 -14.87
N THR D 137 13.79 -24.70 -16.03
CA THR D 137 13.84 -23.77 -17.15
C THR D 137 13.32 -24.32 -18.46
N THR D 138 13.13 -25.63 -18.61
CA THR D 138 12.70 -26.20 -19.89
C THR D 138 11.61 -27.22 -19.62
N ALA D 139 10.90 -27.59 -20.70
CA ALA D 139 9.86 -28.60 -20.57
C ALA D 139 10.45 -29.95 -20.19
N HIS D 140 11.67 -30.26 -20.66
CA HIS D 140 12.34 -31.48 -20.21
C HIS D 140 12.53 -31.48 -18.71
N GLY D 141 12.91 -30.33 -18.14
CA GLY D 141 13.02 -30.22 -16.70
C GLY D 141 11.68 -30.41 -16.00
N MET D 142 10.61 -29.81 -16.55
CA MET D 142 9.27 -30.03 -15.99
C MET D 142 8.92 -31.50 -16.01
N PHE D 143 9.24 -32.19 -17.11
CA PHE D 143 8.93 -33.60 -17.22
C PHE D 143 9.61 -34.38 -16.11
N ASN D 144 10.92 -34.13 -15.94
CA ASN D 144 11.67 -34.78 -14.88
C ASN D 144 11.02 -34.51 -13.52
N TYR D 145 10.74 -33.24 -13.22
CA TYR D 145 10.10 -32.92 -11.94
C TYR D 145 8.77 -33.66 -11.78
N ILE D 146 7.99 -33.73 -12.84
CA ILE D 146 6.66 -34.35 -12.74
C ILE D 146 6.78 -35.84 -12.57
N CYS D 147 7.73 -36.46 -13.27
CA CYS D 147 7.99 -37.89 -13.07
C CYS D 147 8.32 -38.18 -11.63
N ASN D 148 9.18 -37.35 -11.03
CA ASN D 148 9.59 -37.58 -9.65
C ASN D 148 8.41 -37.36 -8.71
N HIS D 149 7.60 -36.35 -8.98
CA HIS D 149 6.35 -36.15 -8.24
C HIS D 149 5.46 -37.40 -8.32
N VAL D 150 5.23 -37.90 -9.53
CA VAL D 150 4.31 -39.02 -9.69
C VAL D 150 4.82 -40.24 -8.96
N LYS D 151 6.10 -40.55 -9.15
CA LYS D 151 6.68 -41.69 -8.45
C LYS D 151 6.59 -41.51 -6.93
N TYR D 152 6.90 -40.32 -6.45
CA TYR D 152 6.88 -40.11 -5.01
C TYR D 152 5.46 -40.21 -4.47
N ALA D 153 4.52 -39.53 -5.12
CA ALA D 153 3.14 -39.52 -4.65
C ALA D 153 2.50 -40.91 -4.74
N THR D 154 2.75 -41.63 -5.83
CA THR D 154 2.13 -42.95 -6.04
C THR D 154 2.63 -43.95 -5.00
N ASN D 155 3.94 -44.01 -4.77
CA ASN D 155 4.52 -44.77 -3.67
C ASN D 155 3.97 -46.20 -3.61
N LYS D 156 3.93 -46.86 -4.77
CA LYS D 156 3.46 -48.24 -4.91
C LYS D 156 2.03 -48.45 -4.36
N GLY D 157 1.18 -47.42 -4.43
CA GLY D 157 -0.20 -47.50 -3.98
C GLY D 157 -0.47 -46.86 -2.63
N ASN D 158 0.57 -46.69 -1.81
CA ASN D 158 0.44 -46.00 -0.52
C ASN D 158 0.60 -44.51 -0.79
N LEU D 159 -0.47 -43.91 -1.33
CA LEU D 159 -0.37 -42.61 -1.94
C LEU D 159 -0.06 -41.52 -0.93
N ARG D 160 0.70 -40.53 -1.38
CA ARG D 160 1.17 -39.44 -0.55
C ARG D 160 0.87 -38.13 -1.22
N SER D 161 0.34 -37.19 -0.45
CA SER D 161 0.04 -35.87 -0.98
C SER D 161 1.33 -35.13 -1.35
N ALA D 162 1.28 -34.44 -2.47
CA ALA D 162 2.47 -33.78 -2.96
C ALA D 162 2.07 -32.67 -3.93
N ILE D 163 2.88 -31.62 -3.96
CA ILE D 163 2.76 -30.57 -4.95
C ILE D 163 4.16 -30.27 -5.48
N THR D 164 4.25 -29.99 -6.77
CA THR D 164 5.48 -29.52 -7.39
C THR D 164 5.20 -28.12 -7.92
N ILE D 165 6.01 -27.16 -7.49
CA ILE D 165 5.79 -25.75 -7.80
C ILE D 165 6.85 -25.26 -8.76
N PHE D 166 6.42 -24.86 -9.93
CA PHE D 166 7.28 -24.37 -10.99
C PHE D 166 7.45 -22.87 -10.89
N PRO D 167 8.36 -22.28 -11.66
CA PRO D 167 8.63 -20.85 -11.50
C PRO D 167 7.37 -20.00 -11.65
N GLN D 168 7.28 -18.96 -10.81
CA GLN D 168 6.16 -18.05 -10.85
C GLN D 168 6.12 -17.26 -12.16
N ARG D 169 4.96 -16.70 -12.39
CA ARG D 169 4.73 -15.76 -13.49
C ARG D 169 5.59 -14.51 -13.32
N THR D 170 6.09 -14.00 -14.45
CA THR D 170 6.87 -12.77 -14.44
C THR D 170 6.07 -11.74 -15.21
N ASP D 171 6.17 -11.69 -16.53
CA ASP D 171 5.42 -10.72 -17.31
C ASP D 171 4.19 -11.34 -17.96
N GLY D 172 3.84 -12.58 -17.59
CA GLY D 172 2.74 -13.28 -18.21
C GLY D 172 3.03 -13.82 -19.60
N LYS D 173 4.17 -13.46 -20.19
CA LYS D 173 4.56 -13.96 -21.48
C LYS D 173 5.64 -15.03 -21.37
N HIS D 174 5.90 -15.51 -20.15
CA HIS D 174 6.87 -16.56 -19.91
C HIS D 174 6.34 -17.63 -18.98
N ASP D 175 5.02 -17.86 -19.00
CA ASP D 175 4.41 -18.77 -18.03
C ASP D 175 4.92 -20.19 -18.20
N PHE D 176 5.11 -20.86 -17.09
CA PHE D 176 5.15 -22.31 -17.05
C PHE D 176 3.73 -22.82 -16.90
N ARG D 177 3.38 -23.79 -17.73
CA ARG D 177 2.06 -24.41 -17.68
C ARG D 177 2.19 -25.90 -17.93
N VAL D 178 1.45 -26.67 -17.16
CA VAL D 178 1.09 -28.02 -17.57
C VAL D 178 -0.19 -27.88 -18.36
N TRP D 179 -0.15 -28.27 -19.64
CA TRP D 179 -1.35 -28.13 -20.45
C TRP D 179 -2.41 -29.16 -20.07
N ASN D 180 -2.01 -30.28 -19.49
CA ASN D 180 -2.95 -31.27 -19.00
C ASN D 180 -3.76 -30.71 -17.86
N SER D 181 -5.03 -31.11 -17.79
CA SER D 181 -5.85 -30.74 -16.63
C SER D 181 -5.43 -31.56 -15.42
N GLN D 182 -5.21 -32.85 -15.59
CA GLN D 182 -4.56 -33.66 -14.56
C GLN D 182 -3.32 -34.33 -15.14
N LEU D 183 -2.36 -34.67 -14.28
CA LEU D 183 -1.14 -35.29 -14.79
C LEU D 183 -1.42 -36.60 -15.51
N ILE D 184 -2.31 -37.41 -14.96
CA ILE D 184 -2.71 -38.69 -15.54
C ILE D 184 -4.19 -38.59 -15.87
N ARG D 185 -4.54 -38.69 -17.17
CA ARG D 185 -5.92 -38.80 -17.64
C ARG D 185 -5.93 -39.68 -18.87
N TYR D 186 -7.14 -40.07 -19.27
CA TYR D 186 -7.31 -40.93 -20.42
C TYR D 186 -7.73 -40.11 -21.64
N ALA D 187 -7.18 -40.50 -22.79
CA ALA D 187 -7.50 -39.82 -24.03
C ALA D 187 -8.98 -40.01 -24.36
N GLY D 188 -9.52 -39.05 -25.10
CA GLY D 188 -10.83 -39.19 -25.71
C GLY D 188 -10.72 -39.00 -27.21
N TYR D 189 -11.43 -39.84 -27.97
CA TYR D 189 -11.43 -39.78 -29.42
C TYR D 189 -12.87 -39.79 -29.93
N LYS D 190 -13.27 -38.70 -30.59
CA LYS D 190 -14.57 -38.67 -31.27
C LYS D 190 -14.47 -39.47 -32.56
N GLN D 191 -15.43 -40.38 -32.75
CA GLN D 191 -15.51 -41.23 -33.93
C GLN D 191 -16.31 -40.56 -35.02
N PRO D 192 -16.10 -40.97 -36.27
CA PRO D 192 -16.93 -40.43 -37.36
C PRO D 192 -18.43 -40.58 -37.12
N ASP D 193 -18.86 -41.62 -36.41
CA ASP D 193 -20.28 -41.89 -36.26
C ASP D 193 -20.91 -41.14 -35.09
N GLY D 194 -20.19 -40.17 -34.52
CA GLY D 194 -20.67 -39.38 -33.41
C GLY D 194 -20.31 -39.92 -32.04
N SER D 195 -20.00 -41.21 -31.94
CA SER D 195 -19.67 -41.79 -30.65
C SER D 195 -18.28 -41.32 -30.20
N THR D 196 -17.94 -41.61 -28.95
CA THR D 196 -16.66 -41.22 -28.39
C THR D 196 -15.97 -42.44 -27.78
N LEU D 197 -14.68 -42.60 -28.06
CA LEU D 197 -13.88 -43.65 -27.46
C LEU D 197 -13.04 -43.03 -26.36
N GLY D 198 -12.99 -43.70 -25.21
CA GLY D 198 -12.28 -43.16 -24.07
C GLY D 198 -13.04 -42.07 -23.36
N ASP D 199 -12.33 -41.06 -22.85
CA ASP D 199 -12.92 -40.06 -21.97
C ASP D 199 -13.39 -38.84 -22.78
N PRO D 200 -14.71 -38.66 -22.97
CA PRO D 200 -15.18 -37.50 -23.74
C PRO D 200 -14.73 -36.16 -23.18
N ALA D 201 -14.44 -36.06 -21.89
CA ALA D 201 -13.91 -34.80 -21.34
C ALA D 201 -12.62 -34.37 -22.03
N ASN D 202 -11.80 -35.31 -22.47
CA ASN D 202 -10.47 -34.98 -22.93
C ASN D 202 -10.35 -35.02 -24.45
N VAL D 203 -11.48 -34.99 -25.17
CA VAL D 203 -11.43 -35.01 -26.62
C VAL D 203 -10.62 -33.82 -27.14
N GLN D 204 -10.89 -32.63 -26.60
CA GLN D 204 -10.20 -31.43 -27.09
C GLN D 204 -8.71 -31.52 -26.80
N PHE D 205 -8.34 -31.87 -25.57
CA PHE D 205 -6.93 -31.97 -25.23
C PHE D 205 -6.25 -33.10 -26.00
N THR D 206 -6.96 -34.21 -26.22
CA THR D 206 -6.43 -35.28 -27.04
C THR D 206 -6.12 -34.80 -28.46
N GLU D 207 -7.01 -33.99 -29.06
CA GLU D 207 -6.74 -33.47 -30.40
C GLU D 207 -5.50 -32.61 -30.44
N ILE D 208 -5.32 -31.74 -29.43
CA ILE D 208 -4.11 -30.91 -29.36
C ILE D 208 -2.88 -31.79 -29.34
N CYS D 209 -2.88 -32.83 -28.50
CA CYS D 209 -1.73 -33.72 -28.41
C CYS D 209 -1.40 -34.37 -29.75
N ILE D 210 -2.42 -34.95 -30.39
CA ILE D 210 -2.26 -35.57 -31.70
C ILE D 210 -1.70 -34.57 -32.71
N GLN D 211 -2.22 -33.34 -32.68
CA GLN D 211 -1.72 -32.30 -33.57
C GLN D 211 -0.24 -32.01 -33.27
N GLN D 212 0.14 -32.04 -31.99
CA GLN D 212 1.52 -31.83 -31.60
C GLN D 212 2.42 -33.03 -31.92
N GLY D 213 1.89 -34.11 -32.50
CA GLY D 213 2.69 -35.25 -32.88
C GLY D 213 2.47 -36.51 -32.07
N TRP D 214 1.57 -36.50 -31.09
CA TRP D 214 1.30 -37.71 -30.34
C TRP D 214 0.67 -38.77 -31.23
N LYS D 215 1.24 -39.97 -31.19
CA LYS D 215 0.67 -41.09 -31.92
C LYS D 215 -0.27 -41.82 -30.97
N PRO D 216 -1.58 -41.70 -31.15
CA PRO D 216 -2.50 -42.24 -30.14
C PRO D 216 -2.76 -43.71 -30.36
N PRO D 217 -2.81 -44.50 -29.29
CA PRO D 217 -3.22 -45.91 -29.45
C PRO D 217 -4.66 -46.07 -29.88
N ARG D 218 -5.48 -45.03 -29.71
CA ARG D 218 -6.91 -45.09 -30.01
C ARG D 218 -7.60 -46.23 -29.25
N GLY D 219 -7.39 -46.24 -27.94
CA GLY D 219 -8.10 -47.14 -27.06
C GLY D 219 -9.00 -46.39 -26.09
N ARG D 220 -9.62 -47.17 -25.21
CA ARG D 220 -10.54 -46.64 -24.21
C ARG D 220 -9.83 -46.03 -23.00
N PHE D 221 -8.59 -46.40 -22.75
CA PHE D 221 -7.88 -45.94 -21.57
C PHE D 221 -6.41 -45.67 -21.94
N ASP D 222 -6.20 -44.80 -22.91
CA ASP D 222 -4.85 -44.38 -23.26
C ASP D 222 -4.43 -43.27 -22.31
N VAL D 223 -3.42 -43.51 -21.48
CA VAL D 223 -2.89 -42.44 -20.66
C VAL D 223 -2.40 -41.34 -21.59
N LEU D 224 -2.85 -40.11 -21.35
CA LEU D 224 -2.44 -39.04 -22.26
C LEU D 224 -0.97 -38.70 -22.02
N PRO D 225 -0.30 -38.11 -22.99
CA PRO D 225 1.05 -37.61 -22.75
C PRO D 225 0.99 -36.29 -22.01
N LEU D 226 2.09 -35.97 -21.35
CA LEU D 226 2.20 -34.65 -20.76
C LEU D 226 2.48 -33.64 -21.87
N LEU D 227 1.82 -32.49 -21.78
CA LEU D 227 2.05 -31.38 -22.69
C LEU D 227 2.52 -30.23 -21.81
N LEU D 228 3.83 -30.00 -21.82
CA LEU D 228 4.47 -29.15 -20.83
C LEU D 228 5.04 -27.91 -21.47
N GLN D 229 4.79 -26.77 -20.84
CA GLN D 229 5.21 -25.47 -21.36
C GLN D 229 6.06 -24.78 -20.32
N ALA D 230 7.26 -24.39 -20.73
CA ALA D 230 8.24 -23.74 -19.87
C ALA D 230 8.58 -22.37 -20.41
N ASN D 231 8.60 -21.38 -19.54
CA ASN D 231 9.08 -20.03 -19.84
C ASN D 231 8.34 -19.40 -21.01
N GLY D 232 7.08 -19.78 -21.19
CA GLY D 232 6.28 -19.20 -22.25
C GLY D 232 6.53 -19.77 -23.63
N ASN D 233 7.43 -20.74 -23.76
CA ASN D 233 7.66 -21.35 -25.06
C ASN D 233 6.53 -22.30 -25.42
N ASP D 234 6.56 -22.78 -26.66
CA ASP D 234 5.57 -23.74 -27.10
C ASP D 234 5.65 -24.98 -26.23
N PRO D 235 4.51 -25.59 -25.89
CA PRO D 235 4.54 -26.81 -25.08
C PRO D 235 5.13 -27.98 -25.84
N GLU D 236 5.67 -28.93 -25.09
CA GLU D 236 6.34 -30.09 -25.66
C GLU D 236 5.76 -31.38 -25.08
N LEU D 237 5.70 -32.41 -25.92
CA LEU D 237 5.10 -33.68 -25.56
C LEU D 237 6.10 -34.60 -24.87
N PHE D 238 5.63 -35.30 -23.84
CA PHE D 238 6.40 -36.30 -23.13
C PHE D 238 5.47 -37.42 -22.70
N GLN D 239 5.88 -38.66 -22.93
CA GLN D 239 5.17 -39.83 -22.45
C GLN D 239 5.61 -40.14 -21.02
N ILE D 240 4.66 -40.13 -20.09
CA ILE D 240 4.99 -40.61 -18.74
C ILE D 240 5.40 -42.07 -18.82
N PRO D 241 6.49 -42.47 -18.20
CA PRO D 241 6.89 -43.89 -18.19
C PRO D 241 5.77 -44.74 -17.62
N PRO D 242 5.32 -45.75 -18.37
CA PRO D 242 4.13 -46.50 -17.94
C PRO D 242 4.27 -47.14 -16.57
N GLU D 243 5.50 -47.49 -16.17
CA GLU D 243 5.68 -48.07 -14.84
C GLU D 243 5.42 -47.07 -13.73
N LEU D 244 5.38 -45.77 -14.03
CA LEU D 244 5.01 -44.76 -13.06
C LEU D 244 3.50 -44.52 -12.97
N VAL D 245 2.70 -45.06 -13.88
CA VAL D 245 1.25 -44.83 -13.92
C VAL D 245 0.57 -46.07 -13.32
N LEU D 246 0.25 -45.99 -12.02
CA LEU D 246 -0.46 -47.05 -11.35
C LEU D 246 -1.93 -47.03 -11.74
N GLU D 247 -2.45 -48.18 -12.15
CA GLU D 247 -3.86 -48.29 -12.51
C GLU D 247 -4.49 -49.45 -11.76
N VAL D 248 -5.81 -49.38 -11.62
CA VAL D 248 -6.59 -50.34 -10.88
C VAL D 248 -7.62 -50.94 -11.83
N PRO D 249 -7.60 -52.23 -12.10
CA PRO D 249 -8.71 -52.85 -12.83
C PRO D 249 -9.95 -52.87 -11.94
N ILE D 250 -11.08 -52.45 -12.49
CA ILE D 250 -12.30 -52.38 -11.69
C ILE D 250 -13.04 -53.69 -11.81
N ARG D 251 -13.25 -54.35 -10.66
CA ARG D 251 -14.06 -55.54 -10.55
C ARG D 251 -15.00 -55.36 -9.37
N HIS D 252 -15.97 -56.26 -9.25
CA HIS D 252 -17.00 -56.15 -8.24
C HIS D 252 -16.95 -57.34 -7.29
N PRO D 253 -17.11 -57.12 -5.99
CA PRO D 253 -17.02 -58.24 -5.04
C PRO D 253 -18.05 -59.34 -5.26
N LYS D 254 -19.20 -59.02 -5.87
CA LYS D 254 -20.25 -60.01 -6.06
C LYS D 254 -20.55 -60.30 -7.53
N PHE D 255 -20.57 -59.28 -8.37
CA PHE D 255 -20.91 -59.43 -9.79
C PHE D 255 -19.65 -59.86 -10.54
N GLU D 256 -19.55 -61.15 -10.87
CA GLU D 256 -18.37 -61.61 -11.59
C GLU D 256 -18.27 -60.96 -12.96
N TRP D 257 -19.39 -60.58 -13.55
CA TRP D 257 -19.38 -59.99 -14.88
C TRP D 257 -18.77 -58.59 -14.89
N PHE D 258 -18.62 -57.97 -13.72
CA PHE D 258 -18.24 -56.56 -13.72
C PHE D 258 -16.89 -56.33 -14.38
N LYS D 259 -15.92 -57.20 -14.11
CA LYS D 259 -14.61 -57.10 -14.75
C LYS D 259 -14.70 -57.18 -16.27
N ASP D 260 -15.76 -57.78 -16.81
CA ASP D 260 -15.90 -57.86 -18.26
C ASP D 260 -16.26 -56.53 -18.89
N LEU D 261 -16.59 -55.52 -18.09
CA LEU D 261 -16.75 -54.17 -18.61
C LEU D 261 -15.43 -53.57 -19.09
N GLY D 262 -14.30 -54.20 -18.73
CA GLY D 262 -13.00 -53.69 -19.12
C GLY D 262 -12.65 -52.36 -18.48
N LEU D 263 -13.25 -52.04 -17.35
CA LEU D 263 -13.02 -50.74 -16.75
C LEU D 263 -11.74 -50.74 -15.94
N LYS D 264 -11.06 -49.62 -15.96
CA LYS D 264 -9.93 -49.39 -15.10
C LYS D 264 -9.90 -47.90 -14.77
N TRP D 265 -9.09 -47.56 -13.77
CA TRP D 265 -8.83 -46.16 -13.51
C TRP D 265 -7.43 -46.04 -12.94
N TYR D 266 -6.93 -44.82 -12.96
CA TYR D 266 -5.61 -44.58 -12.45
C TYR D 266 -5.69 -44.20 -10.98
N GLY D 267 -4.60 -44.44 -10.25
CA GLY D 267 -4.69 -44.27 -8.82
C GLY D 267 -4.42 -42.89 -8.35
N LEU D 268 -3.74 -42.07 -9.16
CA LEU D 268 -3.20 -40.81 -8.69
C LEU D 268 -4.01 -39.64 -9.24
N PRO D 269 -4.84 -38.99 -8.45
CA PRO D 269 -5.51 -37.77 -8.92
C PRO D 269 -4.57 -36.58 -8.72
N ALA D 270 -4.20 -35.95 -9.84
CA ALA D 270 -3.11 -34.97 -9.88
C ALA D 270 -3.53 -33.78 -10.71
N VAL D 271 -4.16 -32.78 -10.07
CA VAL D 271 -4.64 -31.60 -10.77
C VAL D 271 -3.46 -30.74 -11.18
N SER D 272 -3.41 -30.38 -12.44
CA SER D 272 -2.26 -29.69 -12.98
C SER D 272 -2.60 -28.40 -13.70
N ASN D 273 -3.86 -27.96 -13.70
CA ASN D 273 -4.24 -26.80 -14.49
C ASN D 273 -4.62 -25.60 -13.64
N MET D 274 -4.36 -25.64 -12.34
CA MET D 274 -4.73 -24.56 -11.47
C MET D 274 -3.55 -23.63 -11.22
N LEU D 275 -3.85 -22.47 -10.66
CA LEU D 275 -2.84 -21.46 -10.37
C LEU D 275 -2.76 -21.34 -8.86
N LEU D 276 -1.55 -21.39 -8.35
CA LEU D 276 -1.25 -21.22 -6.94
C LEU D 276 -0.81 -19.77 -6.71
N GLU D 277 -1.52 -19.09 -5.84
CA GLU D 277 -1.25 -17.69 -5.54
C GLU D 277 -0.76 -17.60 -4.11
N ILE D 278 0.49 -17.16 -3.95
CA ILE D 278 1.10 -16.96 -2.64
C ILE D 278 1.65 -15.54 -2.60
N GLY D 279 1.10 -14.73 -1.71
CA GLY D 279 1.63 -13.39 -1.49
C GLY D 279 1.66 -12.51 -2.72
N GLY D 280 0.67 -12.65 -3.60
CA GLY D 280 0.65 -11.93 -4.85
C GLY D 280 1.42 -12.60 -5.98
N LEU D 281 2.27 -13.58 -5.68
CA LEU D 281 2.98 -14.31 -6.71
C LEU D 281 2.06 -15.39 -7.28
N GLU D 282 2.18 -15.62 -8.59
CA GLU D 282 1.30 -16.54 -9.28
C GLU D 282 2.12 -17.69 -9.85
N PHE D 283 1.84 -18.89 -9.36
CA PHE D 283 2.50 -20.12 -9.79
C PHE D 283 1.54 -20.85 -10.72
N SER D 284 1.65 -20.54 -12.02
CA SER D 284 0.74 -21.05 -13.02
C SER D 284 0.93 -22.52 -13.33
N ALA D 285 2.00 -23.14 -12.82
CA ALA D 285 2.28 -24.56 -12.99
C ALA D 285 2.58 -25.14 -11.62
N CYS D 286 1.62 -25.82 -11.05
CA CYS D 286 1.79 -26.28 -9.68
C CYS D 286 1.04 -27.59 -9.48
N PRO D 287 1.36 -28.64 -10.23
CA PRO D 287 0.60 -29.87 -10.12
C PRO D 287 0.59 -30.39 -8.70
N PHE D 288 -0.59 -30.78 -8.24
CA PHE D 288 -0.76 -31.32 -6.91
C PHE D 288 -1.63 -32.56 -6.98
N SER D 289 -1.41 -33.43 -6.01
CA SER D 289 -2.03 -34.73 -6.05
C SER D 289 -2.29 -35.17 -4.64
N GLY D 290 -3.33 -35.97 -4.48
CA GLY D 290 -3.62 -36.59 -3.21
C GLY D 290 -3.98 -38.03 -3.47
N TRP D 291 -5.18 -38.43 -3.03
CA TRP D 291 -5.75 -39.70 -3.42
C TRP D 291 -7.25 -39.50 -3.63
N TYR D 292 -7.86 -40.47 -4.29
CA TYR D 292 -9.24 -40.35 -4.71
C TYR D 292 -10.22 -40.57 -3.57
N MET D 293 -11.31 -39.83 -3.61
CA MET D 293 -12.56 -40.27 -3.03
C MET D 293 -13.29 -41.09 -4.07
N GLY D 294 -13.83 -42.23 -3.65
CA GLY D 294 -14.39 -43.18 -4.61
C GLY D 294 -15.37 -42.58 -5.60
N THR D 295 -16.24 -41.66 -5.12
CA THR D 295 -17.30 -41.12 -5.96
C THR D 295 -16.76 -40.30 -7.11
N GLU D 296 -15.57 -39.70 -6.96
CA GLU D 296 -14.97 -38.99 -8.08
C GLU D 296 -14.91 -39.89 -9.31
N ILE D 297 -14.47 -41.13 -9.11
CA ILE D 297 -14.42 -42.10 -10.20
C ILE D 297 -15.78 -42.74 -10.42
N GLY D 298 -16.39 -43.24 -9.36
CA GLY D 298 -17.55 -44.10 -9.52
C GLY D 298 -18.81 -43.36 -9.92
N VAL D 299 -18.94 -42.12 -9.50
CA VAL D 299 -20.11 -41.31 -9.84
C VAL D 299 -19.84 -40.40 -11.03
N ARG D 300 -18.77 -39.59 -10.95
CA ARG D 300 -18.55 -38.58 -11.99
C ARG D 300 -17.86 -39.16 -13.23
N ASP D 301 -16.63 -39.66 -13.07
CA ASP D 301 -15.89 -40.17 -14.22
C ASP D 301 -16.67 -41.27 -14.95
N TYR D 302 -17.29 -42.18 -14.21
CA TYR D 302 -17.93 -43.32 -14.84
C TYR D 302 -19.38 -43.08 -15.25
N CYS D 303 -20.11 -42.22 -14.55
CA CYS D 303 -21.56 -42.15 -14.74
C CYS D 303 -22.09 -40.80 -15.18
N ASP D 304 -21.30 -39.73 -15.11
CA ASP D 304 -21.69 -38.52 -15.82
C ASP D 304 -22.05 -38.86 -17.27
N ASN D 305 -23.14 -38.27 -17.76
CA ASN D 305 -23.57 -38.51 -19.14
C ASN D 305 -22.49 -38.08 -20.14
N SER D 306 -21.76 -37.01 -19.84
CA SER D 306 -20.70 -36.49 -20.71
C SER D 306 -19.36 -37.15 -20.44
N ARG D 307 -19.32 -38.20 -19.60
CA ARG D 307 -18.06 -38.87 -19.32
C ARG D 307 -18.13 -40.30 -19.85
N TYR D 308 -17.71 -41.29 -19.05
CA TYR D 308 -17.74 -42.66 -19.57
C TYR D 308 -19.15 -43.22 -19.66
N ASN D 309 -20.09 -42.69 -18.87
CA ASN D 309 -21.53 -42.89 -19.11
C ASN D 309 -21.89 -44.38 -19.14
N ILE D 310 -21.52 -45.09 -18.07
CA ILE D 310 -21.65 -46.54 -18.06
C ILE D 310 -22.92 -47.02 -17.37
N LEU D 311 -23.74 -46.10 -16.86
CA LEU D 311 -24.95 -46.52 -16.17
C LEU D 311 -25.73 -47.55 -16.96
N GLU D 312 -26.02 -47.26 -18.23
CA GLU D 312 -26.91 -48.14 -18.99
C GLU D 312 -26.32 -49.54 -19.13
N GLU D 313 -25.03 -49.62 -19.46
CA GLU D 313 -24.44 -50.94 -19.63
C GLU D 313 -24.45 -51.72 -18.32
N VAL D 314 -24.17 -51.05 -17.20
CA VAL D 314 -24.14 -51.75 -15.92
C VAL D 314 -25.55 -52.19 -15.53
N ALA D 315 -26.52 -51.30 -15.69
CA ALA D 315 -27.89 -51.66 -15.36
C ALA D 315 -28.37 -52.81 -16.21
N LYS D 316 -28.00 -52.83 -17.50
CA LYS D 316 -28.40 -53.95 -18.36
C LYS D 316 -27.86 -55.26 -17.82
N LYS D 317 -26.55 -55.30 -17.52
CA LYS D 317 -25.98 -56.51 -16.93
C LYS D 317 -26.59 -56.82 -15.57
N MET D 318 -27.15 -55.84 -14.88
CA MET D 318 -27.85 -56.12 -13.62
C MET D 318 -29.27 -56.59 -13.85
N ASN D 319 -29.72 -56.68 -15.10
CA ASN D 319 -31.09 -57.07 -15.42
C ASN D 319 -32.10 -56.12 -14.78
N LEU D 320 -31.79 -54.83 -14.78
CA LEU D 320 -32.68 -53.86 -14.16
C LEU D 320 -33.74 -53.39 -15.16
N ASP D 321 -34.90 -53.01 -14.63
CA ASP D 321 -35.96 -52.40 -15.43
C ASP D 321 -35.58 -50.95 -15.74
N MET D 322 -35.17 -50.71 -16.98
CA MET D 322 -34.76 -49.38 -17.41
C MET D 322 -35.86 -48.64 -18.17
N ARG D 323 -37.08 -49.16 -18.15
CA ARG D 323 -38.17 -48.50 -18.86
C ARG D 323 -38.77 -47.33 -18.09
N LYS D 324 -38.59 -47.25 -16.78
CA LYS D 324 -39.16 -46.14 -16.02
C LYS D 324 -38.15 -45.67 -14.99
N THR D 325 -38.01 -44.34 -14.85
CA THR D 325 -36.99 -43.80 -13.95
C THR D 325 -37.28 -44.17 -12.51
N SER D 326 -38.57 -44.26 -12.15
CA SER D 326 -38.99 -44.56 -10.79
C SER D 326 -38.58 -45.96 -10.34
N SER D 327 -38.12 -46.80 -11.26
CA SER D 327 -37.47 -48.03 -10.82
C SER D 327 -36.16 -47.73 -10.11
N LEU D 328 -35.62 -46.52 -10.28
CA LEU D 328 -34.33 -46.11 -9.73
C LEU D 328 -33.21 -47.00 -10.24
N TRP D 329 -33.35 -47.52 -11.45
CA TRP D 329 -32.31 -48.36 -12.03
C TRP D 329 -30.96 -47.65 -12.07
N LYS D 330 -30.96 -46.35 -12.39
CA LYS D 330 -29.70 -45.61 -12.37
C LYS D 330 -29.11 -45.56 -10.97
N ASP D 331 -29.95 -45.28 -9.97
CA ASP D 331 -29.46 -45.18 -8.60
C ASP D 331 -28.87 -46.51 -8.14
N GLN D 332 -29.57 -47.60 -8.45
CA GLN D 332 -29.13 -48.94 -8.07
C GLN D 332 -27.80 -49.27 -8.73
N ALA D 333 -27.66 -48.97 -10.02
CA ALA D 333 -26.43 -49.26 -10.75
C ALA D 333 -25.29 -48.38 -10.27
N LEU D 334 -25.58 -47.10 -10.00
CA LEU D 334 -24.57 -46.16 -9.51
C LEU D 334 -23.89 -46.68 -8.24
N VAL D 335 -24.69 -47.23 -7.30
CA VAL D 335 -24.13 -47.72 -6.05
C VAL D 335 -23.19 -48.90 -6.30
N GLU D 336 -23.63 -49.85 -7.12
CA GLU D 336 -22.79 -51.02 -7.38
C GLU D 336 -21.48 -50.62 -8.06
N ILE D 337 -21.52 -49.64 -8.97
CA ILE D 337 -20.31 -49.12 -9.58
C ILE D 337 -19.38 -48.58 -8.51
N ASN D 338 -19.92 -47.80 -7.58
CA ASN D 338 -19.07 -47.20 -6.56
C ASN D 338 -18.56 -48.25 -5.58
N ILE D 339 -19.33 -49.31 -5.33
CA ILE D 339 -18.80 -50.43 -4.56
C ILE D 339 -17.65 -51.08 -5.32
N ALA D 340 -17.81 -51.23 -6.64
CA ALA D 340 -16.74 -51.82 -7.44
C ALA D 340 -15.46 -51.00 -7.35
N VAL D 341 -15.59 -49.67 -7.49
CA VAL D 341 -14.41 -48.80 -7.46
C VAL D 341 -13.66 -48.96 -6.14
N LEU D 342 -14.38 -48.91 -5.01
CA LEU D 342 -13.71 -48.99 -3.70
C LEU D 342 -13.12 -50.36 -3.47
N TYR D 343 -13.89 -51.41 -3.73
CA TYR D 343 -13.41 -52.78 -3.59
C TYR D 343 -12.14 -53.00 -4.41
N SER D 344 -12.09 -52.43 -5.61
CA SER D 344 -10.96 -52.67 -6.51
C SER D 344 -9.70 -51.97 -6.00
N PHE D 345 -9.83 -50.70 -5.62
CA PHE D 345 -8.70 -49.97 -5.06
C PHE D 345 -8.20 -50.64 -3.78
N GLN D 346 -9.13 -51.00 -2.89
CA GLN D 346 -8.75 -51.65 -1.64
C GLN D 346 -8.06 -52.98 -1.88
N SER D 347 -8.59 -53.79 -2.80
CA SER D 347 -7.98 -55.08 -3.09
C SER D 347 -6.55 -54.90 -3.59
N ASP D 348 -6.30 -53.89 -4.41
CA ASP D 348 -4.98 -53.64 -4.94
C ASP D 348 -4.12 -52.80 -3.99
N LYS D 349 -4.61 -52.56 -2.77
CA LYS D 349 -3.92 -51.76 -1.75
C LYS D 349 -3.49 -50.41 -2.31
N VAL D 350 -4.39 -49.76 -3.05
CA VAL D 350 -4.18 -48.40 -3.54
C VAL D 350 -5.07 -47.48 -2.71
N THR D 351 -4.47 -46.47 -2.09
CA THR D 351 -5.20 -45.55 -1.24
C THR D 351 -6.44 -44.99 -1.94
N ILE D 352 -7.57 -45.09 -1.24
CA ILE D 352 -8.81 -44.49 -1.68
C ILE D 352 -9.63 -44.26 -0.43
N VAL D 353 -10.55 -43.31 -0.49
CA VAL D 353 -11.43 -43.01 0.63
C VAL D 353 -12.87 -43.01 0.13
N ASP D 354 -13.76 -43.66 0.87
CA ASP D 354 -15.16 -43.62 0.50
C ASP D 354 -15.77 -42.30 0.97
N HIS D 355 -16.89 -41.92 0.36
CA HIS D 355 -17.46 -40.61 0.63
C HIS D 355 -17.95 -40.50 2.08
N HIS D 356 -18.32 -41.60 2.71
CA HIS D 356 -18.71 -41.53 4.11
C HIS D 356 -17.51 -41.20 5.00
N SER D 357 -16.43 -41.95 4.85
CA SER D 357 -15.25 -41.70 5.65
C SER D 357 -14.71 -40.29 5.39
N ALA D 358 -14.63 -39.90 4.12
CA ALA D 358 -14.11 -38.58 3.75
C ALA D 358 -14.93 -37.45 4.36
N THR D 359 -16.27 -37.54 4.28
CA THR D 359 -17.09 -36.44 4.79
C THR D 359 -17.09 -36.43 6.31
N GLU D 360 -17.03 -37.59 6.94
CA GLU D 360 -16.89 -37.62 8.40
C GLU D 360 -15.57 -37.00 8.82
N SER D 361 -14.49 -37.31 8.10
CA SER D 361 -13.22 -36.69 8.43
CA SER D 361 -13.20 -36.69 8.37
C SER D 361 -13.27 -35.17 8.20
N PHE D 362 -14.00 -34.72 7.18
CA PHE D 362 -14.05 -33.29 6.94
C PHE D 362 -14.82 -32.54 8.02
N ILE D 363 -15.79 -33.19 8.66
CA ILE D 363 -16.49 -32.54 9.77
C ILE D 363 -15.57 -32.43 10.98
N LYS D 364 -14.86 -33.52 11.31
CA LYS D 364 -13.81 -33.45 12.33
C LYS D 364 -12.84 -32.33 12.02
N HIS D 365 -12.40 -32.25 10.76
CA HIS D 365 -11.43 -31.21 10.37
C HIS D 365 -12.03 -29.81 10.52
N MET D 366 -13.23 -29.64 9.97
CA MET D 366 -13.91 -28.35 10.04
C MET D 366 -14.04 -27.88 11.49
N GLU D 367 -14.47 -28.78 12.38
CA GLU D 367 -14.60 -28.39 13.78
C GLU D 367 -13.25 -28.03 14.39
N ASN D 368 -12.23 -28.84 14.13
CA ASN D 368 -10.89 -28.51 14.59
C ASN D 368 -10.45 -27.14 14.07
N GLU D 369 -10.70 -26.88 12.78
CA GLU D 369 -10.35 -25.58 12.20
C GLU D 369 -11.08 -24.43 12.88
N TYR D 370 -12.36 -24.60 13.18
CA TYR D 370 -13.06 -23.55 13.91
C TYR D 370 -12.41 -23.32 15.28
N ARG D 371 -12.08 -24.41 15.97
CA ARG D 371 -11.49 -24.30 17.31
C ARG D 371 -10.12 -23.62 17.26
N CYS D 372 -9.22 -24.09 16.39
CA CYS D 372 -7.86 -23.56 16.43
C CYS D 372 -7.61 -22.41 15.46
N ARG D 373 -8.50 -22.13 14.52
CA ARG D 373 -8.29 -21.09 13.53
C ARG D 373 -9.41 -20.07 13.42
N GLY D 374 -10.59 -20.34 13.99
CA GLY D 374 -11.68 -19.41 13.89
C GLY D 374 -12.55 -19.59 12.67
N GLY D 375 -12.35 -20.66 11.91
CA GLY D 375 -13.22 -20.91 10.79
C GLY D 375 -12.60 -21.88 9.82
N CYS D 376 -13.41 -22.24 8.85
CA CYS D 376 -13.00 -23.17 7.79
C CYS D 376 -13.86 -22.86 6.59
N PRO D 377 -13.36 -22.07 5.64
CA PRO D 377 -14.16 -21.78 4.44
C PRO D 377 -14.51 -23.09 3.74
N ALA D 378 -15.77 -23.21 3.33
CA ALA D 378 -16.22 -24.49 2.81
C ALA D 378 -17.36 -24.28 1.84
N ASP D 379 -17.27 -24.96 0.69
CA ASP D 379 -18.22 -24.84 -0.42
C ASP D 379 -19.09 -26.09 -0.40
N TRP D 380 -20.27 -25.96 0.22
CA TRP D 380 -21.21 -27.07 0.39
C TRP D 380 -21.54 -27.73 -0.93
N VAL D 381 -21.72 -26.92 -1.98
CA VAL D 381 -22.04 -27.42 -3.30
C VAL D 381 -20.99 -28.41 -3.80
N TRP D 382 -19.72 -28.19 -3.43
CA TRP D 382 -18.65 -29.12 -3.81
C TRP D 382 -18.32 -30.15 -2.74
N ILE D 383 -18.52 -29.80 -1.45
CA ILE D 383 -18.16 -30.70 -0.35
C ILE D 383 -19.12 -31.89 -0.29
N VAL D 384 -20.42 -31.66 -0.51
CA VAL D 384 -21.38 -32.77 -0.48
C VAL D 384 -21.10 -33.71 -1.64
N PRO D 385 -20.93 -35.01 -1.39
CA PRO D 385 -20.58 -35.93 -2.46
C PRO D 385 -21.70 -35.99 -3.50
N PRO D 386 -21.38 -36.40 -4.72
CA PRO D 386 -22.38 -36.40 -5.80
C PRO D 386 -23.39 -37.53 -5.71
N MET D 387 -23.34 -38.38 -4.70
CA MET D 387 -24.39 -39.37 -4.45
C MET D 387 -24.65 -39.41 -2.96
N SER D 388 -25.83 -39.92 -2.60
CA SER D 388 -26.14 -40.23 -1.20
C SER D 388 -25.88 -39.02 -0.30
N GLY D 389 -26.19 -37.84 -0.81
CA GLY D 389 -25.72 -36.62 -0.16
C GLY D 389 -26.15 -36.50 1.30
N SER D 390 -27.44 -36.69 1.57
CA SER D 390 -27.93 -36.46 2.93
C SER D 390 -27.61 -37.60 3.88
N ILE D 391 -27.06 -38.73 3.42
CA ILE D 391 -26.63 -39.71 4.40
C ILE D 391 -25.18 -39.51 4.81
N THR D 392 -24.51 -38.44 4.27
CA THR D 392 -23.20 -38.05 4.79
C THR D 392 -23.36 -36.84 5.71
N PRO D 393 -22.47 -36.70 6.71
CA PRO D 393 -22.69 -35.64 7.71
C PRO D 393 -22.59 -34.23 7.16
N VAL D 394 -21.83 -34.01 6.07
CA VAL D 394 -21.62 -32.67 5.54
C VAL D 394 -22.92 -32.07 5.00
N PHE D 395 -23.84 -32.92 4.53
CA PHE D 395 -25.11 -32.42 3.99
C PHE D 395 -25.85 -31.56 5.02
N HIS D 396 -25.78 -31.96 6.30
CA HIS D 396 -26.49 -31.29 7.38
C HIS D 396 -25.65 -30.22 8.04
N GLN D 397 -24.42 -30.03 7.56
CA GLN D 397 -23.51 -29.04 8.10
C GLN D 397 -23.68 -27.73 7.34
N GLU D 398 -24.07 -26.68 8.05
CA GLU D 398 -23.96 -25.35 7.48
C GLU D 398 -22.48 -25.00 7.35
N MET D 399 -22.15 -24.29 6.27
CA MET D 399 -20.78 -23.89 5.95
C MET D 399 -20.76 -22.45 5.47
N LEU D 400 -19.66 -21.76 5.72
CA LEU D 400 -19.46 -20.41 5.23
C LEU D 400 -18.37 -20.47 4.17
N ASN D 401 -18.64 -19.87 3.02
CA ASN D 401 -17.67 -19.90 1.92
C ASN D 401 -17.08 -18.50 1.76
N TYR D 402 -15.76 -18.42 1.87
CA TYR D 402 -15.04 -17.18 1.64
C TYR D 402 -13.65 -17.54 1.13
N ARG D 403 -12.97 -16.55 0.58
CA ARG D 403 -11.74 -16.78 -0.18
C ARG D 403 -10.58 -16.16 0.59
N LEU D 404 -9.77 -17.02 1.21
CA LEU D 404 -8.53 -16.65 1.87
C LEU D 404 -7.36 -16.93 0.93
N THR D 405 -6.28 -16.19 1.14
CA THR D 405 -5.06 -16.43 0.40
C THR D 405 -3.96 -16.85 1.37
N PRO D 406 -2.98 -17.69 0.95
CA PRO D 406 -2.78 -18.34 -0.36
C PRO D 406 -3.96 -19.16 -0.85
N SER D 407 -4.06 -19.35 -2.17
CA SER D 407 -5.21 -20.02 -2.72
C SER D 407 -4.84 -20.69 -4.04
N PHE D 408 -5.56 -21.76 -4.33
CA PHE D 408 -5.59 -22.30 -5.68
C PHE D 408 -6.73 -21.63 -6.42
N GLU D 409 -6.43 -21.17 -7.64
CA GLU D 409 -7.35 -20.49 -8.51
C GLU D 409 -7.43 -21.24 -9.83
N TYR D 410 -8.55 -21.07 -10.51
CA TYR D 410 -8.67 -21.42 -11.91
C TYR D 410 -7.94 -20.42 -12.77
N GLN D 411 -7.53 -20.86 -13.94
CA GLN D 411 -6.89 -20.00 -14.91
C GLN D 411 -7.36 -20.46 -16.28
N PRO D 412 -7.27 -19.60 -17.28
CA PRO D 412 -7.72 -20.02 -18.61
C PRO D 412 -6.88 -21.19 -19.10
N ASP D 413 -7.52 -22.07 -19.86
CA ASP D 413 -6.78 -23.11 -20.56
C ASP D 413 -5.71 -22.47 -21.44
N PRO D 414 -4.51 -23.05 -21.48
CA PRO D 414 -3.41 -22.37 -22.17
C PRO D 414 -3.61 -22.26 -23.67
N TRP D 415 -4.32 -23.20 -24.28
CA TRP D 415 -4.56 -23.11 -25.72
C TRP D 415 -5.52 -21.99 -26.09
N ASN D 416 -6.18 -21.36 -25.12
CA ASN D 416 -6.95 -20.15 -25.40
C ASN D 416 -6.12 -18.88 -25.26
N THR D 417 -4.95 -18.95 -24.62
CA THR D 417 -4.06 -17.81 -24.44
C THR D 417 -2.78 -17.90 -25.26
N HIS D 418 -2.24 -19.09 -25.45
CA HIS D 418 -0.88 -19.21 -25.94
C HIS D 418 -0.78 -18.75 -27.39
N VAL D 419 0.26 -17.96 -27.67
CA VAL D 419 0.58 -17.56 -29.03
C VAL D 419 1.79 -18.36 -29.48
N TRP D 420 1.59 -19.15 -30.53
CA TRP D 420 2.58 -20.12 -30.95
C TRP D 420 3.72 -19.47 -31.71
N LYS D 421 4.93 -20.01 -31.53
CA LYS D 421 6.15 -19.46 -32.11
C LYS D 421 6.74 -20.30 -33.26
CHA HEM E . 10.89 28.42 5.15
CHB HEM E . 9.86 23.84 3.99
CHC HEM E . 5.36 25.33 3.05
CHD HEM E . 6.64 29.97 3.38
C1A HEM E . 10.94 27.05 5.07
C2A HEM E . 11.95 26.19 5.66
C3A HEM E . 11.66 24.92 5.36
C4A HEM E . 10.46 24.94 4.54
CMA HEM E . 12.44 23.65 5.75
CAA HEM E . 13.11 26.69 6.54
CBA HEM E . 12.47 26.82 7.92
CGA HEM E . 13.50 27.20 8.93
O1A HEM E . 14.68 26.85 8.72
O2A HEM E . 13.14 27.84 9.96
C1B HEM E . 8.52 23.83 3.64
C2B HEM E . 7.74 22.68 3.31
C3B HEM E . 6.49 23.07 3.03
C4B HEM E . 6.46 24.51 3.20
CMB HEM E . 8.26 21.22 3.25
CAB HEM E . 5.35 22.10 2.63
CBB HEM E . 4.20 22.47 2.06
C1C HEM E . 5.31 26.70 3.07
C2C HEM E . 4.11 27.50 2.88
C3C HEM E . 4.46 28.80 2.97
C4C HEM E . 5.89 28.83 3.21
CMC HEM E . 2.72 26.87 2.66
CAC HEM E . 3.62 30.09 2.84
CBC HEM E . 2.32 30.08 2.52
C1D HEM E . 7.91 29.95 3.89
C2D HEM E . 8.73 31.10 4.20
C3D HEM E . 9.89 30.64 4.68
C4D HEM E . 9.86 29.22 4.71
CMD HEM E . 8.35 32.58 4.02
CAD HEM E . 11.09 31.50 5.12
CBD HEM E . 10.92 32.07 6.51
CGD HEM E . 12.05 33.06 6.63
O1D HEM E . 12.32 33.82 5.65
O2D HEM E . 12.66 33.10 7.73
NA HEM E . 10.06 26.26 4.39
NB HEM E . 7.73 24.96 3.57
NC HEM E . 6.36 27.56 3.26
ND HEM E . 8.63 28.81 4.20
FE HEM E . 8.26 26.95 3.56
N1 H4B F . 18.78 27.90 7.23
C2 H4B F . 17.52 27.62 7.65
N2 H4B F . 16.71 26.86 6.86
N3 H4B F . 17.07 28.08 8.84
C4 H4B F . 17.86 28.83 9.62
O4 H4B F . 17.44 29.26 10.71
C4A H4B F . 19.13 29.13 9.22
C8A H4B F . 19.59 28.64 8.00
N5 H4B F . 19.94 29.89 9.99
N8 H4B F . 20.87 28.91 7.58
C6 H4B F . 21.02 30.57 9.29
C7 H4B F . 21.81 29.57 8.47
C9 H4B F . 21.94 31.36 10.23
O9 H4B F . 22.50 30.45 11.17
C10 H4B F . 23.08 32.03 9.47
C11 H4B F . 23.96 32.82 10.42
O10 H4B F . 22.53 32.91 8.49
C11 A1A0D G . 9.02 27.19 9.21
C12 A1A0D G . 9.16 26.64 10.48
C13 A1A0D G . 9.85 27.30 11.45
C15 A1A0D G . 10.28 29.11 9.91
C16 A1A0D G . 9.58 28.44 8.91
C17 A1A0D G . 10.91 30.46 9.64
C19 A1A0D G . 10.61 32.86 10.06
C20 A1A0D G . 11.11 33.15 11.46
C21 A1A0D G . 10.95 31.68 11.79
C02 A1A0D G . 7.76 24.34 7.21
C03 A1A0D G . 6.61 24.88 6.63
C04 A1A0D G . 6.27 26.19 6.91
C05 A1A0D G . 7.07 26.95 7.75
C06 A1A0D G . 8.22 26.38 8.27
C07 A1A0D G . 5.02 26.83 6.32
C14 A1A0D G . 10.40 28.53 11.16
F12 A1A0D G . 8.63 25.45 10.79
F13 A1A0D G . 9.95 26.72 12.66
F22 A1A0D G . 12.36 33.56 11.54
F23 A1A0D G . 10.24 33.89 12.13
N01 A1A0D G . 8.52 25.10 8.02
N02 A1A0D G . 8.12 23.06 6.96
N18 A1A0D G . 10.29 31.49 10.48
C1 GOL H . 6.71 39.39 -11.91
O1 GOL H . 7.12 39.47 -10.56
C2 GOL H . 5.97 38.04 -12.13
O2 GOL H . 5.70 37.39 -10.94
C3 GOL H . 6.86 37.20 -13.05
O3 GOL H . 7.01 37.88 -14.25
C1 GOL I . -7.07 26.90 -3.35
O1 GOL I . -5.79 26.49 -3.78
C2 GOL I . -7.03 28.44 -3.24
O2 GOL I . -7.54 28.97 -2.03
C3 GOL I . -7.72 28.93 -4.51
O3 GOL I . -6.91 28.47 -5.58
ZN ZN J . 25.35 38.64 -1.61
CHA HEM K . 39.72 26.56 0.91
CHB HEM K . 40.77 24.22 5.01
CHC HEM K . 45.32 25.84 4.60
CHD HEM K . 44.03 28.83 1.02
C1A HEM K . 39.65 25.68 1.95
C2A HEM K . 38.62 24.70 2.21
C3A HEM K . 38.92 24.04 3.33
C4A HEM K . 40.14 24.59 3.85
CMA HEM K . 38.10 22.90 3.98
CAA HEM K . 37.41 24.40 1.30
CBA HEM K . 37.98 23.39 0.30
CGA HEM K . 36.93 22.92 -0.65
O1A HEM K . 35.79 22.65 -0.18
O2A HEM K . 37.21 22.80 -1.88
C1B HEM K . 42.12 24.43 5.24
C2B HEM K . 42.89 23.82 6.29
C3B HEM K . 44.14 24.27 6.19
C4B HEM K . 44.20 25.19 5.06
CMB HEM K . 42.34 22.83 7.35
CAB HEM K . 45.30 23.84 7.14
CBB HEM K . 46.42 24.55 7.29
C1C HEM K . 45.36 26.77 3.59
C2C HEM K . 46.57 27.42 3.13
C3C HEM K . 46.22 28.25 2.12
C4C HEM K . 44.78 28.14 1.94
CMC HEM K . 47.97 27.12 3.73
CAC HEM K . 47.07 29.22 1.28
CBC HEM K . 48.29 29.61 1.67
C1D HEM K . 42.74 28.47 0.67
C2D HEM K . 41.95 29.05 -0.40
C3D HEM K . 40.77 28.42 -0.43
C4D HEM K . 40.76 27.42 0.61
CMD HEM K . 42.39 30.18 -1.34
CAD HEM K . 39.62 28.75 -1.40
CBD HEM K . 39.78 27.91 -2.65
CGD HEM K . 38.75 28.35 -3.64
O1D HEM K . 38.24 29.52 -3.55
O2D HEM K . 38.44 27.52 -4.52
NA HEM K . 40.56 25.59 3.00
NB HEM K . 42.95 25.26 4.50
NC HEM K . 44.31 27.22 2.85
ND HEM K . 42.00 27.47 1.27
FE HEM K . 42.34 26.60 3.06
N1 H4B L . 31.81 24.75 0.02
C2 H4B L . 33.06 24.23 -0.02
N2 H4B L . 33.83 24.25 1.10
N3 H4B L . 33.54 23.69 -1.16
C4 H4B L . 32.82 23.67 -2.29
O4 H4B L . 33.30 23.17 -3.34
C4A H4B L . 31.54 24.21 -2.28
C8A H4B L . 31.04 24.74 -1.09
N5 H4B L . 30.78 24.21 -3.39
N8 H4B L . 29.81 25.29 -1.04
C6 H4B L . 29.70 25.20 -3.44
C7 H4B L . 28.88 25.19 -2.15
C9 H4B L . 28.78 25.01 -4.65
O9 H4B L . 28.24 23.69 -4.69
C10 H4B L . 27.64 25.99 -4.53
C11 H4B L . 26.72 25.91 -5.76
O10 H4B L . 28.19 27.31 -4.39
C11 A1A0D M . 41.59 22.65 -0.89
C12 A1A0D M . 41.46 21.37 -1.38
C13 A1A0D M . 40.78 21.11 -2.54
C15 A1A0D M . 40.32 23.46 -2.76
C16 A1A0D M . 41.03 23.72 -1.58
C17 A1A0D M . 39.68 24.56 -3.59
C19 A1A0D M . 40.11 25.29 -5.89
C20 A1A0D M . 38.88 24.92 -6.67
C21 A1A0D M . 38.58 23.81 -5.68
C02 A1A0D M . 42.83 22.12 2.56
C03 A1A0D M . 44.02 22.84 2.56
C04 A1A0D M . 44.38 23.51 1.40
C05 A1A0D M . 43.58 23.46 0.29
C06 A1A0D M . 42.39 22.74 0.34
C07 A1A0D M . 45.65 24.32 1.33
C14 A1A0D M . 40.21 22.17 -3.24
F12 A1A0D M . 42.01 20.33 -0.72
F13 A1A0D M . 40.68 19.84 -2.99
F22 A1A0D M . 37.94 25.84 -6.69
F23 A1A0D M . 39.19 24.45 -7.87
N01 A1A0D M . 42.07 22.06 1.45
N02 A1A0D M . 42.44 21.42 3.66
N18 A1A0D M . 39.84 24.15 -4.99
C1 GOL N . 57.42 31.40 7.96
O1 GOL N . 56.56 31.98 8.89
C2 GOL N . 58.18 32.54 7.25
O2 GOL N . 57.87 33.79 7.76
C3 GOL N . 57.84 32.44 5.75
O3 GOL N . 58.41 31.28 5.26
C1 GOL O . 44.66 44.69 6.45
O1 GOL O . 45.69 44.05 7.15
C2 GOL O . 45.26 45.53 5.32
O2 GOL O . 45.39 46.86 5.68
C3 GOL O . 44.33 45.31 4.11
O3 GOL O . 43.80 46.56 3.78
CHA HEM P . -39.76 -26.92 -0.84
CHB HEM P . -41.28 -30.28 -3.96
CHC HEM P . -45.55 -27.98 -4.27
CHD HEM P . -43.73 -24.27 -1.74
C1A HEM P . -39.86 -28.10 -1.53
C2A HEM P . -39.00 -29.25 -1.40
C3A HEM P . -39.44 -30.19 -2.25
C4A HEM P . -40.57 -29.66 -2.97
CMA HEM P . -38.83 -31.60 -2.47
CAA HEM P . -37.85 -29.41 -0.41
CBA HEM P . -38.49 -29.74 0.94
CGA HEM P . -37.48 -30.25 1.92
O1A HEM P . -36.46 -30.83 1.47
O2A HEM P . -37.72 -30.11 3.14
C1B HEM P . -42.58 -29.97 -4.31
C2B HEM P . -43.42 -30.76 -5.16
C3B HEM P . -44.60 -30.13 -5.26
C4B HEM P . -44.54 -28.91 -4.46
CMB HEM P . -43.01 -32.11 -5.82
CAB HEM P . -45.80 -30.67 -6.07
CBB HEM P . -46.80 -29.87 -6.48
C1C HEM P . -45.47 -26.79 -3.58
C2C HEM P . -46.54 -25.83 -3.35
C3C HEM P . -46.03 -24.80 -2.64
C4C HEM P . -44.62 -25.08 -2.42
CMC HEM P . -48.00 -26.06 -3.84
CAC HEM P . -46.71 -23.51 -2.14
CBC HEM P . -47.87 -23.06 -2.65
C1D HEM P . -42.50 -24.66 -1.29
C2D HEM P . -41.62 -23.88 -0.46
C3D HEM P . -40.54 -24.60 -0.22
C4D HEM P . -40.67 -25.89 -0.87
CMD HEM P . -41.84 -22.44 0.04
CAD HEM P . -39.32 -24.13 0.59
CBD HEM P . -39.55 -24.41 2.06
CGD HEM P . -38.39 -23.82 2.81
O1D HEM P . -37.79 -22.79 2.34
O2D HEM P . -38.09 -24.39 3.89
NA HEM P . -40.80 -28.37 -2.51
NB HEM P . -43.27 -28.84 -3.90
NC HEM P . -44.33 -26.29 -2.99
ND HEM P . -41.90 -25.89 -1.51
FE HEM P . -42.47 -27.22 -2.93
N1 H4B Q . -32.20 -29.53 0.78
C2 H4B Q . -33.52 -29.82 0.95
N2 H4B Q . -34.33 -30.04 -0.13
N3 H4B Q . -34.05 -29.90 2.20
C4 H4B Q . -33.28 -29.68 3.29
O4 H4B Q . -33.79 -29.77 4.42
C4A H4B Q . -31.94 -29.37 3.12
C8A H4B Q . -31.41 -29.30 1.84
N5 H4B Q . -31.14 -29.15 4.19
N8 H4B Q . -30.10 -28.99 1.65
C6 H4B Q . -29.97 -28.34 3.95
C7 H4B Q . -29.19 -28.89 2.77
C9 H4B Q . -29.08 -28.23 5.19
O9 H4B Q . -28.82 -29.53 5.72
C10 H4B Q . -27.77 -27.58 4.78
C11 H4B Q . -26.84 -27.35 5.98
O10 H4B Q . -28.10 -26.34 4.12
C11 A1A0D R . -42.19 -29.82 2.15
C12 A1A0D R . -42.22 -30.88 3.01
C13 A1A0D R . -41.55 -30.86 4.21
C15 A1A0D R . -40.76 -28.64 3.68
C16 A1A0D R . -41.46 -28.66 2.46
C17 A1A0D R . -39.96 -27.43 4.08
C19 A1A0D R . -40.11 -25.62 5.74
C20 A1A0D R . -39.28 -26.06 6.92
C21 A1A0D R . -39.48 -27.51 6.51
C02 A1A0D R . -43.58 -31.21 -1.02
C03 A1A0D R . -44.60 -30.31 -1.29
C04 A1A0D R . -44.83 -29.25 -0.43
C05 A1A0D R . -44.04 -29.07 0.69
C06 A1A0D R . -43.00 -29.98 0.91
C07 A1A0D R . -45.94 -28.26 -0.71
C14 A1A0D R . -40.81 -29.74 4.53
F12 A1A0D R . -42.91 -31.99 2.71
F13 A1A0D R . -41.62 -31.95 5.00
F22 A1A0D R . -38.00 -25.71 6.89
F23 A1A0D R . -39.90 -25.77 8.06
N01 A1A0D R . -42.82 -31.03 0.08
N02 A1A0D R . -43.35 -32.28 -1.83
N18 A1A0D R . -40.38 -27.03 5.43
C1 GOL S . -41.33 -9.25 -10.73
O1 GOL S . -41.29 -9.63 -9.37
C2 GOL S . -42.60 -9.87 -11.35
O2 GOL S . -42.69 -11.24 -11.11
C3 GOL S . -42.54 -9.54 -12.85
O3 GOL S . -42.66 -10.76 -13.54
C1 GOL T . -56.94 -21.98 -9.49
O1 GOL T . -55.69 -22.16 -10.12
C2 GOL T . -56.85 -20.74 -8.59
O2 GOL T . -57.41 -20.92 -7.31
C3 GOL T . -57.51 -19.59 -9.38
O3 GOL T . -56.87 -19.49 -10.62
ZN ZN U . -23.84 -16.88 -1.91
CHA HEM V . -11.15 -30.67 -4.76
CHB HEM V . -10.68 -34.78 -2.23
CHC HEM V . -5.98 -33.65 -1.69
CHD HEM V . -6.67 -29.23 -3.48
C1A HEM V . -11.38 -31.93 -4.25
C2A HEM V . -12.53 -32.77 -4.53
C3A HEM V . -12.41 -33.90 -3.86
C4A HEM V . -11.17 -33.83 -3.08
CMA HEM V . -13.38 -35.10 -3.87
CAA HEM V . -13.65 -32.42 -5.53
CBA HEM V . -13.05 -32.75 -6.89
CGA HEM V . -14.04 -32.60 -7.99
O1A HEM V . -15.23 -32.89 -7.73
O2A HEM V . -13.65 -32.23 -9.13
C1B HEM V . -9.34 -34.85 -1.87
C2B HEM V . -8.71 -35.92 -1.17
C3B HEM V . -7.42 -35.61 -1.00
C4B HEM V . -7.18 -34.31 -1.62
CMB HEM V . -9.39 -37.21 -0.65
CAB HEM V . -6.39 -36.53 -0.29
CBB HEM V . -5.37 -36.00 0.40
C1C HEM V . -5.74 -32.37 -2.14
C2C HEM V . -4.44 -31.72 -2.19
C3C HEM V . -4.63 -30.48 -2.70
C4C HEM V . -6.05 -30.34 -2.96
CMC HEM V . -3.11 -32.37 -1.77
CAC HEM V . -3.62 -29.34 -2.95
CBC HEM V . -2.38 -29.31 -2.39
C1D HEM V . -7.95 -29.25 -4.00
C2D HEM V . -8.59 -28.14 -4.68
C3D HEM V . -9.81 -28.55 -5.02
C4D HEM V . -10.00 -29.91 -4.57
CMD HEM V . -7.93 -26.77 -4.96
CAD HEM V . -10.90 -27.75 -5.74
CBD HEM V . -10.59 -27.62 -7.22
CGD HEM V . -11.61 -26.67 -7.79
O1D HEM V . -11.92 -25.63 -7.16
O2D HEM V . -12.09 -26.98 -8.91
NA HEM V . -10.57 -32.61 -3.34
NB HEM V . -8.40 -33.87 -2.13
NC HEM V . -6.69 -31.50 -2.60
ND HEM V . -8.84 -30.31 -3.93
FE HEM V . -8.71 -31.90 -2.73
N1 H4B W . -19.12 -30.71 -6.69
C2 H4B W . -17.92 -31.29 -6.96
N2 H4B W . -17.22 -31.91 -5.96
N3 H4B W . -17.42 -31.27 -8.21
C4 H4B W . -18.07 -30.67 -9.22
O4 H4B W . -17.57 -30.65 -10.36
C4A H4B W . -19.29 -30.07 -8.97
C8A H4B W . -19.81 -30.11 -7.68
N5 H4B W . -19.96 -29.46 -9.96
N8 H4B W . -21.02 -29.53 -7.42
C6 H4B W . -20.95 -28.45 -9.57
C7 H4B W . -21.85 -29.03 -8.49
C9 H4B W . -21.78 -27.93 -10.74
O9 H4B W . -22.46 -29.02 -11.37
C10 H4B W . -22.78 -26.89 -10.25
C11 H4B W . -23.58 -26.28 -11.39
O10 H4B W . -22.08 -25.85 -9.57
C11 A1A0D X . -9.56 -33.32 -8.16
C12 A1A0D X . -9.80 -34.20 -9.21
C13 A1A0D X . -10.38 -33.74 -10.37
C15 A1A0D X . -10.46 -31.51 -9.46
C16 A1A0D X . -9.87 -31.96 -8.28
C17 A1A0D X . -10.83 -30.06 -9.67
C19 A1A0D X . -10.14 -28.32 -11.26
C20 A1A0D X . -11.18 -28.23 -12.35
C21 A1A0D X . -11.69 -29.60 -11.95
C02 A1A0D X . -8.66 -35.59 -5.34
C03 A1A0D X . -7.45 -35.04 -4.92
C04 A1A0D X . -6.97 -33.92 -5.57
C05 A1A0D X . -7.69 -33.38 -6.61
C06 A1A0D X . -8.89 -33.93 -6.98
C07 A1A0D X . -5.67 -33.28 -5.18
C14 A1A0D X . -10.70 -32.40 -10.50
F12 A1A0D X . -9.50 -35.50 -9.12
F13 A1A0D X . -10.62 -34.62 -11.37
F22 A1A0D X . -12.08 -27.27 -12.19
F23 A1A0D X . -10.62 -28.26 -13.56
N01 A1A0D X . -9.33 -35.03 -6.37
N02 A1A0D X . -9.17 -36.69 -4.74
N18 A1A0D X . -10.52 -29.72 -11.07
C1 GOL Y . -5.56 -15.58 8.15
O1 GOL Y . -5.53 -15.63 6.75
C2 GOL Y . -4.56 -16.65 8.71
O2 GOL Y . -4.54 -17.82 7.97
C3 GOL Y . -5.02 -16.91 10.16
O3 GOL Y . -4.81 -18.29 10.41
#